data_5XEP
#
_entry.id   5XEP
#
_cell.length_a   130.610
_cell.length_b   81.320
_cell.length_c   229.330
_cell.angle_alpha   90.00
_cell.angle_beta   105.86
_cell.angle_gamma   90.00
#
_symmetry.space_group_name_H-M   'C 1 2 1'
#
loop_
_entity.id
_entity.type
_entity.pdbx_description
1 polymer 'Chitinase-3-like protein 1'
2 non-polymer 1,2-ETHANEDIOL
3 water water
#
_entity_poly.entity_id   1
_entity_poly.type   'polypeptide(L)'
_entity_poly.pdbx_seq_one_letter_code
;MGMRAALTGFAVLMLLQSCSAYKLVCYFTSWSQYREGVGSFLPDAIQPFLCTHIIYSFANISSDNMLSTWEWNDESNYDK
LNKLKTRNTNLKTLLSVGGWKFGGKRFSEIASNTERRTAFVRSVAPFLRSYGFDGLDLAWLYPRLRDKQYFSTLIKELNA
EFTKEVQPGREKLLLSAALSAGKVAIDTGYDIAQIAQHLDFINLMTYDFHGVWRQITGHHSPLFQGQKDTRFDRYSNVNY
AVQYMIRLGAQASKLLMGIPTFGKSFTLASSENQLGAPISGEGLPGRFTKEAGTLAYYEICDFLKGAEVHRLSNEKVPFA
TKGNQWVGYEDKESVKNKVRFLKEKKLAGAMVWALDLDDFQGTCQPKEFFPLTNAIKDALA
;
_entity_poly.pdbx_strand_id   A,B,C,D,E,F
#
# COMPACT_ATOMS: atom_id res chain seq x y z
N SER A 20 21.26 -40.23 45.14
CA SER A 20 21.83 -39.08 44.46
C SER A 20 20.86 -37.91 44.43
N ALA A 21 21.27 -36.84 43.75
CA ALA A 21 20.37 -35.73 43.45
C ALA A 21 19.63 -36.03 42.16
N TYR A 22 18.43 -35.46 42.04
CA TYR A 22 17.52 -35.78 40.95
C TYR A 22 17.07 -34.51 40.25
N LYS A 23 16.93 -34.60 38.93
CA LYS A 23 16.36 -33.51 38.13
C LYS A 23 14.89 -33.76 37.91
N LEU A 24 14.11 -32.69 37.92
CA LEU A 24 12.69 -32.72 37.53
C LEU A 24 12.55 -31.73 36.38
N VAL A 25 12.54 -32.25 35.16
CA VAL A 25 12.57 -31.45 33.95
C VAL A 25 11.16 -31.41 33.37
N CYS A 26 10.60 -30.20 33.27
CA CYS A 26 9.19 -30.00 32.98
C CYS A 26 9.03 -29.22 31.68
N TYR A 27 8.35 -29.84 30.71
CA TYR A 27 7.98 -29.18 29.46
C TYR A 27 6.67 -28.42 29.64
N PHE A 28 6.53 -27.31 28.91
CA PHE A 28 5.23 -26.72 28.63
C PHE A 28 5.23 -26.19 27.22
N THR A 29 4.02 -26.01 26.67
CA THR A 29 3.85 -25.68 25.27
C THR A 29 3.41 -24.23 25.11
N SER A 30 3.85 -23.61 24.00
CA SER A 30 3.44 -22.24 23.70
C SER A 30 1.98 -22.17 23.30
N TRP A 31 1.50 -23.16 22.53
CA TRP A 31 0.12 -23.09 22.04
C TRP A 31 -0.91 -23.28 23.13
N SER A 32 -0.51 -23.78 24.29
CA SER A 32 -1.44 -23.94 25.41
C SER A 32 -2.02 -22.61 25.86
N GLN A 33 -1.38 -21.49 25.52
CA GLN A 33 -1.93 -20.18 25.88
C GLN A 33 -3.23 -19.90 25.16
N TYR A 34 -3.48 -20.53 24.00
CA TYR A 34 -4.64 -20.20 23.18
C TYR A 34 -5.90 -20.97 23.53
N ARG A 35 -5.85 -21.89 24.49
CA ARG A 35 -7.02 -22.66 24.88
C ARG A 35 -8.05 -21.78 25.59
N GLU A 36 -9.31 -22.19 25.52
CA GLU A 36 -10.39 -21.38 26.09
C GLU A 36 -10.32 -21.36 27.62
N GLY A 37 -10.71 -20.22 28.19
CA GLY A 37 -11.06 -20.18 29.60
C GLY A 37 -9.91 -20.62 30.49
N VAL A 38 -10.25 -21.49 31.45
CA VAL A 38 -9.29 -21.96 32.44
C VAL A 38 -8.22 -22.85 31.85
N GLY A 39 -8.40 -23.32 30.61
CA GLY A 39 -7.36 -24.11 29.97
C GLY A 39 -6.16 -23.30 29.50
N SER A 40 -6.32 -21.99 29.36
CA SER A 40 -5.22 -21.14 28.89
C SER A 40 -4.06 -21.15 29.88
N PHE A 41 -2.87 -21.46 29.37
CA PHE A 41 -1.68 -21.63 30.20
C PHE A 41 -0.60 -20.64 29.78
N LEU A 42 -0.07 -19.92 30.76
CA LEU A 42 1.08 -19.04 30.59
C LEU A 42 2.14 -19.39 31.61
N PRO A 43 3.42 -19.13 31.31
CA PRO A 43 4.49 -19.61 32.19
C PRO A 43 4.49 -19.01 33.59
N ASP A 44 3.93 -17.81 33.76
CA ASP A 44 3.88 -17.22 35.10
C ASP A 44 2.93 -17.95 36.05
N ALA A 45 2.19 -18.95 35.56
CA ALA A 45 1.39 -19.81 36.44
C ALA A 45 2.22 -20.92 37.05
N ILE A 46 3.48 -21.08 36.66
CA ILE A 46 4.32 -22.15 37.16
C ILE A 46 4.86 -21.77 38.54
N GLN A 47 4.73 -22.68 39.50
CA GLN A 47 5.40 -22.51 40.79
C GLN A 47 6.91 -22.53 40.58
N PRO A 48 7.64 -21.52 41.06
CA PRO A 48 9.07 -21.43 40.73
C PRO A 48 9.92 -22.57 41.28
N PHE A 49 9.45 -23.27 42.31
CA PHE A 49 10.23 -24.35 42.92
C PHE A 49 9.69 -25.73 42.55
N LEU A 50 8.71 -25.80 41.65
CA LEU A 50 8.17 -27.07 41.21
C LEU A 50 9.26 -27.94 40.58
N CYS A 51 10.02 -27.36 39.64
CA CYS A 51 10.89 -28.12 38.75
C CYS A 51 12.31 -27.59 38.87
N THR A 52 13.28 -28.44 38.55
CA THR A 52 14.66 -27.99 38.45
C THR A 52 14.95 -27.35 37.10
N HIS A 53 14.31 -27.88 36.04
CA HIS A 53 14.46 -27.38 34.69
C HIS A 53 13.08 -27.22 34.06
N ILE A 54 12.89 -26.13 33.30
CA ILE A 54 11.66 -25.88 32.56
C ILE A 54 12.03 -25.70 31.09
N ILE A 55 11.33 -26.40 30.21
CA ILE A 55 11.63 -26.40 28.79
C ILE A 55 10.47 -25.78 28.01
N TYR A 56 10.79 -24.80 27.17
CA TYR A 56 9.80 -24.09 26.36
C TYR A 56 9.72 -24.73 24.99
N SER A 57 8.54 -25.25 24.65
CA SER A 57 8.27 -25.85 23.34
C SER A 57 7.25 -25.00 22.60
N PHE A 58 7.54 -24.66 21.34
CA PHE A 58 8.79 -24.97 20.64
C PHE A 58 9.34 -23.73 19.94
N ALA A 59 10.65 -23.70 19.72
CA ALA A 59 11.26 -22.71 18.86
C ALA A 59 11.26 -23.20 17.41
N ASN A 60 11.33 -22.25 16.49
CA ASN A 60 11.37 -22.53 15.06
C ASN A 60 12.79 -22.36 14.53
N ILE A 61 12.95 -22.59 13.23
CA ILE A 61 14.19 -22.29 12.53
C ILE A 61 13.83 -21.47 11.30
N SER A 62 14.43 -20.29 11.18
CA SER A 62 14.12 -19.40 10.07
C SER A 62 14.64 -19.97 8.75
N SER A 63 14.15 -19.38 7.66
CA SER A 63 14.61 -19.77 6.32
C SER A 63 16.09 -19.50 6.12
N ASP A 64 16.71 -18.65 6.96
CA ASP A 64 18.15 -18.49 6.99
C ASP A 64 18.82 -19.48 7.93
N ASN A 65 18.12 -20.56 8.30
CA ASN A 65 18.69 -21.66 9.09
C ASN A 65 19.10 -21.21 10.49
N MET A 66 18.46 -20.17 11.03
CA MET A 66 18.83 -19.64 12.33
C MET A 66 17.70 -19.86 13.33
N LEU A 67 18.07 -20.23 14.56
CA LEU A 67 17.11 -20.39 15.64
C LEU A 67 16.28 -19.12 15.80
N SER A 68 14.97 -19.29 15.94
CA SER A 68 14.07 -18.15 16.00
C SER A 68 12.85 -18.50 16.84
N THR A 69 12.08 -17.47 17.16
CA THR A 69 10.79 -17.66 17.81
C THR A 69 9.80 -18.30 16.84
N TRP A 70 8.72 -18.83 17.40
CA TRP A 70 7.64 -19.39 16.59
C TRP A 70 6.45 -18.44 16.53
N GLU A 71 5.92 -18.06 17.68
CA GLU A 71 4.79 -17.16 17.77
C GLU A 71 5.25 -15.71 17.85
N TRP A 72 4.37 -14.80 17.41
CA TRP A 72 4.65 -13.37 17.45
C TRP A 72 5.03 -12.88 18.84
N ASN A 73 4.52 -13.53 19.89
CA ASN A 73 4.67 -13.05 21.26
C ASN A 73 5.59 -13.93 22.09
N ASP A 74 6.33 -14.84 21.46
CA ASP A 74 7.26 -15.70 22.19
C ASP A 74 8.18 -14.91 23.13
N GLU A 75 8.65 -13.72 22.71
CA GLU A 75 9.55 -12.96 23.57
C GLU A 75 8.95 -12.69 24.95
N SER A 76 7.69 -12.26 25.00
CA SER A 76 7.07 -11.92 26.28
C SER A 76 6.90 -13.16 27.16
N ASN A 77 6.70 -14.33 26.55
CA ASN A 77 6.62 -15.56 27.33
C ASN A 77 8.00 -16.02 27.78
N TYR A 78 9.03 -15.79 26.97
CA TYR A 78 10.40 -15.96 27.44
C TYR A 78 10.65 -15.10 28.68
N ASP A 79 10.11 -13.87 28.68
CA ASP A 79 10.28 -12.99 29.83
C ASP A 79 9.51 -13.50 31.04
N LYS A 80 8.25 -13.90 30.86
CA LYS A 80 7.53 -14.48 31.98
C LYS A 80 8.24 -15.71 32.52
N LEU A 81 8.95 -16.44 31.65
CA LEU A 81 9.62 -17.68 32.06
C LEU A 81 10.91 -17.38 32.83
N ASN A 82 11.72 -16.45 32.34
CA ASN A 82 12.95 -16.11 33.03
C ASN A 82 12.70 -15.26 34.27
N LYS A 83 11.57 -14.55 34.31
CA LYS A 83 11.16 -13.85 35.53
C LYS A 83 10.97 -14.82 36.68
N LEU A 84 10.69 -16.09 36.38
CA LEU A 84 10.66 -17.13 37.41
C LEU A 84 12.02 -17.31 38.08
N LYS A 85 13.11 -17.17 37.32
CA LYS A 85 14.43 -17.46 37.87
C LYS A 85 14.89 -16.44 38.91
N THR A 86 14.27 -15.27 38.97
CA THR A 86 14.58 -14.34 40.05
C THR A 86 14.01 -14.79 41.38
N ARG A 87 12.95 -15.60 41.36
CA ARG A 87 12.34 -16.14 42.57
C ARG A 87 12.92 -17.49 42.97
N ASN A 88 13.53 -18.21 42.03
CA ASN A 88 14.30 -19.42 42.30
C ASN A 88 15.55 -19.31 41.46
N THR A 89 16.65 -18.88 42.08
CA THR A 89 17.86 -18.55 41.33
C THR A 89 18.60 -19.79 40.84
N ASN A 90 18.23 -20.98 41.30
CA ASN A 90 18.80 -22.21 40.79
C ASN A 90 17.99 -22.82 39.65
N LEU A 91 16.85 -22.21 39.31
CA LEU A 91 16.03 -22.73 38.22
C LEU A 91 16.74 -22.57 36.88
N LYS A 92 16.72 -23.63 36.07
CA LYS A 92 17.29 -23.62 34.74
C LYS A 92 16.17 -23.68 33.70
N THR A 93 16.30 -22.89 32.64
CA THR A 93 15.37 -22.90 31.52
C THR A 93 16.08 -23.35 30.25
N LEU A 94 15.38 -24.12 29.42
CA LEU A 94 15.86 -24.52 28.12
C LEU A 94 14.79 -24.24 27.07
N LEU A 95 15.24 -23.96 25.85
CA LEU A 95 14.36 -23.74 24.71
C LEU A 95 14.41 -24.97 23.82
N SER A 96 13.26 -25.57 23.57
CA SER A 96 13.17 -26.77 22.74
C SER A 96 12.88 -26.37 21.30
N VAL A 97 13.71 -26.84 20.38
CA VAL A 97 13.58 -26.51 18.97
C VAL A 97 13.11 -27.77 18.23
N GLY A 98 12.16 -27.58 17.33
CA GLY A 98 11.57 -28.68 16.60
C GLY A 98 10.13 -28.94 17.00
N GLY A 99 9.83 -30.16 17.43
CA GLY A 99 8.48 -30.56 17.74
C GLY A 99 7.82 -31.30 16.59
N TRP A 100 6.66 -31.87 16.87
CA TRP A 100 5.98 -32.68 15.86
C TRP A 100 5.52 -31.83 14.68
N LYS A 101 4.89 -30.68 14.97
CA LYS A 101 4.44 -29.82 13.88
C LYS A 101 5.60 -29.40 13.00
N PHE A 102 6.75 -29.10 13.59
CA PHE A 102 7.94 -28.73 12.83
C PHE A 102 8.29 -29.79 11.80
N GLY A 103 8.20 -31.06 12.18
CA GLY A 103 8.40 -32.15 11.25
C GLY A 103 9.87 -32.52 11.06
N GLY A 104 10.06 -33.76 10.60
CA GLY A 104 11.41 -34.24 10.32
C GLY A 104 12.02 -33.63 9.07
N LYS A 105 11.19 -33.38 8.05
CA LYS A 105 11.67 -32.88 6.75
C LYS A 105 12.64 -31.71 6.92
N ARG A 106 12.26 -30.74 7.75
CA ARG A 106 13.06 -29.52 7.87
C ARG A 106 14.42 -29.82 8.51
N PHE A 107 14.42 -30.66 9.54
CA PHE A 107 15.68 -31.06 10.18
C PHE A 107 16.56 -31.85 9.22
N SER A 108 15.96 -32.73 8.41
CA SER A 108 16.72 -33.44 7.38
C SER A 108 17.36 -32.46 6.42
N GLU A 109 16.62 -31.44 6.00
CA GLU A 109 17.15 -30.43 5.10
C GLU A 109 18.34 -29.71 5.72
N ILE A 110 18.24 -29.34 7.00
CA ILE A 110 19.28 -28.53 7.62
C ILE A 110 20.50 -29.38 7.99
N ALA A 111 20.29 -30.49 8.68
CA ALA A 111 21.40 -31.26 9.25
C ALA A 111 22.29 -31.88 8.19
N SER A 112 21.74 -32.28 7.05
CA SER A 112 22.50 -33.00 6.03
C SER A 112 23.35 -32.07 5.17
N ASN A 113 23.28 -30.76 5.38
CA ASN A 113 24.05 -29.79 4.62
C ASN A 113 24.97 -29.04 5.58
N THR A 114 26.28 -29.09 5.30
CA THR A 114 27.25 -28.53 6.22
C THR A 114 27.05 -27.02 6.42
N GLU A 115 26.69 -26.31 5.36
CA GLU A 115 26.55 -24.86 5.47
C GLU A 115 25.32 -24.49 6.31
N ARG A 116 24.17 -25.07 6.00
CA ARG A 116 22.96 -24.81 6.76
C ARG A 116 23.10 -25.25 8.21
N ARG A 117 23.67 -26.45 8.42
CA ARG A 117 23.86 -26.96 9.78
C ARG A 117 24.77 -26.04 10.59
N THR A 118 25.87 -25.58 9.99
CA THR A 118 26.77 -24.70 10.71
C THR A 118 26.11 -23.36 11.03
N ALA A 119 25.34 -22.81 10.08
CA ALA A 119 24.61 -21.58 10.35
C ALA A 119 23.72 -21.72 11.58
N PHE A 120 23.00 -22.85 11.66
CA PHE A 120 22.14 -23.08 12.83
C PHE A 120 22.95 -23.20 14.11
N VAL A 121 23.91 -24.13 14.12
CA VAL A 121 24.74 -24.36 15.30
C VAL A 121 25.28 -23.05 15.85
N ARG A 122 25.81 -22.20 14.96
CA ARG A 122 26.36 -20.93 15.40
C ARG A 122 25.26 -19.98 15.86
N SER A 123 24.05 -20.10 15.30
CA SER A 123 22.97 -19.20 15.71
C SER A 123 22.43 -19.51 17.10
N VAL A 124 22.65 -20.73 17.61
CA VAL A 124 21.95 -21.15 18.83
C VAL A 124 22.35 -20.30 20.03
N ALA A 125 23.65 -20.26 20.35
CA ALA A 125 24.08 -19.65 21.62
C ALA A 125 23.73 -18.16 21.73
N PRO A 126 24.00 -17.29 20.74
CA PRO A 126 23.59 -15.88 20.88
C PRO A 126 22.11 -15.70 21.18
N PHE A 127 21.25 -16.49 20.53
CA PHE A 127 19.82 -16.44 20.77
C PHE A 127 19.50 -16.75 22.24
N LEU A 128 19.96 -17.92 22.70
CA LEU A 128 19.69 -18.35 24.08
C LEU A 128 20.16 -17.30 25.08
N ARG A 129 21.37 -16.76 24.88
CA ARG A 129 21.86 -15.74 25.79
C ARG A 129 21.00 -14.48 25.72
N SER A 130 20.61 -14.09 24.50
CA SER A 130 19.77 -12.91 24.33
C SER A 130 18.48 -13.01 25.13
N TYR A 131 17.89 -14.20 25.20
CA TYR A 131 16.62 -14.36 25.90
C TYR A 131 16.76 -14.99 27.29
N GLY A 132 17.98 -15.22 27.75
CA GLY A 132 18.18 -15.69 29.11
C GLY A 132 17.98 -17.17 29.32
N PHE A 133 18.13 -17.97 28.27
CA PHE A 133 17.97 -19.41 28.39
C PHE A 133 19.27 -20.05 28.81
N ASP A 134 19.17 -21.14 29.56
CA ASP A 134 20.34 -21.87 30.03
C ASP A 134 20.71 -23.04 29.14
N GLY A 135 19.94 -23.33 28.10
CA GLY A 135 20.28 -24.47 27.26
C GLY A 135 19.31 -24.63 26.11
N LEU A 136 19.64 -25.59 25.25
CA LEU A 136 18.82 -25.98 24.10
C LEU A 136 18.38 -27.42 24.25
N ASP A 137 17.12 -27.69 23.93
CA ASP A 137 16.59 -29.04 23.84
C ASP A 137 16.31 -29.35 22.37
N LEU A 138 16.79 -30.50 21.90
CA LEU A 138 16.60 -30.91 20.52
C LEU A 138 15.37 -31.81 20.42
N ALA A 139 14.42 -31.41 19.58
CA ALA A 139 13.16 -32.15 19.41
C ALA A 139 12.97 -32.47 17.92
N TRP A 140 13.88 -33.28 17.38
CA TRP A 140 13.80 -33.78 16.01
C TRP A 140 12.95 -35.05 16.07
N LEU A 141 11.68 -34.93 15.68
CA LEU A 141 10.71 -36.01 15.78
C LEU A 141 10.23 -36.40 14.39
N TYR A 142 10.87 -37.40 13.77
CA TYR A 142 12.00 -38.15 14.31
C TYR A 142 12.99 -38.42 13.19
N PRO A 143 14.28 -38.51 13.51
CA PRO A 143 15.25 -38.85 12.47
C PRO A 143 15.05 -40.27 11.98
N ARG A 144 15.09 -40.45 10.66
CA ARG A 144 15.02 -41.77 10.07
C ARG A 144 16.44 -42.22 9.73
N LEU A 145 16.56 -43.39 9.09
CA LEU A 145 17.87 -44.02 8.94
C LEU A 145 18.89 -43.10 8.28
N ARG A 146 18.55 -42.53 7.13
CA ARG A 146 19.54 -41.67 6.47
C ARG A 146 19.88 -40.41 7.28
N ASP A 147 19.11 -40.10 8.34
CA ASP A 147 19.41 -38.93 9.15
C ASP A 147 20.27 -39.27 10.35
N LYS A 148 20.37 -40.55 10.71
CA LYS A 148 20.99 -40.95 11.97
C LYS A 148 22.34 -40.26 12.17
N GLN A 149 23.25 -40.44 11.22
CA GLN A 149 24.59 -39.89 11.40
C GLN A 149 24.56 -38.38 11.43
N TYR A 150 23.76 -37.76 10.56
CA TYR A 150 23.66 -36.31 10.61
C TYR A 150 23.17 -35.86 11.97
N PHE A 151 22.22 -36.61 12.54
CA PHE A 151 21.75 -36.30 13.89
C PHE A 151 22.93 -36.28 14.84
N SER A 152 23.71 -37.36 14.84
CA SER A 152 24.92 -37.41 15.66
C SER A 152 25.77 -36.17 15.44
N THR A 153 26.09 -35.87 14.18
CA THR A 153 26.98 -34.74 13.90
C THR A 153 26.41 -33.47 14.51
N LEU A 154 25.12 -33.22 14.29
CA LEU A 154 24.51 -32.01 14.80
C LEU A 154 24.75 -31.90 16.30
N ILE A 155 24.45 -32.97 17.02
CA ILE A 155 24.60 -32.96 18.47
C ILE A 155 26.05 -32.66 18.83
N LYS A 156 26.99 -33.42 18.24
CA LYS A 156 28.40 -33.16 18.53
C LYS A 156 28.72 -31.69 18.28
N GLU A 157 28.31 -31.17 17.13
CA GLU A 157 28.70 -29.82 16.78
C GLU A 157 28.05 -28.80 17.71
N LEU A 158 26.84 -29.07 18.20
CA LEU A 158 26.27 -28.17 19.21
C LEU A 158 27.10 -28.22 20.48
N ASN A 159 27.43 -29.43 20.94
CA ASN A 159 28.18 -29.58 22.19
C ASN A 159 29.50 -28.83 22.09
N ALA A 160 30.29 -29.14 21.06
CA ALA A 160 31.53 -28.41 20.82
C ALA A 160 31.30 -26.91 20.90
N GLU A 161 30.28 -26.42 20.18
CA GLU A 161 30.06 -24.97 20.15
C GLU A 161 29.78 -24.44 21.55
N PHE A 162 28.95 -25.15 22.32
CA PHE A 162 28.67 -24.67 23.66
C PHE A 162 29.94 -24.69 24.49
N THR A 163 30.78 -25.72 24.30
CA THR A 163 32.06 -25.75 24.98
C THR A 163 32.91 -24.55 24.61
N LYS A 164 32.93 -24.17 23.32
CA LYS A 164 33.69 -23.00 22.92
C LYS A 164 33.08 -21.68 23.38
N GLU A 165 31.86 -21.69 23.92
CA GLU A 165 31.18 -20.41 24.12
C GLU A 165 31.28 -19.96 25.56
N VAL A 166 31.74 -20.81 26.46
CA VAL A 166 31.74 -20.48 27.87
C VAL A 166 32.89 -19.54 28.16
N GLN A 167 32.63 -18.57 29.03
CA GLN A 167 33.57 -17.57 29.48
C GLN A 167 33.41 -17.45 30.98
N PRO A 168 34.29 -16.73 31.66
CA PRO A 168 34.06 -16.48 33.08
C PRO A 168 32.78 -15.70 33.28
N GLY A 169 32.11 -15.97 34.40
CA GLY A 169 30.86 -15.36 34.78
C GLY A 169 29.61 -15.96 34.16
N ARG A 170 29.73 -17.02 33.37
CA ARG A 170 28.57 -17.72 32.83
C ARG A 170 28.84 -19.21 32.91
N GLU A 171 27.75 -19.98 32.96
CA GLU A 171 27.80 -21.43 32.96
C GLU A 171 27.47 -21.97 31.57
N LYS A 172 28.17 -23.04 31.22
CA LYS A 172 28.03 -23.63 29.89
C LYS A 172 26.58 -23.95 29.58
N LEU A 173 26.19 -23.69 28.32
CA LEU A 173 24.84 -24.00 27.86
C LEU A 173 24.59 -25.50 27.97
N LEU A 174 23.37 -25.84 28.40
CA LEU A 174 22.96 -27.23 28.46
C LEU A 174 22.44 -27.69 27.11
N LEU A 175 22.66 -28.97 26.81
CA LEU A 175 22.16 -29.58 25.58
C LEU A 175 21.43 -30.86 25.95
N SER A 176 20.14 -30.93 25.62
CA SER A 176 19.34 -32.11 25.82
C SER A 176 18.67 -32.50 24.50
N ALA A 177 18.06 -33.67 24.49
CA ALA A 177 17.35 -34.15 23.31
C ALA A 177 16.14 -34.95 23.75
N ALA A 178 15.01 -34.68 23.10
CA ALA A 178 13.82 -35.51 23.27
C ALA A 178 13.95 -36.72 22.34
N LEU A 179 14.00 -37.92 22.91
CA LEU A 179 14.20 -39.13 22.14
C LEU A 179 12.97 -40.03 22.28
N SER A 180 12.63 -40.72 21.20
CA SER A 180 11.53 -41.67 21.23
C SER A 180 11.85 -42.85 22.15
N ALA A 181 10.82 -43.36 22.81
CA ALA A 181 10.93 -44.58 23.61
C ALA A 181 10.51 -45.82 22.82
N GLY A 182 10.21 -45.66 21.53
CA GLY A 182 9.82 -46.78 20.69
C GLY A 182 11.04 -47.48 20.13
N LYS A 183 11.08 -48.81 20.26
CA LYS A 183 12.23 -49.59 19.84
C LYS A 183 12.61 -49.32 18.39
N VAL A 184 11.64 -49.39 17.49
CA VAL A 184 11.95 -49.24 16.07
C VAL A 184 12.48 -47.85 15.78
N ALA A 185 11.86 -46.82 16.34
CA ALA A 185 12.36 -45.46 16.15
C ALA A 185 13.78 -45.31 16.67
N ILE A 186 14.10 -45.98 17.79
CA ILE A 186 15.45 -45.89 18.35
C ILE A 186 16.45 -46.57 17.43
N ASP A 187 16.17 -47.80 17.01
CA ASP A 187 17.05 -48.50 16.08
C ASP A 187 17.23 -47.71 14.78
N THR A 188 16.18 -47.04 14.32
CA THR A 188 16.23 -46.35 13.04
C THR A 188 16.99 -45.04 13.12
N GLY A 189 16.75 -44.25 14.17
CA GLY A 189 17.23 -42.89 14.17
C GLY A 189 18.45 -42.53 15.01
N TYR A 190 18.75 -43.32 16.04
CA TYR A 190 19.67 -42.89 17.08
C TYR A 190 20.91 -43.78 17.14
N ASP A 191 22.08 -43.13 17.16
CA ASP A 191 23.34 -43.75 17.56
C ASP A 191 23.52 -43.40 19.03
N ILE A 192 22.88 -44.21 19.89
CA ILE A 192 22.71 -43.85 21.30
C ILE A 192 24.05 -43.65 21.99
N ALA A 193 24.94 -44.64 21.87
CA ALA A 193 26.23 -44.57 22.57
C ALA A 193 27.01 -43.32 22.18
N GLN A 194 26.90 -42.91 20.92
CA GLN A 194 27.64 -41.74 20.46
C GLN A 194 27.03 -40.44 20.98
N ILE A 195 25.72 -40.26 20.82
CA ILE A 195 25.12 -38.97 21.17
C ILE A 195 25.01 -38.79 22.67
N ALA A 196 24.88 -39.89 23.43
CA ALA A 196 24.76 -39.78 24.89
C ALA A 196 25.95 -39.07 25.51
N GLN A 197 27.13 -39.19 24.89
CA GLN A 197 28.33 -38.54 25.41
C GLN A 197 28.28 -37.02 25.28
N HIS A 198 27.51 -36.49 24.34
CA HIS A 198 27.47 -35.06 24.04
C HIS A 198 26.21 -34.39 24.55
N LEU A 199 25.37 -35.12 25.29
CA LEU A 199 24.11 -34.61 25.81
C LEU A 199 24.20 -34.55 27.34
N ASP A 200 23.77 -33.42 27.92
CA ASP A 200 23.72 -33.34 29.37
C ASP A 200 22.63 -34.23 29.96
N PHE A 201 21.51 -34.38 29.26
CA PHE A 201 20.51 -35.38 29.63
C PHE A 201 19.64 -35.70 28.43
N ILE A 202 18.98 -36.85 28.52
CA ILE A 202 18.08 -37.36 27.48
C ILE A 202 16.66 -37.33 28.02
N ASN A 203 15.76 -36.67 27.31
CA ASN A 203 14.35 -36.62 27.70
C ASN A 203 13.64 -37.79 27.03
N LEU A 204 13.53 -38.91 27.76
CA LEU A 204 12.98 -40.12 27.16
C LEU A 204 11.46 -40.05 27.14
N MET A 205 10.88 -40.17 25.95
CA MET A 205 9.45 -39.94 25.75
C MET A 205 8.65 -41.21 26.03
N THR A 206 8.70 -41.66 27.28
CA THR A 206 8.11 -42.94 27.68
C THR A 206 6.60 -42.80 27.89
N TYR A 207 5.92 -42.42 26.80
CA TYR A 207 4.47 -42.26 26.80
C TYR A 207 4.00 -42.26 25.35
N ASP A 208 2.67 -42.28 25.18
CA ASP A 208 2.05 -42.30 23.86
C ASP A 208 2.47 -43.56 23.09
N PHE A 209 2.36 -44.70 23.78
CA PHE A 209 2.84 -45.97 23.25
C PHE A 209 1.81 -46.71 22.41
N HIS A 210 0.54 -46.29 22.43
CA HIS A 210 -0.56 -47.11 21.90
C HIS A 210 -1.42 -46.29 20.95
N GLY A 211 -1.06 -46.30 19.66
CA GLY A 211 -1.85 -45.59 18.67
C GLY A 211 -3.18 -46.27 18.37
N VAL A 212 -4.11 -45.48 17.84
CA VAL A 212 -5.44 -45.97 17.53
C VAL A 212 -5.44 -47.03 16.43
N TRP A 213 -4.36 -47.10 15.63
CA TRP A 213 -4.24 -48.14 14.60
C TRP A 213 -4.26 -49.55 15.18
N ARG A 214 -3.99 -49.70 16.49
CA ARG A 214 -4.05 -51.00 17.14
C ARG A 214 -5.47 -51.57 17.14
N GLN A 215 -6.49 -50.71 17.04
CA GLN A 215 -7.90 -51.07 16.95
C GLN A 215 -8.42 -51.67 18.25
N ILE A 216 -7.65 -51.60 19.32
CA ILE A 216 -8.06 -52.08 20.64
C ILE A 216 -7.61 -51.04 21.66
N THR A 217 -8.23 -51.10 22.84
CA THR A 217 -7.80 -50.22 23.92
C THR A 217 -6.42 -50.63 24.42
N GLY A 218 -5.66 -49.64 24.86
CA GLY A 218 -4.37 -49.89 25.47
C GLY A 218 -3.94 -48.67 26.24
N HIS A 219 -3.15 -48.91 27.30
CA HIS A 219 -2.60 -47.80 28.06
C HIS A 219 -1.36 -47.26 27.34
N HIS A 220 -1.27 -45.94 27.26
CA HIS A 220 -0.20 -45.32 26.48
C HIS A 220 1.11 -45.19 27.25
N SER A 221 1.13 -45.45 28.56
CA SER A 221 2.38 -45.39 29.33
C SER A 221 2.40 -46.46 30.42
N PRO A 222 2.37 -47.73 30.03
CA PRO A 222 2.48 -48.80 31.04
C PRO A 222 3.91 -48.92 31.53
N LEU A 223 4.06 -49.13 32.84
CA LEU A 223 5.40 -49.29 33.40
C LEU A 223 6.03 -50.60 32.93
N PHE A 224 5.31 -51.71 33.09
CA PHE A 224 5.79 -53.02 32.64
C PHE A 224 4.83 -53.60 31.61
N GLN A 225 5.31 -54.65 30.93
CA GLN A 225 4.45 -55.46 30.08
C GLN A 225 3.37 -56.14 30.92
N GLY A 226 2.16 -56.26 30.35
CA GLY A 226 1.07 -56.92 31.02
C GLY A 226 1.00 -58.41 30.76
N GLN A 227 -0.17 -58.99 31.06
CA GLN A 227 -0.40 -60.40 30.73
C GLN A 227 -0.56 -60.43 29.22
N LYS A 228 0.49 -60.86 28.55
CA LYS A 228 0.62 -60.63 27.12
C LYS A 228 -0.21 -61.59 26.29
N ASP A 229 -0.94 -61.01 25.34
CA ASP A 229 -1.46 -61.69 24.17
C ASP A 229 -0.79 -61.09 22.96
N THR A 230 -0.87 -61.80 21.83
CA THR A 230 -0.07 -61.45 20.66
C THR A 230 -0.30 -60.02 20.20
N ARG A 231 -1.47 -59.44 20.51
CA ARG A 231 -1.79 -58.10 20.02
C ARG A 231 -0.87 -57.04 20.64
N PHE A 232 -0.50 -57.20 21.91
CA PHE A 232 0.37 -56.26 22.60
C PHE A 232 1.81 -56.76 22.53
N ASP A 233 2.71 -55.96 21.96
CA ASP A 233 4.11 -56.34 21.88
C ASP A 233 4.84 -56.20 23.22
N ARG A 234 6.05 -56.73 23.23
CA ARG A 234 6.93 -56.74 24.40
C ARG A 234 7.52 -55.36 24.68
N TYR A 235 7.68 -54.54 23.65
CA TYR A 235 8.52 -53.33 23.70
C TYR A 235 7.82 -52.08 24.22
N SER A 236 6.49 -52.03 24.18
CA SER A 236 5.79 -50.75 24.33
C SER A 236 5.43 -50.47 25.80
N ASN A 237 6.47 -50.35 26.63
CA ASN A 237 6.29 -50.02 28.03
C ASN A 237 7.54 -49.31 28.53
N VAL A 238 7.40 -48.65 29.68
CA VAL A 238 8.45 -47.76 30.18
C VAL A 238 9.72 -48.55 30.48
N ASN A 239 9.57 -49.68 31.19
CA ASN A 239 10.73 -50.46 31.59
C ASN A 239 11.58 -50.88 30.41
N TYR A 240 10.95 -51.40 29.35
CA TYR A 240 11.74 -51.85 28.20
C TYR A 240 12.50 -50.71 27.57
N ALA A 241 11.87 -49.55 27.42
CA ALA A 241 12.54 -48.42 26.80
C ALA A 241 13.72 -47.96 27.63
N VAL A 242 13.55 -47.88 28.96
CA VAL A 242 14.64 -47.45 29.82
C VAL A 242 15.81 -48.43 29.75
N GLN A 243 15.53 -49.71 30.00
CA GLN A 243 16.59 -50.72 29.98
C GLN A 243 17.24 -50.83 28.61
N TYR A 244 16.47 -50.60 27.55
CA TYR A 244 17.02 -50.65 26.20
C TYR A 244 17.97 -49.48 25.95
N MET A 245 17.57 -48.28 26.36
CA MET A 245 18.45 -47.12 26.24
C MET A 245 19.75 -47.35 27.01
N ILE A 246 19.67 -47.93 28.20
CA ILE A 246 20.88 -48.19 28.97
C ILE A 246 21.75 -49.23 28.26
N ARG A 247 21.13 -50.31 27.80
CA ARG A 247 21.84 -51.34 27.04
C ARG A 247 22.53 -50.79 25.81
N LEU A 248 21.97 -49.76 25.18
CA LEU A 248 22.56 -49.17 23.99
C LEU A 248 23.61 -48.11 24.28
N GLY A 249 23.93 -47.87 25.55
CA GLY A 249 25.03 -47.02 25.92
C GLY A 249 24.67 -45.65 26.44
N ALA A 250 23.40 -45.40 26.75
CA ALA A 250 23.05 -44.23 27.54
C ALA A 250 23.31 -44.52 29.01
N GLN A 251 23.92 -43.55 29.69
CA GLN A 251 24.21 -43.67 31.10
C GLN A 251 22.94 -43.36 31.89
N ALA A 252 22.62 -44.21 32.87
CA ALA A 252 21.47 -43.97 33.73
C ALA A 252 21.47 -42.55 34.28
N SER A 253 22.66 -42.02 34.59
CA SER A 253 22.79 -40.64 35.04
C SER A 253 22.47 -39.64 33.95
N LYS A 254 22.35 -40.08 32.69
CA LYS A 254 21.94 -39.21 31.60
C LYS A 254 20.45 -39.30 31.29
N LEU A 255 19.79 -40.37 31.69
CA LEU A 255 18.42 -40.66 31.29
C LEU A 255 17.41 -40.00 32.22
N LEU A 256 16.50 -39.23 31.63
CA LEU A 256 15.30 -38.76 32.31
C LEU A 256 14.10 -39.57 31.81
N MET A 257 13.38 -40.16 32.75
CA MET A 257 12.22 -40.99 32.42
C MET A 257 11.00 -40.11 32.25
N GLY A 258 10.43 -40.13 31.05
CA GLY A 258 9.28 -39.29 30.78
C GLY A 258 8.04 -39.81 31.48
N ILE A 259 7.31 -38.88 32.10
CA ILE A 259 6.06 -39.20 32.78
C ILE A 259 4.99 -38.25 32.26
N PRO A 260 3.87 -38.75 31.74
CA PRO A 260 2.85 -37.87 31.18
C PRO A 260 1.84 -37.40 32.22
N THR A 261 1.34 -36.19 32.01
CA THR A 261 0.20 -35.68 32.76
C THR A 261 -1.11 -35.84 32.01
N PHE A 262 -1.07 -36.36 30.79
CA PHE A 262 -2.24 -36.49 29.93
C PHE A 262 -2.63 -37.95 29.80
N GLY A 263 -3.89 -38.18 29.44
CA GLY A 263 -4.40 -39.50 29.14
C GLY A 263 -4.64 -39.64 27.66
N LYS A 264 -4.57 -40.88 27.16
CA LYS A 264 -4.94 -41.20 25.80
C LYS A 264 -6.24 -42.00 25.82
N SER A 265 -7.19 -41.60 24.97
CA SER A 265 -8.57 -42.04 25.05
C SER A 265 -9.02 -42.73 23.78
N PHE A 266 -10.06 -43.54 23.93
CA PHE A 266 -10.68 -44.32 22.87
C PHE A 266 -12.18 -44.32 23.07
N THR A 267 -12.90 -44.36 21.95
CA THR A 267 -14.33 -44.64 21.95
C THR A 267 -14.53 -46.13 21.78
N LEU A 268 -15.31 -46.74 22.68
CA LEU A 268 -15.51 -48.17 22.68
C LEU A 268 -16.54 -48.58 21.63
N ALA A 269 -16.27 -49.69 20.95
CA ALA A 269 -17.17 -50.21 19.95
C ALA A 269 -18.35 -50.95 20.55
N SER A 270 -18.23 -51.41 21.79
CA SER A 270 -19.25 -52.22 22.43
C SER A 270 -19.21 -51.95 23.94
N SER A 271 -19.95 -52.77 24.70
CA SER A 271 -19.95 -52.63 26.15
C SER A 271 -18.64 -53.09 26.78
N GLU A 272 -17.84 -53.89 26.07
CA GLU A 272 -16.56 -54.33 26.60
C GLU A 272 -15.67 -53.13 26.82
N ASN A 273 -15.12 -53.01 28.03
CA ASN A 273 -14.36 -51.83 28.42
C ASN A 273 -13.04 -52.18 29.11
N GLN A 274 -12.58 -53.43 29.01
CA GLN A 274 -11.31 -53.75 29.64
CA GLN A 274 -11.33 -53.87 29.59
C GLN A 274 -10.15 -53.50 28.67
N LEU A 275 -8.96 -53.84 29.11
CA LEU A 275 -7.78 -53.64 28.28
C LEU A 275 -7.84 -54.57 27.08
N GLY A 276 -7.59 -54.03 25.89
CA GLY A 276 -7.71 -54.79 24.66
C GLY A 276 -9.10 -54.84 24.05
N ALA A 277 -10.05 -54.09 24.59
CA ALA A 277 -11.40 -54.09 24.05
C ALA A 277 -11.44 -53.40 22.69
N PRO A 278 -12.39 -53.77 21.83
CA PRO A 278 -12.48 -53.14 20.51
C PRO A 278 -12.95 -51.69 20.62
N ILE A 279 -12.46 -50.87 19.69
CA ILE A 279 -12.73 -49.45 19.66
C ILE A 279 -13.33 -49.09 18.31
N SER A 280 -14.05 -47.96 18.30
CA SER A 280 -14.56 -47.39 17.07
C SER A 280 -13.79 -46.13 16.64
N GLY A 281 -12.89 -45.63 17.48
CA GLY A 281 -12.03 -44.55 17.08
C GLY A 281 -11.39 -43.90 18.30
N GLU A 282 -10.81 -42.72 18.04
CA GLU A 282 -10.28 -41.90 19.13
C GLU A 282 -11.36 -41.59 20.15
N GLY A 283 -10.92 -41.31 21.37
CA GLY A 283 -11.83 -40.81 22.37
C GLY A 283 -12.38 -39.45 22.00
N LEU A 284 -13.56 -39.14 22.54
CA LEU A 284 -14.14 -37.84 22.31
C LEU A 284 -13.23 -36.75 22.86
N PRO A 285 -13.09 -35.63 22.15
CA PRO A 285 -12.14 -34.60 22.59
C PRO A 285 -12.56 -33.97 23.90
N GLY A 286 -11.57 -33.46 24.63
CA GLY A 286 -11.86 -32.70 25.82
C GLY A 286 -12.29 -31.29 25.50
N ARG A 287 -12.94 -30.66 26.47
CA ARG A 287 -13.51 -29.34 26.25
C ARG A 287 -12.44 -28.31 25.94
N PHE A 288 -11.29 -28.41 26.61
CA PHE A 288 -10.24 -27.40 26.54
C PHE A 288 -9.08 -27.78 25.64
N THR A 289 -8.68 -29.04 25.62
CA THR A 289 -7.54 -29.44 24.78
C THR A 289 -7.96 -29.65 23.33
N LYS A 290 -9.23 -30.01 23.10
CA LYS A 290 -9.82 -30.06 21.76
C LYS A 290 -9.00 -30.92 20.80
N GLU A 291 -8.62 -32.10 21.26
CA GLU A 291 -7.84 -33.04 20.46
C GLU A 291 -8.36 -34.44 20.75
N ALA A 292 -9.11 -35.02 19.81
CA ALA A 292 -9.62 -36.38 19.96
C ALA A 292 -8.50 -37.34 20.31
N GLY A 293 -8.74 -38.17 21.33
CA GLY A 293 -7.75 -39.11 21.80
C GLY A 293 -6.88 -38.60 22.92
N THR A 294 -6.97 -37.32 23.27
CA THR A 294 -6.15 -36.72 24.31
C THR A 294 -7.01 -36.02 25.34
N LEU A 295 -6.65 -36.15 26.61
CA LEU A 295 -7.31 -35.48 27.73
C LEU A 295 -6.23 -34.96 28.66
N ALA A 296 -6.32 -33.69 29.04
CA ALA A 296 -5.46 -33.18 30.10
C ALA A 296 -5.95 -33.73 31.45
N TYR A 297 -5.05 -33.71 32.44
CA TYR A 297 -5.44 -34.23 33.74
C TYR A 297 -6.62 -33.49 34.33
N TYR A 298 -6.70 -32.18 34.11
CA TYR A 298 -7.84 -31.43 34.64
C TYR A 298 -9.14 -31.82 33.94
N GLU A 299 -9.06 -32.25 32.68
CA GLU A 299 -10.25 -32.77 32.02
C GLU A 299 -10.57 -34.18 32.50
N ILE A 300 -9.54 -34.95 32.87
CA ILE A 300 -9.77 -36.28 33.39
C ILE A 300 -10.46 -36.23 34.74
N CYS A 301 -10.09 -35.26 35.59
CA CYS A 301 -10.78 -35.08 36.86
C CYS A 301 -12.29 -34.99 36.70
N ASP A 302 -12.74 -34.12 35.79
CA ASP A 302 -14.16 -34.03 35.47
C ASP A 302 -14.68 -35.36 34.96
N PHE A 303 -13.96 -35.99 34.03
CA PHE A 303 -14.38 -37.26 33.46
C PHE A 303 -14.61 -38.33 34.52
N LEU A 304 -13.78 -38.35 35.57
CA LEU A 304 -13.85 -39.40 36.58
C LEU A 304 -15.17 -39.37 37.34
N LYS A 305 -15.82 -38.20 37.40
CA LYS A 305 -17.12 -38.08 38.02
C LYS A 305 -18.13 -38.92 37.24
N GLY A 306 -18.58 -40.00 37.84
CA GLY A 306 -19.44 -40.95 37.20
C GLY A 306 -18.72 -42.05 36.46
N ALA A 307 -17.41 -42.16 36.63
CA ALA A 307 -16.60 -43.15 35.93
C ALA A 307 -16.11 -44.23 36.89
N GLU A 308 -15.74 -45.37 36.31
CA GLU A 308 -15.03 -46.42 37.03
C GLU A 308 -13.55 -46.31 36.74
N VAL A 309 -12.72 -46.39 37.79
CA VAL A 309 -11.28 -46.37 37.65
C VAL A 309 -10.77 -47.79 37.87
N HIS A 310 -9.95 -48.27 36.95
CA HIS A 310 -9.37 -49.60 36.97
C HIS A 310 -7.86 -49.47 37.01
N ARG A 311 -7.21 -50.25 37.86
CA ARG A 311 -5.76 -50.20 38.03
C ARG A 311 -5.14 -51.51 37.52
N LEU A 312 -4.25 -51.39 36.55
CA LEU A 312 -3.59 -52.56 35.97
C LEU A 312 -2.51 -53.08 36.91
N SER A 313 -2.57 -54.39 37.21
CA SER A 313 -1.65 -55.00 38.15
C SER A 313 -0.21 -54.98 37.62
N ASN A 314 0.00 -55.52 36.41
CA ASN A 314 1.35 -55.55 35.86
C ASN A 314 1.81 -54.17 35.41
N GLU A 315 0.94 -53.42 34.73
CA GLU A 315 1.34 -52.17 34.11
C GLU A 315 1.46 -51.01 35.09
N LYS A 316 0.84 -51.11 36.28
CA LYS A 316 1.02 -50.16 37.38
C LYS A 316 0.40 -48.80 37.06
N VAL A 317 -0.64 -48.76 36.23
CA VAL A 317 -1.23 -47.50 35.80
C VAL A 317 -2.74 -47.64 35.72
N PRO A 318 -3.45 -46.53 35.86
CA PRO A 318 -4.91 -46.56 35.76
C PRO A 318 -5.45 -46.22 34.38
N PHE A 319 -6.55 -46.88 34.05
CA PHE A 319 -7.44 -46.43 33.01
C PHE A 319 -8.83 -46.26 33.60
N ALA A 320 -9.61 -45.37 33.01
CA ALA A 320 -10.93 -45.01 33.49
C ALA A 320 -11.94 -45.20 32.37
N THR A 321 -13.17 -45.54 32.77
CA THR A 321 -14.20 -45.95 31.84
C THR A 321 -15.50 -45.26 32.23
N LYS A 322 -16.24 -44.82 31.21
CA LYS A 322 -17.55 -44.22 31.46
C LYS A 322 -18.30 -44.20 30.14
N GLY A 323 -19.45 -44.85 30.10
CA GLY A 323 -20.11 -45.04 28.82
C GLY A 323 -19.19 -45.73 27.85
N ASN A 324 -19.19 -45.23 26.61
CA ASN A 324 -18.31 -45.74 25.56
C ASN A 324 -16.95 -45.05 25.55
N GLN A 325 -16.58 -44.35 26.61
CA GLN A 325 -15.29 -43.68 26.67
C GLN A 325 -14.31 -44.42 27.59
N TRP A 326 -13.05 -44.45 27.16
CA TRP A 326 -11.99 -45.24 27.79
C TRP A 326 -10.72 -44.41 27.75
N VAL A 327 -10.10 -44.14 28.89
CA VAL A 327 -8.92 -43.28 28.90
C VAL A 327 -7.84 -43.88 29.79
N GLY A 328 -6.67 -44.10 29.26
CA GLY A 328 -5.52 -44.51 30.05
C GLY A 328 -4.72 -43.29 30.45
N TYR A 329 -4.40 -43.18 31.73
CA TYR A 329 -3.87 -41.93 32.24
C TYR A 329 -2.99 -42.18 33.46
N GLU A 330 -2.51 -41.08 34.04
CA GLU A 330 -1.65 -41.09 35.22
C GLU A 330 -2.36 -40.37 36.36
N ASP A 331 -2.30 -40.94 37.55
CA ASP A 331 -2.74 -40.27 38.77
C ASP A 331 -1.58 -40.24 39.76
N LYS A 332 -1.82 -39.65 40.93
CA LYS A 332 -0.78 -39.53 41.95
C LYS A 332 -0.11 -40.86 42.25
N GLU A 333 -0.89 -41.92 42.44
CA GLU A 333 -0.32 -43.22 42.80
C GLU A 333 0.64 -43.74 41.74
N SER A 334 0.19 -43.82 40.49
CA SER A 334 1.04 -44.39 39.45
C SER A 334 2.27 -43.52 39.21
N VAL A 335 2.13 -42.21 39.39
CA VAL A 335 3.26 -41.29 39.22
C VAL A 335 4.30 -41.51 40.32
N LYS A 336 3.85 -41.64 41.57
CA LYS A 336 4.77 -41.94 42.67
C LYS A 336 5.48 -43.26 42.45
N ASN A 337 4.73 -44.29 42.04
CA ASN A 337 5.35 -45.59 41.81
C ASN A 337 6.37 -45.53 40.68
N LYS A 338 6.10 -44.72 39.65
CA LYS A 338 7.07 -44.60 38.57
C LYS A 338 8.33 -43.87 39.02
N VAL A 339 8.19 -42.90 39.93
CA VAL A 339 9.39 -42.27 40.49
C VAL A 339 10.18 -43.29 41.31
N ARG A 340 9.51 -44.11 42.11
CA ARG A 340 10.21 -45.16 42.85
C ARG A 340 10.98 -46.07 41.90
N PHE A 341 10.36 -46.42 40.77
CA PHE A 341 11.03 -47.23 39.75
C PHE A 341 12.28 -46.53 39.23
N LEU A 342 12.15 -45.26 38.82
CA LEU A 342 13.30 -44.56 38.24
C LEU A 342 14.41 -44.38 39.26
N LYS A 343 14.08 -44.35 40.56
CA LYS A 343 15.12 -44.29 41.58
C LYS A 343 15.85 -45.63 41.69
N GLU A 344 15.09 -46.74 41.73
CA GLU A 344 15.74 -48.05 41.73
C GLU A 344 16.71 -48.21 40.56
N LYS A 345 16.38 -47.69 39.40
CA LYS A 345 17.27 -47.81 38.25
C LYS A 345 18.34 -46.72 38.23
N LYS A 346 18.34 -45.83 39.22
CA LYS A 346 19.37 -44.80 39.37
C LYS A 346 19.39 -43.86 38.17
N LEU A 347 18.21 -43.47 37.70
CA LEU A 347 18.08 -42.55 36.59
C LEU A 347 18.31 -41.12 37.09
N ALA A 348 18.62 -40.22 36.14
CA ALA A 348 18.90 -38.85 36.49
C ALA A 348 17.70 -38.13 37.09
N GLY A 349 16.50 -38.62 36.84
CA GLY A 349 15.31 -38.03 37.39
C GLY A 349 14.14 -38.23 36.45
N ALA A 350 13.14 -37.37 36.61
CA ALA A 350 11.93 -37.45 35.82
C ALA A 350 11.85 -36.30 34.82
N MET A 351 11.25 -36.59 33.67
CA MET A 351 10.82 -35.57 32.72
C MET A 351 9.30 -35.61 32.65
N VAL A 352 8.68 -34.44 32.50
CA VAL A 352 7.24 -34.30 32.56
C VAL A 352 6.74 -33.63 31.27
N TRP A 353 5.80 -34.30 30.60
CA TRP A 353 5.02 -33.71 29.51
C TRP A 353 3.55 -33.81 29.87
N ALA A 354 2.91 -32.69 30.20
CA ALA A 354 3.53 -31.37 30.24
C ALA A 354 2.82 -30.56 31.32
N LEU A 355 3.39 -29.42 31.68
CA LEU A 355 2.82 -28.64 32.78
C LEU A 355 1.43 -28.11 32.43
N ASP A 356 1.24 -27.63 31.20
CA ASP A 356 -0.06 -27.15 30.78
C ASP A 356 -1.12 -28.24 30.71
N LEU A 357 -0.73 -29.51 30.79
CA LEU A 357 -1.68 -30.61 30.80
C LEU A 357 -1.93 -31.17 32.20
N ASP A 358 -1.13 -30.74 33.19
CA ASP A 358 -1.43 -30.95 34.59
C ASP A 358 -2.52 -30.00 35.04
N ASP A 359 -3.13 -30.28 36.20
CA ASP A 359 -4.15 -29.38 36.75
C ASP A 359 -3.43 -28.18 37.39
N PHE A 360 -2.98 -27.28 36.51
CA PHE A 360 -2.13 -26.18 36.96
C PHE A 360 -2.89 -25.11 37.74
N GLN A 361 -4.21 -25.04 37.60
CA GLN A 361 -4.99 -24.01 38.29
C GLN A 361 -5.75 -24.55 39.50
N GLY A 362 -5.55 -25.81 39.87
CA GLY A 362 -6.22 -26.36 41.04
C GLY A 362 -7.70 -26.62 40.88
N THR A 363 -8.16 -26.87 39.65
CA THR A 363 -9.57 -27.18 39.41
C THR A 363 -9.99 -28.47 40.10
N CYS A 364 -9.10 -29.46 40.17
CA CYS A 364 -9.48 -30.80 40.63
C CYS A 364 -9.72 -30.80 42.14
N GLN A 365 -8.81 -30.20 42.90
CA GLN A 365 -8.86 -30.16 44.34
C GLN A 365 -8.51 -28.75 44.79
N PRO A 366 -9.23 -28.20 45.77
CA PRO A 366 -8.98 -26.80 46.17
C PRO A 366 -7.54 -26.52 46.56
N LYS A 367 -6.93 -25.54 45.88
CA LYS A 367 -5.59 -25.04 46.15
C LYS A 367 -4.49 -26.07 45.94
N GLU A 368 -4.77 -27.18 45.26
CA GLU A 368 -3.74 -28.16 44.91
C GLU A 368 -3.26 -27.87 43.48
N PHE A 369 -2.28 -26.99 43.36
CA PHE A 369 -1.74 -26.64 42.06
C PHE A 369 -0.74 -27.71 41.61
N PHE A 370 -0.79 -28.07 40.33
CA PHE A 370 0.09 -29.07 39.75
C PHE A 370 0.13 -30.37 40.56
N PRO A 371 -1.03 -31.02 40.78
CA PRO A 371 -1.01 -32.22 41.65
C PRO A 371 -0.08 -33.33 41.18
N LEU A 372 -0.04 -33.60 39.88
CA LEU A 372 0.79 -34.70 39.39
C LEU A 372 2.28 -34.36 39.49
N THR A 373 2.67 -33.18 39.01
CA THR A 373 4.08 -32.81 39.06
C THR A 373 4.56 -32.68 40.50
N ASN A 374 3.74 -32.09 41.37
CA ASN A 374 4.10 -32.04 42.77
C ASN A 374 4.19 -33.43 43.38
N ALA A 375 3.35 -34.37 42.94
CA ALA A 375 3.49 -35.75 43.40
C ALA A 375 4.84 -36.32 42.97
N ILE A 376 5.27 -36.01 41.75
CA ILE A 376 6.57 -36.47 41.27
C ILE A 376 7.68 -35.85 42.11
N LYS A 377 7.61 -34.54 42.33
CA LYS A 377 8.61 -33.84 43.13
C LYS A 377 8.71 -34.42 44.54
N ASP A 378 7.56 -34.59 45.20
CA ASP A 378 7.55 -35.17 46.54
C ASP A 378 8.18 -36.56 46.54
N ALA A 379 7.84 -37.38 45.54
CA ALA A 379 8.40 -38.73 45.49
C ALA A 379 9.90 -38.73 45.20
N LEU A 380 10.39 -37.71 44.50
CA LEU A 380 11.83 -37.64 44.26
C LEU A 380 12.61 -37.26 45.52
N ALA A 381 12.00 -36.50 46.42
CA ALA A 381 12.63 -36.20 47.71
C ALA A 381 12.54 -37.40 48.64
N TYR B 22 0.20 -52.47 -24.83
CA TYR B 22 -0.50 -51.87 -23.69
C TYR B 22 0.48 -51.07 -22.84
N LYS B 23 0.02 -49.94 -22.32
CA LYS B 23 0.80 -49.15 -21.38
C LYS B 23 0.42 -49.52 -19.96
N LEU B 24 1.41 -49.52 -19.08
CA LEU B 24 1.18 -49.67 -17.65
C LEU B 24 1.78 -48.44 -16.98
N VAL B 25 0.92 -47.47 -16.66
CA VAL B 25 1.35 -46.17 -16.15
C VAL B 25 1.16 -46.16 -14.64
N CYS B 26 2.26 -45.99 -13.90
CA CYS B 26 2.28 -46.19 -12.46
C CYS B 26 2.62 -44.90 -11.75
N TYR B 27 1.71 -44.44 -10.88
CA TYR B 27 1.97 -43.31 -10.00
C TYR B 27 2.69 -43.76 -8.74
N PHE B 28 3.53 -42.89 -8.19
CA PHE B 28 3.94 -42.99 -6.80
C PHE B 28 4.05 -41.58 -6.23
N THR B 29 4.00 -41.50 -4.90
CA THR B 29 3.91 -40.23 -4.21
C THR B 29 5.22 -39.88 -3.53
N SER B 30 5.51 -38.58 -3.47
CA SER B 30 6.71 -38.13 -2.76
C SER B 30 6.56 -38.28 -1.26
N TRP B 31 5.35 -38.02 -0.72
CA TRP B 31 5.19 -38.07 0.74
C TRP B 31 5.25 -39.48 1.30
N SER B 32 5.13 -40.51 0.46
CA SER B 32 5.24 -41.87 0.95
C SER B 32 6.61 -42.16 1.55
N GLN B 33 7.61 -41.33 1.22
CA GLN B 33 8.92 -41.51 1.82
C GLN B 33 8.91 -41.25 3.32
N TYR B 34 7.97 -40.45 3.81
CA TYR B 34 7.99 -40.05 5.21
C TYR B 34 7.30 -41.03 6.14
N ARG B 35 6.71 -42.11 5.61
CA ARG B 35 6.05 -43.09 6.46
C ARG B 35 7.09 -43.88 7.27
N GLU B 36 6.65 -44.35 8.44
CA GLU B 36 7.56 -45.04 9.36
C GLU B 36 7.95 -46.41 8.83
N GLY B 37 9.19 -46.82 9.16
CA GLY B 37 9.57 -48.21 9.03
C GLY B 37 9.47 -48.71 7.60
N VAL B 38 8.87 -49.90 7.45
CA VAL B 38 8.74 -50.55 6.16
C VAL B 38 7.78 -49.83 5.23
N GLY B 39 6.99 -48.89 5.75
CA GLY B 39 6.09 -48.12 4.90
C GLY B 39 6.78 -47.07 4.05
N SER B 40 8.00 -46.68 4.41
CA SER B 40 8.72 -45.66 3.67
C SER B 40 9.05 -46.14 2.26
N PHE B 41 8.71 -45.31 1.27
CA PHE B 41 8.85 -45.65 -0.14
C PHE B 41 9.75 -44.64 -0.83
N LEU B 42 10.76 -45.14 -1.54
CA LEU B 42 11.61 -44.35 -2.40
C LEU B 42 11.64 -44.98 -3.80
N PRO B 43 11.86 -44.17 -4.84
CA PRO B 43 11.72 -44.69 -6.21
C PRO B 43 12.71 -45.80 -6.56
N ASP B 44 13.86 -45.86 -5.91
CA ASP B 44 14.82 -46.92 -6.20
C ASP B 44 14.35 -48.30 -5.73
N ALA B 45 13.22 -48.38 -5.03
CA ALA B 45 12.60 -49.66 -4.70
C ALA B 45 11.75 -50.21 -5.84
N ILE B 46 11.58 -49.47 -6.92
CA ILE B 46 10.74 -49.90 -8.04
C ILE B 46 11.52 -50.85 -8.93
N GLN B 47 10.90 -51.98 -9.27
CA GLN B 47 11.46 -52.86 -10.29
C GLN B 47 11.49 -52.13 -11.63
N PRO B 48 12.63 -52.05 -12.30
CA PRO B 48 12.73 -51.20 -13.51
C PRO B 48 11.85 -51.63 -14.67
N PHE B 49 11.44 -52.89 -14.73
CA PHE B 49 10.62 -53.39 -15.84
C PHE B 49 9.17 -53.58 -15.44
N LEU B 50 8.80 -53.14 -14.24
CA LEU B 50 7.42 -53.25 -13.77
C LEU B 50 6.47 -52.50 -14.70
N CYS B 51 6.78 -51.24 -15.00
CA CYS B 51 5.84 -50.32 -15.62
C CYS B 51 6.45 -49.78 -16.92
N THR B 52 5.58 -49.37 -17.84
CA THR B 52 6.06 -48.67 -19.03
C THR B 52 6.30 -47.20 -18.73
N HIS B 53 5.46 -46.60 -17.88
CA HIS B 53 5.57 -45.21 -17.49
C HIS B 53 5.45 -45.11 -15.97
N ILE B 54 6.26 -44.24 -15.38
CA ILE B 54 6.22 -43.96 -13.95
C ILE B 54 6.00 -42.46 -13.77
N ILE B 55 5.05 -42.09 -12.91
CA ILE B 55 4.67 -40.70 -12.71
C ILE B 55 4.98 -40.30 -11.28
N TYR B 56 5.72 -39.20 -11.13
CA TYR B 56 6.11 -38.66 -9.84
C TYR B 56 5.09 -37.60 -9.41
N SER B 57 4.41 -37.86 -8.30
CA SER B 57 3.45 -36.93 -7.73
C SER B 57 3.96 -36.43 -6.37
N PHE B 58 3.92 -35.12 -6.16
CA PHE B 58 3.52 -34.11 -7.13
C PHE B 58 4.53 -32.98 -7.21
N ALA B 59 4.59 -32.29 -8.34
CA ALA B 59 5.32 -31.03 -8.45
C ALA B 59 4.41 -29.86 -8.06
N ASN B 60 5.05 -28.76 -7.66
CA ASN B 60 4.35 -27.54 -7.28
C ASN B 60 4.45 -26.51 -8.40
N ILE B 61 3.86 -25.34 -8.16
CA ILE B 61 4.02 -24.18 -9.04
C ILE B 61 4.41 -23.00 -8.15
N SER B 62 5.55 -22.37 -8.48
CA SER B 62 6.05 -21.26 -7.69
C SER B 62 5.15 -20.03 -7.85
N SER B 63 5.34 -19.06 -6.94
CA SER B 63 4.59 -17.81 -7.00
C SER B 63 4.90 -17.02 -8.26
N ASP B 64 6.00 -17.33 -8.95
CA ASP B 64 6.26 -16.78 -10.27
C ASP B 64 5.65 -17.65 -11.37
N ASN B 65 4.69 -18.50 -11.00
CA ASN B 65 3.90 -19.29 -11.95
C ASN B 65 4.75 -20.29 -12.73
N MET B 66 5.86 -20.75 -12.15
CA MET B 66 6.77 -21.66 -12.84
C MET B 66 6.79 -23.03 -12.16
N LEU B 67 6.79 -24.08 -12.97
CA LEU B 67 6.90 -25.44 -12.47
C LEU B 67 8.11 -25.59 -11.57
N SER B 68 7.92 -26.24 -10.42
CA SER B 68 8.98 -26.33 -9.42
C SER B 68 8.82 -27.60 -8.61
N THR B 69 9.87 -27.91 -7.84
CA THR B 69 9.79 -28.98 -6.87
C THR B 69 8.84 -28.61 -5.74
N TRP B 70 8.43 -29.64 -4.98
CA TRP B 70 7.59 -29.43 -3.80
C TRP B 70 8.41 -29.55 -2.53
N GLU B 71 9.09 -30.68 -2.34
CA GLU B 71 9.93 -30.91 -1.17
C GLU B 71 11.36 -30.49 -1.45
N TRP B 72 12.08 -30.14 -0.38
CA TRP B 72 13.48 -29.72 -0.48
C TRP B 72 14.36 -30.73 -1.20
N ASN B 73 14.01 -32.01 -1.13
CA ASN B 73 14.88 -33.08 -1.63
C ASN B 73 14.32 -33.75 -2.88
N ASP B 74 13.30 -33.16 -3.51
CA ASP B 74 12.75 -33.73 -4.74
C ASP B 74 13.81 -34.04 -5.78
N GLU B 75 14.83 -33.18 -5.93
CA GLU B 75 15.87 -33.42 -6.93
C GLU B 75 16.51 -34.81 -6.76
N SER B 76 16.85 -35.19 -5.53
CA SER B 76 17.52 -36.46 -5.33
C SER B 76 16.60 -37.64 -5.66
N ASN B 77 15.30 -37.48 -5.45
CA ASN B 77 14.34 -38.51 -5.82
C ASN B 77 14.11 -38.54 -7.34
N TYR B 78 14.14 -37.38 -8.00
CA TYR B 78 14.18 -37.35 -9.45
C TYR B 78 15.37 -38.15 -9.96
N ASP B 79 16.50 -38.03 -9.27
CA ASP B 79 17.71 -38.73 -9.68
C ASP B 79 17.55 -40.22 -9.48
N LYS B 80 17.06 -40.63 -8.30
CA LYS B 80 16.80 -42.05 -8.06
C LYS B 80 15.81 -42.61 -9.09
N LEU B 81 14.89 -41.78 -9.57
CA LEU B 81 13.87 -42.23 -10.51
C LEU B 81 14.45 -42.39 -11.91
N ASN B 82 15.25 -41.44 -12.39
CA ASN B 82 15.82 -41.54 -13.72
C ASN B 82 16.99 -42.52 -13.80
N LYS B 83 17.69 -42.79 -12.68
CA LYS B 83 18.68 -43.86 -12.67
C LYS B 83 18.06 -45.21 -13.00
N LEU B 84 16.75 -45.35 -12.78
CA LEU B 84 16.04 -46.54 -13.22
C LEU B 84 16.10 -46.72 -14.72
N LYS B 85 16.08 -45.61 -15.48
CA LYS B 85 16.05 -45.69 -16.93
C LYS B 85 17.35 -46.22 -17.52
N THR B 86 18.44 -46.21 -16.76
CA THR B 86 19.66 -46.85 -17.24
C THR B 86 19.56 -48.37 -17.21
N ARG B 87 18.71 -48.91 -16.35
CA ARG B 87 18.47 -50.34 -16.26
C ARG B 87 17.33 -50.80 -17.15
N ASN B 88 16.42 -49.90 -17.53
CA ASN B 88 15.39 -50.16 -18.54
C ASN B 88 15.33 -48.92 -19.41
N THR B 89 16.00 -48.96 -20.56
CA THR B 89 16.17 -47.77 -21.38
C THR B 89 14.92 -47.34 -22.11
N ASN B 90 13.88 -48.18 -22.14
CA ASN B 90 12.58 -47.79 -22.68
C ASN B 90 11.63 -47.25 -21.63
N LEU B 91 12.02 -47.25 -20.36
CA LEU B 91 11.16 -46.73 -19.31
C LEU B 91 10.98 -45.23 -19.49
N LYS B 92 9.73 -44.76 -19.38
CA LYS B 92 9.40 -43.35 -19.50
C LYS B 92 8.98 -42.82 -18.14
N THR B 93 9.44 -41.62 -17.78
CA THR B 93 9.04 -40.96 -16.55
C THR B 93 8.30 -39.67 -16.86
N LEU B 94 7.28 -39.36 -16.04
CA LEU B 94 6.55 -38.11 -16.12
C LEU B 94 6.45 -37.48 -14.75
N LEU B 95 6.37 -36.15 -14.72
CA LEU B 95 6.20 -35.38 -13.50
C LEU B 95 4.75 -34.89 -13.45
N SER B 96 4.05 -35.22 -12.36
CA SER B 96 2.66 -34.80 -12.20
C SER B 96 2.62 -33.51 -11.37
N VAL B 97 1.93 -32.50 -11.91
CA VAL B 97 1.80 -31.20 -11.26
C VAL B 97 0.38 -31.06 -10.76
N GLY B 98 0.23 -30.56 -9.54
CA GLY B 98 -1.07 -30.42 -8.93
C GLY B 98 -1.27 -31.36 -7.76
N GLY B 99 -2.32 -32.17 -7.81
CA GLY B 99 -2.67 -33.04 -6.71
C GLY B 99 -3.76 -32.42 -5.84
N TRP B 100 -4.28 -33.24 -4.93
CA TRP B 100 -5.37 -32.78 -4.08
C TRP B 100 -4.93 -31.67 -3.15
N LYS B 101 -3.78 -31.85 -2.49
CA LYS B 101 -3.28 -30.83 -1.58
C LYS B 101 -3.07 -29.50 -2.30
N PHE B 102 -2.56 -29.55 -3.53
CA PHE B 102 -2.38 -28.34 -4.33
C PHE B 102 -3.69 -27.56 -4.49
N GLY B 103 -4.79 -28.25 -4.72
CA GLY B 103 -6.09 -27.62 -4.76
C GLY B 103 -6.44 -27.04 -6.13
N GLY B 104 -7.75 -26.90 -6.36
CA GLY B 104 -8.22 -26.33 -7.60
C GLY B 104 -8.00 -24.83 -7.68
N LYS B 105 -8.13 -24.13 -6.54
CA LYS B 105 -8.04 -22.67 -6.50
C LYS B 105 -6.84 -22.15 -7.28
N ARG B 106 -5.68 -22.75 -7.04
CA ARG B 106 -4.44 -22.26 -7.64
C ARG B 106 -4.44 -22.42 -9.16
N PHE B 107 -4.94 -23.57 -9.63
CA PHE B 107 -5.04 -23.78 -11.07
C PHE B 107 -6.03 -22.82 -11.70
N SER B 108 -7.15 -22.54 -11.02
CA SER B 108 -8.08 -21.53 -11.52
C SER B 108 -7.39 -20.19 -11.65
N GLU B 109 -6.59 -19.82 -10.65
CA GLU B 109 -5.86 -18.56 -10.66
C GLU B 109 -4.89 -18.50 -11.85
N ILE B 110 -4.16 -19.58 -12.11
CA ILE B 110 -3.13 -19.55 -13.15
C ILE B 110 -3.75 -19.65 -14.55
N ALA B 111 -4.61 -20.65 -14.76
CA ALA B 111 -5.10 -20.96 -16.10
C ALA B 111 -5.97 -19.85 -16.68
N SER B 112 -6.73 -19.15 -15.85
CA SER B 112 -7.65 -18.14 -16.37
C SER B 112 -6.95 -16.82 -16.70
N ASN B 113 -5.65 -16.71 -16.45
CA ASN B 113 -4.92 -15.47 -16.71
C ASN B 113 -3.87 -15.77 -17.76
N THR B 114 -3.91 -15.04 -18.89
CA THR B 114 -3.05 -15.37 -20.01
C THR B 114 -1.57 -15.28 -19.66
N GLU B 115 -1.15 -14.28 -18.89
CA GLU B 115 0.28 -14.18 -18.59
C GLU B 115 0.72 -15.25 -17.61
N ARG B 116 -0.03 -15.47 -16.52
CA ARG B 116 0.37 -16.51 -15.58
C ARG B 116 0.41 -17.87 -16.26
N ARG B 117 -0.63 -18.18 -17.06
CA ARG B 117 -0.67 -19.45 -17.78
C ARG B 117 0.51 -19.57 -18.75
N THR B 118 0.82 -18.50 -19.47
CA THR B 118 1.93 -18.55 -20.43
C THR B 118 3.26 -18.76 -19.72
N ALA B 119 3.48 -18.07 -18.60
CA ALA B 119 4.68 -18.27 -17.81
C ALA B 119 4.84 -19.74 -17.42
N PHE B 120 3.74 -20.37 -16.96
CA PHE B 120 3.81 -21.77 -16.59
C PHE B 120 4.14 -22.66 -17.78
N VAL B 121 3.32 -22.56 -18.84
CA VAL B 121 3.51 -23.38 -20.03
C VAL B 121 4.96 -23.32 -20.50
N ARG B 122 5.52 -22.12 -20.56
CA ARG B 122 6.91 -21.97 -20.99
C ARG B 122 7.88 -22.54 -19.97
N SER B 123 7.52 -22.52 -18.69
CA SER B 123 8.42 -23.04 -17.66
C SER B 123 8.50 -24.56 -17.67
N VAL B 124 7.52 -25.25 -18.26
CA VAL B 124 7.43 -26.70 -18.08
C VAL B 124 8.62 -27.42 -18.71
N ALA B 125 8.82 -27.24 -20.02
CA ALA B 125 9.81 -28.06 -20.73
C ALA B 125 11.24 -27.91 -20.21
N PRO B 126 11.79 -26.70 -19.99
CA PRO B 126 13.15 -26.61 -19.45
C PRO B 126 13.33 -27.38 -18.14
N PHE B 127 12.34 -27.32 -17.26
CA PHE B 127 12.38 -28.07 -16.01
C PHE B 127 12.47 -29.57 -16.26
N LEU B 128 11.51 -30.09 -17.03
CA LEU B 128 11.46 -31.53 -17.33
C LEU B 128 12.77 -32.00 -17.94
N ARG B 129 13.31 -31.25 -18.90
CA ARG B 129 14.58 -31.64 -19.51
C ARG B 129 15.72 -31.57 -18.51
N SER B 130 15.74 -30.53 -17.67
CA SER B 130 16.78 -30.40 -16.66
C SER B 130 16.83 -31.62 -15.75
N TYR B 131 15.68 -32.19 -15.40
CA TYR B 131 15.68 -33.33 -14.49
C TYR B 131 15.47 -34.67 -15.18
N GLY B 132 15.46 -34.69 -16.51
CA GLY B 132 15.43 -35.95 -17.22
C GLY B 132 14.05 -36.58 -17.35
N PHE B 133 12.99 -35.79 -17.26
CA PHE B 133 11.63 -36.31 -17.36
C PHE B 133 11.22 -36.36 -18.82
N ASP B 134 10.38 -37.33 -19.15
CA ASP B 134 9.88 -37.51 -20.51
C ASP B 134 8.53 -36.85 -20.74
N GLY B 135 7.90 -36.27 -19.73
CA GLY B 135 6.60 -35.67 -19.95
C GLY B 135 6.05 -35.04 -18.68
N LEU B 136 4.90 -34.39 -18.85
CA LEU B 136 4.15 -33.77 -17.77
C LEU B 136 2.79 -34.43 -17.63
N ASP B 137 2.38 -34.67 -16.39
CA ASP B 137 1.02 -35.11 -16.08
C ASP B 137 0.27 -33.98 -15.36
N LEU B 138 -0.92 -33.68 -15.83
CA LEU B 138 -1.75 -32.63 -15.24
C LEU B 138 -2.70 -33.23 -14.22
N ALA B 139 -2.64 -32.73 -12.99
CA ALA B 139 -3.50 -33.23 -11.91
C ALA B 139 -4.26 -32.06 -11.29
N TRP B 140 -5.13 -31.45 -12.10
CA TRP B 140 -6.01 -30.37 -11.67
C TRP B 140 -7.26 -31.03 -11.08
N LEU B 141 -7.33 -31.09 -9.76
CA LEU B 141 -8.40 -31.79 -9.04
C LEU B 141 -9.20 -30.78 -8.23
N TYR B 142 -10.29 -30.25 -8.78
CA TYR B 142 -10.79 -30.54 -10.13
C TYR B 142 -11.31 -29.24 -10.71
N PRO B 143 -11.26 -29.09 -12.03
CA PRO B 143 -11.81 -27.87 -12.65
C PRO B 143 -13.32 -27.83 -12.51
N ARG B 144 -13.83 -26.65 -12.18
CA ARG B 144 -15.24 -26.37 -12.06
C ARG B 144 -15.74 -25.77 -13.36
N LEU B 145 -17.04 -25.44 -13.40
CA LEU B 145 -17.64 -25.02 -14.66
C LEU B 145 -16.89 -23.81 -15.20
N ARG B 146 -16.66 -22.80 -14.35
CA ARG B 146 -15.97 -21.60 -14.79
C ARG B 146 -14.53 -21.86 -15.22
N ASP B 147 -13.99 -23.06 -14.96
CA ASP B 147 -12.63 -23.38 -15.38
C ASP B 147 -12.58 -24.21 -16.65
N LYS B 148 -13.71 -24.83 -17.05
CA LYS B 148 -13.69 -25.83 -18.12
C LYS B 148 -12.87 -25.37 -19.32
N GLN B 149 -13.24 -24.22 -19.89
CA GLN B 149 -12.58 -23.81 -21.13
C GLN B 149 -11.11 -23.51 -20.88
N TYR B 150 -10.79 -22.85 -19.78
CA TYR B 150 -9.39 -22.58 -19.47
C TYR B 150 -8.61 -23.87 -19.35
N PHE B 151 -9.23 -24.91 -18.78
CA PHE B 151 -8.58 -26.21 -18.74
C PHE B 151 -8.20 -26.65 -20.14
N SER B 152 -9.19 -26.63 -21.06
CA SER B 152 -8.90 -26.93 -22.45
C SER B 152 -7.72 -26.12 -22.94
N THR B 153 -7.77 -24.80 -22.77
CA THR B 153 -6.72 -23.95 -23.30
C THR B 153 -5.36 -24.40 -22.77
N LEU B 154 -5.27 -24.63 -21.47
CA LEU B 154 -4.00 -25.00 -20.87
C LEU B 154 -3.45 -26.24 -21.59
N ILE B 155 -4.29 -27.27 -21.72
CA ILE B 155 -3.84 -28.50 -22.37
C ILE B 155 -3.35 -28.19 -23.77
N LYS B 156 -4.17 -27.50 -24.57
CA LYS B 156 -3.76 -27.15 -25.92
C LYS B 156 -2.41 -26.47 -25.91
N GLU B 157 -2.26 -25.46 -25.03
CA GLU B 157 -1.04 -24.67 -25.04
C GLU B 157 0.15 -25.50 -24.57
N LEU B 158 -0.07 -26.46 -23.68
CA LEU B 158 1.03 -27.36 -23.35
C LEU B 158 1.41 -28.20 -24.56
N ASN B 159 0.40 -28.79 -25.22
CA ASN B 159 0.67 -29.64 -26.38
C ASN B 159 1.44 -28.88 -27.44
N ALA B 160 0.89 -27.72 -27.86
CA ALA B 160 1.60 -26.85 -28.79
C ALA B 160 3.03 -26.65 -28.35
N GLU B 161 3.23 -26.28 -27.07
CA GLU B 161 4.59 -25.97 -26.63
C GLU B 161 5.49 -27.18 -26.80
N PHE B 162 5.01 -28.37 -26.41
CA PHE B 162 5.85 -29.55 -26.54
C PHE B 162 6.14 -29.83 -28.00
N THR B 163 5.14 -29.61 -28.87
CA THR B 163 5.37 -29.75 -30.31
C THR B 163 6.44 -28.78 -30.77
N LYS B 164 6.40 -27.54 -30.29
CA LYS B 164 7.41 -26.56 -30.66
C LYS B 164 8.76 -26.82 -30.01
N GLU B 165 8.85 -27.75 -29.05
CA GLU B 165 10.08 -27.85 -28.28
C GLU B 165 10.95 -29.02 -28.71
N VAL B 166 10.39 -30.00 -29.38
CA VAL B 166 11.13 -31.23 -29.66
C VAL B 166 12.16 -30.93 -30.73
N GLN B 167 13.33 -31.52 -30.60
CA GLN B 167 14.46 -31.33 -31.48
C GLN B 167 14.99 -32.70 -31.87
N PRO B 168 15.89 -32.77 -32.85
CA PRO B 168 16.56 -34.05 -33.13
C PRO B 168 17.37 -34.46 -31.91
N GLY B 169 17.51 -35.78 -31.73
CA GLY B 169 18.19 -36.32 -30.57
C GLY B 169 17.33 -36.43 -29.33
N ARG B 170 16.17 -35.77 -29.32
CA ARG B 170 15.21 -35.84 -28.22
C ARG B 170 13.88 -36.42 -28.72
N GLU B 171 13.11 -36.95 -27.79
CA GLU B 171 11.74 -37.39 -28.04
C GLU B 171 10.77 -36.35 -27.48
N LYS B 172 9.72 -36.08 -28.24
CA LYS B 172 8.74 -35.07 -27.83
C LYS B 172 8.22 -35.39 -26.43
N LEU B 173 8.07 -34.34 -25.62
CA LEU B 173 7.53 -34.48 -24.28
C LEU B 173 6.11 -35.05 -24.33
N LEU B 174 5.81 -35.96 -23.40
CA LEU B 174 4.48 -36.53 -23.28
C LEU B 174 3.60 -35.62 -22.42
N LEU B 175 2.31 -35.59 -22.75
CA LEU B 175 1.33 -34.85 -21.97
C LEU B 175 0.17 -35.76 -21.61
N SER B 176 -0.05 -35.94 -20.33
CA SER B 176 -1.18 -36.72 -19.83
C SER B 176 -1.96 -35.88 -18.83
N ALA B 177 -3.12 -36.38 -18.44
CA ALA B 177 -3.95 -35.70 -17.45
C ALA B 177 -4.68 -36.72 -16.60
N ALA B 178 -4.71 -36.49 -15.29
CA ALA B 178 -5.55 -37.25 -14.38
C ALA B 178 -6.95 -36.64 -14.39
N LEU B 179 -7.93 -37.43 -14.82
CA LEU B 179 -9.30 -36.96 -14.92
C LEU B 179 -10.20 -37.74 -13.97
N SER B 180 -11.18 -37.06 -13.40
CA SER B 180 -12.13 -37.71 -12.52
C SER B 180 -12.99 -38.71 -13.30
N ALA B 181 -13.34 -39.80 -12.62
CA ALA B 181 -14.28 -40.77 -13.15
C ALA B 181 -15.71 -40.51 -12.71
N GLY B 182 -15.96 -39.41 -12.00
CA GLY B 182 -17.29 -39.07 -11.55
C GLY B 182 -18.06 -38.31 -12.62
N LYS B 183 -19.28 -38.77 -12.88
CA LYS B 183 -20.10 -38.19 -13.95
C LYS B 183 -20.25 -36.67 -13.78
N VAL B 184 -20.61 -36.24 -12.58
CA VAL B 184 -20.88 -34.81 -12.37
C VAL B 184 -19.61 -34.00 -12.57
N ALA B 185 -18.49 -34.47 -12.03
CA ALA B 185 -17.21 -33.79 -12.22
C ALA B 185 -16.84 -33.71 -13.70
N ILE B 186 -17.15 -34.76 -14.46
CA ILE B 186 -16.82 -34.76 -15.89
C ILE B 186 -17.68 -33.75 -16.64
N ASP B 187 -19.00 -33.78 -16.41
CA ASP B 187 -19.88 -32.81 -17.04
C ASP B 187 -19.50 -31.39 -16.67
N THR B 188 -19.06 -31.17 -15.43
CA THR B 188 -18.78 -29.82 -14.96
C THR B 188 -17.45 -29.28 -15.49
N GLY B 189 -16.40 -30.10 -15.47
CA GLY B 189 -15.06 -29.59 -15.71
C GLY B 189 -14.42 -29.84 -17.05
N TYR B 190 -14.84 -30.87 -17.78
CA TYR B 190 -14.07 -31.38 -18.91
C TYR B 190 -14.82 -31.21 -20.22
N ASP B 191 -14.11 -30.66 -21.22
CA ASP B 191 -14.51 -30.71 -22.63
C ASP B 191 -13.76 -31.89 -23.23
N ILE B 192 -14.32 -33.09 -23.05
CA ILE B 192 -13.58 -34.32 -23.30
C ILE B 192 -13.12 -34.41 -24.75
N ALA B 193 -14.03 -34.23 -25.69
CA ALA B 193 -13.70 -34.37 -27.10
C ALA B 193 -12.58 -33.43 -27.52
N GLN B 194 -12.53 -32.23 -26.92
CA GLN B 194 -11.51 -31.26 -27.27
C GLN B 194 -10.14 -31.65 -26.70
N ILE B 195 -10.09 -31.96 -25.40
CA ILE B 195 -8.80 -32.18 -24.75
C ILE B 195 -8.21 -33.53 -25.15
N ALA B 196 -9.05 -34.52 -25.46
CA ALA B 196 -8.53 -35.84 -25.81
C ALA B 196 -7.61 -35.78 -27.03
N GLN B 197 -7.84 -34.84 -27.93
CA GLN B 197 -6.99 -34.72 -29.12
C GLN B 197 -5.57 -34.25 -28.79
N HIS B 198 -5.39 -33.55 -27.67
CA HIS B 198 -4.11 -32.93 -27.32
C HIS B 198 -3.39 -33.66 -26.21
N LEU B 199 -3.91 -34.80 -25.75
CA LEU B 199 -3.32 -35.58 -24.66
C LEU B 199 -2.81 -36.90 -25.23
N ASP B 200 -1.59 -37.28 -24.85
CA ASP B 200 -1.07 -38.57 -25.27
C ASP B 200 -1.80 -39.73 -24.58
N PHE B 201 -2.23 -39.54 -23.34
CA PHE B 201 -3.11 -40.50 -22.70
C PHE B 201 -3.84 -39.84 -21.55
N ILE B 202 -4.95 -40.45 -21.15
CA ILE B 202 -5.80 -39.95 -20.07
C ILE B 202 -5.69 -40.94 -18.91
N ASN B 203 -5.32 -40.44 -17.74
CA ASN B 203 -5.24 -41.27 -16.54
C ASN B 203 -6.58 -41.22 -15.84
N LEU B 204 -7.45 -42.18 -16.13
CA LEU B 204 -8.81 -42.12 -15.62
C LEU B 204 -8.85 -42.64 -14.18
N MET B 205 -9.33 -41.80 -13.26
CA MET B 205 -9.25 -42.09 -11.83
C MET B 205 -10.42 -42.95 -11.36
N THR B 206 -10.48 -44.18 -11.89
CA THR B 206 -11.61 -45.08 -11.68
C THR B 206 -11.51 -45.79 -10.32
N TYR B 207 -11.54 -44.98 -9.27
CA TYR B 207 -11.48 -45.47 -7.89
C TYR B 207 -11.95 -44.34 -6.99
N ASP B 208 -12.10 -44.67 -5.71
CA ASP B 208 -12.54 -43.70 -4.69
C ASP B 208 -13.94 -43.19 -5.02
N PHE B 209 -14.84 -44.13 -5.33
CA PHE B 209 -16.20 -43.81 -5.78
C PHE B 209 -17.20 -43.63 -4.66
N HIS B 210 -16.88 -44.06 -3.43
CA HIS B 210 -17.87 -44.22 -2.36
C HIS B 210 -17.41 -43.50 -1.09
N GLY B 211 -17.80 -42.22 -0.97
CA GLY B 211 -17.46 -41.45 0.21
C GLY B 211 -18.25 -41.87 1.44
N VAL B 212 -17.71 -41.51 2.60
CA VAL B 212 -18.35 -41.86 3.87
C VAL B 212 -19.70 -41.16 4.04
N TRP B 213 -19.95 -40.08 3.29
CA TRP B 213 -21.24 -39.40 3.33
C TRP B 213 -22.40 -40.31 2.92
N ARG B 214 -22.13 -41.41 2.22
CA ARG B 214 -23.21 -42.33 1.86
C ARG B 214 -23.81 -43.02 3.08
N GLN B 215 -23.08 -43.06 4.19
CA GLN B 215 -23.53 -43.59 5.48
C GLN B 215 -23.72 -45.11 5.46
N ILE B 216 -23.27 -45.78 4.40
CA ILE B 216 -23.32 -47.24 4.31
C ILE B 216 -22.00 -47.70 3.72
N THR B 217 -21.71 -48.99 3.92
CA THR B 217 -20.53 -49.55 3.29
C THR B 217 -20.71 -49.62 1.78
N GLY B 218 -19.62 -49.45 1.06
CA GLY B 218 -19.63 -49.59 -0.38
C GLY B 218 -18.23 -49.76 -0.89
N HIS B 219 -18.10 -50.45 -2.02
CA HIS B 219 -16.80 -50.61 -2.64
C HIS B 219 -16.47 -49.35 -3.45
N HIS B 220 -15.24 -48.88 -3.30
CA HIS B 220 -14.82 -47.63 -3.93
C HIS B 220 -14.37 -47.81 -5.38
N SER B 221 -14.22 -49.03 -5.85
CA SER B 221 -13.83 -49.22 -7.25
C SER B 221 -14.51 -50.46 -7.83
N PRO B 222 -15.84 -50.50 -7.87
CA PRO B 222 -16.51 -51.66 -8.49
C PRO B 222 -16.41 -51.60 -10.00
N LEU B 223 -16.22 -52.77 -10.62
CA LEU B 223 -16.17 -52.82 -12.07
C LEU B 223 -17.53 -52.49 -12.67
N PHE B 224 -18.57 -53.18 -12.23
CA PHE B 224 -19.93 -52.94 -12.69
C PHE B 224 -20.82 -52.52 -11.52
N GLN B 225 -22.01 -52.04 -11.88
CA GLN B 225 -23.03 -51.69 -10.90
C GLN B 225 -23.52 -52.94 -10.18
N GLY B 226 -23.91 -52.76 -8.92
CA GLY B 226 -24.43 -53.84 -8.11
C GLY B 226 -25.91 -54.05 -8.30
N GLN B 227 -26.51 -54.70 -7.29
CA GLN B 227 -27.94 -54.98 -7.30
C GLN B 227 -28.80 -53.74 -7.10
N LYS B 228 -28.29 -52.71 -6.43
CA LYS B 228 -29.09 -51.52 -6.20
C LYS B 228 -29.04 -50.61 -7.42
N ASP B 229 -30.07 -49.78 -7.56
CA ASP B 229 -30.20 -48.86 -8.70
C ASP B 229 -30.63 -47.47 -8.22
N THR B 230 -29.90 -46.94 -7.24
CA THR B 230 -30.07 -45.55 -6.84
C THR B 230 -29.34 -44.65 -7.83
N ARG B 231 -29.62 -43.34 -7.76
CA ARG B 231 -28.86 -42.35 -8.53
C ARG B 231 -27.36 -42.57 -8.37
N PHE B 232 -26.89 -42.68 -7.12
CA PHE B 232 -25.47 -42.78 -6.85
C PHE B 232 -24.89 -44.10 -7.34
N ASP B 233 -25.69 -45.16 -7.32
CA ASP B 233 -25.25 -46.49 -7.72
C ASP B 233 -24.98 -46.61 -9.21
N ARG B 234 -25.79 -45.96 -10.05
CA ARG B 234 -25.69 -46.23 -11.47
C ARG B 234 -24.41 -45.66 -12.10
N TYR B 235 -23.91 -44.52 -11.60
CA TYR B 235 -22.75 -43.87 -12.21
C TYR B 235 -21.41 -44.27 -11.58
N SER B 236 -21.41 -44.74 -10.34
CA SER B 236 -20.19 -44.83 -9.54
C SER B 236 -19.54 -46.20 -9.67
N ASN B 237 -19.11 -46.53 -10.90
CA ASN B 237 -18.41 -47.77 -11.16
C ASN B 237 -17.50 -47.59 -12.38
N VAL B 238 -16.54 -48.51 -12.52
CA VAL B 238 -15.50 -48.37 -13.54
C VAL B 238 -16.12 -48.37 -14.93
N ASN B 239 -17.01 -49.32 -15.18
CA ASN B 239 -17.61 -49.48 -16.51
C ASN B 239 -18.29 -48.20 -16.98
N TYR B 240 -19.12 -47.59 -16.13
CA TYR B 240 -19.82 -46.38 -16.53
C TYR B 240 -18.84 -45.27 -16.87
N ALA B 241 -17.82 -45.08 -16.05
CA ALA B 241 -16.86 -44.02 -16.31
C ALA B 241 -16.15 -44.23 -17.63
N VAL B 242 -15.71 -45.46 -17.90
CA VAL B 242 -15.02 -45.75 -19.16
C VAL B 242 -15.93 -45.52 -20.35
N GLN B 243 -17.11 -46.16 -20.36
CA GLN B 243 -18.01 -46.01 -21.51
C GLN B 243 -18.46 -44.56 -21.67
N TYR B 244 -18.59 -43.83 -20.58
CA TYR B 244 -19.00 -42.43 -20.65
C TYR B 244 -17.88 -41.59 -21.26
N MET B 245 -16.64 -41.81 -20.84
CA MET B 245 -15.52 -41.10 -21.44
C MET B 245 -15.43 -41.36 -22.94
N ILE B 246 -15.64 -42.61 -23.36
CA ILE B 246 -15.61 -42.92 -24.80
C ILE B 246 -16.77 -42.23 -25.53
N ARG B 247 -17.98 -42.34 -24.97
CA ARG B 247 -19.15 -41.70 -25.56
C ARG B 247 -18.96 -40.19 -25.73
N LEU B 248 -18.17 -39.56 -24.84
CA LEU B 248 -17.91 -38.13 -24.92
C LEU B 248 -16.76 -37.77 -25.84
N GLY B 249 -16.13 -38.73 -26.49
CA GLY B 249 -15.15 -38.46 -27.51
C GLY B 249 -13.71 -38.69 -27.13
N ALA B 250 -13.45 -39.37 -26.01
CA ALA B 250 -12.11 -39.86 -25.72
C ALA B 250 -11.86 -41.12 -26.54
N GLN B 251 -10.67 -41.20 -27.10
CA GLN B 251 -10.28 -42.36 -27.89
C GLN B 251 -9.90 -43.50 -26.96
N ALA B 252 -10.46 -44.69 -27.21
CA ALA B 252 -10.10 -45.86 -26.42
C ALA B 252 -8.58 -46.02 -26.35
N SER B 253 -7.89 -45.73 -27.46
CA SER B 253 -6.43 -45.77 -27.49
C SER B 253 -5.79 -44.67 -26.65
N LYS B 254 -6.58 -43.69 -26.18
CA LYS B 254 -6.08 -42.67 -25.27
C LYS B 254 -6.37 -42.98 -23.81
N LEU B 255 -7.37 -43.81 -23.54
CA LEU B 255 -7.85 -44.03 -22.17
C LEU B 255 -7.02 -45.06 -21.44
N LEU B 256 -6.49 -44.67 -20.29
CA LEU B 256 -5.92 -45.60 -19.33
C LEU B 256 -6.90 -45.77 -18.17
N MET B 257 -7.24 -47.03 -17.89
CA MET B 257 -8.20 -47.34 -16.84
C MET B 257 -7.46 -47.39 -15.51
N GLY B 258 -7.84 -46.51 -14.59
CA GLY B 258 -7.18 -46.45 -13.31
C GLY B 258 -7.54 -47.65 -12.45
N ILE B 259 -6.52 -48.24 -11.83
CA ILE B 259 -6.70 -49.37 -10.93
C ILE B 259 -6.05 -49.04 -9.60
N PRO B 260 -6.77 -49.13 -8.48
CA PRO B 260 -6.18 -48.79 -7.19
C PRO B 260 -5.46 -49.98 -6.56
N THR B 261 -4.40 -49.66 -5.82
CA THR B 261 -3.75 -50.64 -4.96
C THR B 261 -4.18 -50.51 -3.52
N PHE B 262 -5.03 -49.53 -3.21
CA PHE B 262 -5.46 -49.24 -1.86
C PHE B 262 -6.92 -49.61 -1.66
N GLY B 263 -7.29 -49.83 -0.41
CA GLY B 263 -8.67 -50.08 -0.03
C GLY B 263 -9.26 -48.87 0.66
N LYS B 264 -10.58 -48.74 0.57
CA LYS B 264 -11.31 -47.74 1.32
C LYS B 264 -12.12 -48.44 2.40
N SER B 265 -12.05 -47.92 3.63
CA SER B 265 -12.51 -48.61 4.81
C SER B 265 -13.56 -47.81 5.57
N PHE B 266 -14.34 -48.55 6.36
CA PHE B 266 -15.42 -48.03 7.17
C PHE B 266 -15.42 -48.74 8.50
N THR B 267 -15.82 -48.01 9.54
CA THR B 267 -16.14 -48.59 10.84
C THR B 267 -17.63 -48.92 10.86
N LEU B 268 -17.94 -50.16 11.22
CA LEU B 268 -19.32 -50.63 11.17
C LEU B 268 -20.10 -50.13 12.38
N ALA B 269 -21.34 -49.72 12.14
CA ALA B 269 -22.20 -49.23 13.21
C ALA B 269 -22.79 -50.35 14.04
N SER B 270 -22.87 -51.56 13.50
CA SER B 270 -23.51 -52.68 14.17
C SER B 270 -22.81 -53.96 13.72
N SER B 271 -23.41 -55.10 14.04
CA SER B 271 -22.86 -56.38 13.62
C SER B 271 -23.03 -56.60 12.12
N GLU B 272 -23.95 -55.87 11.48
CA GLU B 272 -24.12 -56.02 10.04
C GLU B 272 -22.84 -55.61 9.33
N ASN B 273 -22.34 -56.50 8.47
CA ASN B 273 -21.08 -56.27 7.77
C ASN B 273 -21.20 -56.59 6.28
N GLN B 274 -22.41 -56.64 5.76
CA GLN B 274 -22.62 -56.86 4.34
C GLN B 274 -22.44 -55.55 3.57
N LEU B 275 -22.46 -55.64 2.24
CA LEU B 275 -22.48 -54.45 1.42
C LEU B 275 -23.75 -53.66 1.71
N GLY B 276 -23.60 -52.36 1.91
CA GLY B 276 -24.71 -51.51 2.29
C GLY B 276 -25.01 -51.46 3.77
N ALA B 277 -24.18 -52.07 4.62
CA ALA B 277 -24.40 -52.03 6.05
C ALA B 277 -24.16 -50.62 6.60
N PRO B 278 -24.83 -50.26 7.69
CA PRO B 278 -24.63 -48.92 8.26
C PRO B 278 -23.26 -48.79 8.90
N ILE B 279 -22.72 -47.56 8.84
CA ILE B 279 -21.39 -47.26 9.33
C ILE B 279 -21.49 -46.17 10.38
N SER B 280 -20.46 -46.10 11.24
CA SER B 280 -20.32 -45.01 12.18
C SER B 280 -19.22 -44.02 11.80
N GLY B 281 -18.44 -44.32 10.77
CA GLY B 281 -17.46 -43.37 10.26
C GLY B 281 -16.42 -44.08 9.41
N GLU B 282 -15.34 -43.34 9.14
CA GLU B 282 -14.20 -43.92 8.43
C GLU B 282 -13.67 -45.14 9.19
N GLY B 283 -13.02 -46.03 8.44
CA GLY B 283 -12.30 -47.12 9.07
C GLY B 283 -11.13 -46.64 9.90
N LEU B 284 -10.74 -47.45 10.89
CA LEU B 284 -9.56 -47.10 11.68
C LEU B 284 -8.34 -46.99 10.77
N PRO B 285 -7.45 -46.03 11.02
CA PRO B 285 -6.30 -45.84 10.14
C PRO B 285 -5.34 -47.00 10.21
N GLY B 286 -4.59 -47.19 9.11
CA GLY B 286 -3.54 -48.17 9.10
C GLY B 286 -2.28 -47.68 9.81
N ARG B 287 -1.43 -48.64 10.19
CA ARG B 287 -0.26 -48.31 10.99
C ARG B 287 0.69 -47.39 10.23
N PHE B 288 0.85 -47.60 8.93
CA PHE B 288 1.85 -46.90 8.14
C PHE B 288 1.28 -45.75 7.32
N THR B 289 0.08 -45.92 6.75
CA THR B 289 -0.49 -44.86 5.92
C THR B 289 -1.13 -43.76 6.76
N LYS B 290 -1.63 -44.09 7.95
CA LYS B 290 -2.11 -43.12 8.93
C LYS B 290 -3.14 -42.16 8.32
N GLU B 291 -4.11 -42.74 7.63
CA GLU B 291 -5.19 -41.95 7.02
C GLU B 291 -6.47 -42.75 7.21
N ALA B 292 -7.32 -42.30 8.14
CA ALA B 292 -8.59 -42.96 8.38
C ALA B 292 -9.37 -43.10 7.09
N GLY B 293 -9.89 -44.30 6.85
CA GLY B 293 -10.62 -44.59 5.63
C GLY B 293 -9.78 -45.15 4.52
N THR B 294 -8.46 -45.19 4.66
CA THR B 294 -7.56 -45.67 3.62
C THR B 294 -6.66 -46.76 4.18
N LEU B 295 -6.41 -47.77 3.38
CA LEU B 295 -5.51 -48.87 3.72
C LEU B 295 -4.65 -49.19 2.51
N ALA B 296 -3.35 -49.27 2.71
CA ALA B 296 -2.49 -49.79 1.66
C ALA B 296 -2.67 -51.30 1.57
N TYR B 297 -2.30 -51.87 0.42
CA TYR B 297 -2.46 -53.31 0.25
C TYR B 297 -1.67 -54.08 1.30
N TYR B 298 -0.47 -53.60 1.66
CA TYR B 298 0.31 -54.30 2.68
C TYR B 298 -0.35 -54.25 4.05
N GLU B 299 -1.13 -53.20 4.34
CA GLU B 299 -1.90 -53.19 5.57
C GLU B 299 -3.12 -54.11 5.47
N ILE B 300 -3.67 -54.24 4.26
CA ILE B 300 -4.81 -55.11 4.06
C ILE B 300 -4.41 -56.57 4.22
N CYS B 301 -3.23 -56.94 3.73
CA CYS B 301 -2.72 -58.30 3.94
C CYS B 301 -2.76 -58.71 5.42
N ASP B 302 -2.22 -57.86 6.29
CA ASP B 302 -2.33 -58.10 7.73
C ASP B 302 -3.78 -58.20 8.15
N PHE B 303 -4.61 -57.24 7.70
CA PHE B 303 -6.02 -57.23 8.08
C PHE B 303 -6.73 -58.53 7.72
N LEU B 304 -6.38 -59.13 6.57
CA LEU B 304 -7.08 -60.32 6.09
C LEU B 304 -6.90 -61.51 7.01
N LYS B 305 -5.80 -61.59 7.75
CA LYS B 305 -5.65 -62.72 8.67
C LYS B 305 -6.73 -62.69 9.74
N GLY B 306 -7.65 -63.65 9.68
CA GLY B 306 -8.77 -63.71 10.59
C GLY B 306 -10.00 -62.97 10.13
N ALA B 307 -10.02 -62.50 8.89
CA ALA B 307 -11.12 -61.73 8.36
C ALA B 307 -11.90 -62.56 7.36
N GLU B 308 -13.12 -62.10 7.07
CA GLU B 308 -13.94 -62.67 6.01
C GLU B 308 -13.71 -61.88 4.73
N VAL B 309 -13.46 -62.59 3.65
CA VAL B 309 -13.37 -61.98 2.33
C VAL B 309 -14.61 -62.37 1.55
N HIS B 310 -15.29 -61.37 1.01
CA HIS B 310 -16.46 -61.56 0.17
C HIS B 310 -16.15 -61.00 -1.20
N ARG B 311 -16.52 -61.76 -2.22
CA ARG B 311 -16.26 -61.43 -3.61
C ARG B 311 -17.59 -61.07 -4.23
N LEU B 312 -17.70 -59.82 -4.68
CA LEU B 312 -18.95 -59.32 -5.22
C LEU B 312 -19.15 -59.87 -6.63
N SER B 313 -20.30 -60.52 -6.86
CA SER B 313 -20.56 -61.15 -8.15
C SER B 313 -20.70 -60.11 -9.25
N ASN B 314 -21.55 -59.09 -9.03
CA ASN B 314 -21.75 -58.07 -10.06
C ASN B 314 -20.53 -57.16 -10.17
N GLU B 315 -20.02 -56.68 -9.02
CA GLU B 315 -18.99 -55.65 -9.01
C GLU B 315 -17.60 -56.20 -9.32
N LYS B 316 -17.39 -57.51 -9.17
CA LYS B 316 -16.14 -58.18 -9.57
C LYS B 316 -14.96 -57.77 -8.69
N VAL B 317 -15.22 -57.37 -7.44
CA VAL B 317 -14.15 -56.90 -6.55
C VAL B 317 -14.41 -57.40 -5.15
N PRO B 318 -13.35 -57.54 -4.36
CA PRO B 318 -13.52 -58.01 -2.98
C PRO B 318 -13.62 -56.91 -1.93
N PHE B 319 -14.40 -57.20 -0.90
CA PHE B 319 -14.30 -56.49 0.36
C PHE B 319 -14.04 -57.52 1.47
N ALA B 320 -13.38 -57.06 2.52
CA ALA B 320 -13.07 -57.90 3.66
C ALA B 320 -13.53 -57.22 4.94
N THR B 321 -13.97 -58.03 5.89
CA THR B 321 -14.57 -57.51 7.11
C THR B 321 -14.06 -58.31 8.29
N LYS B 322 -13.84 -57.61 9.41
CA LYS B 322 -13.37 -58.26 10.63
C LYS B 322 -13.67 -57.34 11.79
N GLY B 323 -14.38 -57.86 12.78
CA GLY B 323 -14.89 -57.01 13.83
C GLY B 323 -15.74 -55.91 13.23
N ASN B 324 -15.56 -54.69 13.73
CA ASN B 324 -16.28 -53.54 13.20
C ASN B 324 -15.55 -52.86 12.05
N GLN B 325 -14.58 -53.52 11.42
CA GLN B 325 -13.87 -52.93 10.30
C GLN B 325 -14.28 -53.59 8.98
N TRP B 326 -14.39 -52.76 7.94
CA TRP B 326 -14.90 -53.16 6.63
C TRP B 326 -14.08 -52.42 5.58
N VAL B 327 -13.47 -53.14 4.64
CA VAL B 327 -12.61 -52.49 3.64
C VAL B 327 -12.87 -53.07 2.25
N GLY B 328 -13.16 -52.22 1.29
CA GLY B 328 -13.23 -52.63 -0.11
C GLY B 328 -11.91 -52.36 -0.78
N TYR B 329 -11.41 -53.37 -1.52
CA TYR B 329 -10.04 -53.30 -2.01
C TYR B 329 -9.88 -54.12 -3.28
N GLU B 330 -8.64 -54.18 -3.75
CA GLU B 330 -8.25 -54.91 -4.95
C GLU B 330 -7.27 -56.02 -4.58
N ASP B 331 -7.48 -57.20 -5.14
CA ASP B 331 -6.51 -58.27 -5.04
C ASP B 331 -6.13 -58.74 -6.44
N LYS B 332 -5.26 -59.75 -6.48
CA LYS B 332 -4.75 -60.28 -7.73
C LYS B 332 -5.89 -60.61 -8.71
N GLU B 333 -6.90 -61.35 -8.25
CA GLU B 333 -7.97 -61.79 -9.14
C GLU B 333 -8.74 -60.62 -9.74
N SER B 334 -9.22 -59.70 -8.89
CA SER B 334 -10.03 -58.59 -9.40
C SER B 334 -9.21 -57.71 -10.32
N VAL B 335 -7.91 -57.59 -10.07
CA VAL B 335 -7.03 -56.80 -10.92
C VAL B 335 -6.88 -57.46 -12.29
N LYS B 336 -6.67 -58.79 -12.31
CA LYS B 336 -6.61 -59.50 -13.58
C LYS B 336 -7.91 -59.35 -14.35
N ASN B 337 -9.05 -59.49 -13.66
CA ASN B 337 -10.34 -59.37 -14.31
C ASN B 337 -10.55 -57.96 -14.87
N LYS B 338 -10.05 -56.94 -14.17
CA LYS B 338 -10.17 -55.58 -14.69
C LYS B 338 -9.29 -55.38 -15.92
N VAL B 339 -8.13 -56.04 -15.97
CA VAL B 339 -7.32 -55.99 -17.19
C VAL B 339 -8.06 -56.65 -18.35
N ARG B 340 -8.70 -57.80 -18.10
CA ARG B 340 -9.51 -58.44 -19.13
C ARG B 340 -10.60 -57.49 -19.63
N PHE B 341 -11.25 -56.77 -18.72
CA PHE B 341 -12.25 -55.79 -19.12
C PHE B 341 -11.64 -54.72 -20.02
N LEU B 342 -10.53 -54.13 -19.58
CA LEU B 342 -9.95 -53.02 -20.36
C LEU B 342 -9.44 -53.49 -21.72
N LYS B 343 -9.09 -54.77 -21.85
CA LYS B 343 -8.71 -55.29 -23.15
C LYS B 343 -9.93 -55.43 -24.07
N GLU B 344 -11.01 -56.01 -23.55
CA GLU B 344 -12.24 -56.06 -24.35
C GLU B 344 -12.66 -54.68 -24.84
N LYS B 345 -12.45 -53.64 -24.03
CA LYS B 345 -12.84 -52.30 -24.42
C LYS B 345 -11.75 -51.63 -25.26
N LYS B 346 -10.64 -52.32 -25.51
CA LYS B 346 -9.55 -51.86 -26.39
C LYS B 346 -8.94 -50.55 -25.88
N LEU B 347 -8.75 -50.47 -24.57
CA LEU B 347 -8.16 -49.31 -23.92
C LEU B 347 -6.64 -49.33 -24.06
N ALA B 348 -6.05 -48.14 -23.86
CA ALA B 348 -4.59 -48.00 -24.00
C ALA B 348 -3.82 -48.81 -22.96
N GLY B 349 -4.45 -49.15 -21.84
CA GLY B 349 -3.80 -49.93 -20.83
C GLY B 349 -4.33 -49.55 -19.46
N ALA B 350 -3.53 -49.82 -18.44
CA ALA B 350 -3.89 -49.57 -17.06
C ALA B 350 -3.09 -48.40 -16.50
N MET B 351 -3.72 -47.65 -15.61
CA MET B 351 -3.05 -46.69 -14.76
C MET B 351 -3.18 -47.18 -13.32
N VAL B 352 -2.14 -46.99 -12.52
CA VAL B 352 -2.08 -47.56 -11.18
C VAL B 352 -1.83 -46.44 -10.18
N TRP B 353 -2.72 -46.33 -9.19
CA TRP B 353 -2.49 -45.50 -8.01
C TRP B 353 -2.59 -46.39 -6.78
N ALA B 354 -1.47 -46.65 -6.13
CA ALA B 354 -0.15 -46.14 -6.51
C ALA B 354 0.86 -47.19 -6.10
N LEU B 355 2.11 -47.04 -6.55
CA LEU B 355 3.12 -48.07 -6.27
C LEU B 355 3.42 -48.15 -4.79
N ASP B 356 3.52 -47.00 -4.12
CA ASP B 356 3.80 -46.97 -2.68
C ASP B 356 2.65 -47.55 -1.84
N LEU B 357 1.48 -47.77 -2.43
CA LEU B 357 0.37 -48.39 -1.71
C LEU B 357 0.22 -49.87 -2.04
N ASP B 358 0.95 -50.34 -3.05
CA ASP B 358 1.11 -51.76 -3.28
C ASP B 358 2.08 -52.35 -2.26
N ASP B 359 2.08 -53.67 -2.14
CA ASP B 359 3.03 -54.35 -1.25
C ASP B 359 4.39 -54.34 -1.93
N PHE B 360 5.04 -53.18 -1.90
CA PHE B 360 6.28 -53.01 -2.66
C PHE B 360 7.47 -53.74 -2.04
N GLN B 361 7.41 -54.10 -0.75
CA GLN B 361 8.52 -54.78 -0.10
C GLN B 361 8.30 -56.27 0.08
N GLY B 362 7.21 -56.82 -0.46
CA GLY B 362 6.98 -58.25 -0.37
C GLY B 362 6.61 -58.74 1.01
N THR B 363 6.04 -57.87 1.84
CA THR B 363 5.62 -58.27 3.19
C THR B 363 4.53 -59.34 3.15
N CYS B 364 3.63 -59.28 2.16
CA CYS B 364 2.46 -60.14 2.16
C CYS B 364 2.83 -61.59 1.90
N GLN B 365 3.65 -61.81 0.87
CA GLN B 365 4.05 -63.14 0.43
C GLN B 365 5.54 -63.11 0.15
N PRO B 366 6.26 -64.15 0.54
CA PRO B 366 7.72 -64.13 0.36
C PRO B 366 8.15 -63.89 -1.07
N LYS B 367 8.95 -62.85 -1.26
CA LYS B 367 9.60 -62.49 -2.52
C LYS B 367 8.62 -62.09 -3.62
N GLU B 368 7.36 -61.81 -3.28
CA GLU B 368 6.40 -61.26 -4.23
C GLU B 368 6.34 -59.73 -4.08
N PHE B 369 7.25 -59.06 -4.79
CA PHE B 369 7.29 -57.61 -4.79
C PHE B 369 6.24 -57.07 -5.74
N PHE B 370 5.55 -56.02 -5.33
CA PHE B 370 4.51 -55.39 -6.13
C PHE B 370 3.50 -56.41 -6.66
N PRO B 371 2.87 -57.19 -5.79
CA PRO B 371 1.97 -58.26 -6.28
C PRO B 371 0.84 -57.75 -7.15
N LEU B 372 0.23 -56.63 -6.79
CA LEU B 372 -0.91 -56.12 -7.56
C LEU B 372 -0.46 -55.59 -8.91
N THR B 373 0.57 -54.74 -8.92
CA THR B 373 1.05 -54.18 -10.19
C THR B 373 1.61 -55.26 -11.10
N ASN B 374 2.37 -56.21 -10.55
CA ASN B 374 2.83 -57.34 -11.35
C ASN B 374 1.67 -58.17 -11.88
N ALA B 375 0.60 -58.31 -11.09
CA ALA B 375 -0.58 -59.00 -11.59
C ALA B 375 -1.18 -58.26 -12.79
N ILE B 376 -1.19 -56.92 -12.72
CA ILE B 376 -1.68 -56.14 -13.86
C ILE B 376 -0.79 -56.35 -15.07
N LYS B 377 0.53 -56.28 -14.87
CA LYS B 377 1.48 -56.47 -15.97
C LYS B 377 1.31 -57.85 -16.61
N ASP B 378 1.26 -58.90 -15.79
CA ASP B 378 1.08 -60.26 -16.32
C ASP B 378 -0.21 -60.38 -17.09
N ALA B 379 -1.30 -59.80 -16.57
CA ALA B 379 -2.57 -59.90 -17.29
C ALA B 379 -2.55 -59.10 -18.59
N LEU B 380 -1.75 -58.03 -18.66
CA LEU B 380 -1.62 -57.29 -19.90
C LEU B 380 -0.82 -58.05 -20.95
N ALA B 381 0.14 -58.87 -20.53
CA ALA B 381 0.91 -59.70 -21.45
C ALA B 381 0.14 -60.92 -21.95
N TYR C 22 -36.81 -3.36 11.60
CA TYR C 22 -36.01 -4.55 11.86
C TYR C 22 -34.99 -4.80 10.75
N LYS C 23 -33.80 -5.23 11.14
CA LYS C 23 -32.75 -5.65 10.20
C LYS C 23 -32.76 -7.16 10.04
N LEU C 24 -32.49 -7.62 8.82
CA LEU C 24 -32.24 -9.03 8.54
C LEU C 24 -30.85 -9.12 7.92
N VAL C 25 -29.87 -9.48 8.74
CA VAL C 25 -28.46 -9.46 8.34
C VAL C 25 -28.03 -10.88 8.03
N CYS C 26 -27.59 -11.12 6.79
CA CYS C 26 -27.38 -12.46 6.28
C CYS C 26 -25.91 -12.64 5.90
N TYR C 27 -25.26 -13.62 6.54
CA TYR C 27 -23.91 -14.02 6.15
C TYR C 27 -23.94 -15.02 5.00
N PHE C 28 -22.90 -14.97 4.16
CA PHE C 28 -22.57 -16.09 3.30
C PHE C 28 -21.05 -16.20 3.20
N THR C 29 -20.59 -17.38 2.81
CA THR C 29 -19.18 -17.71 2.84
C THR C 29 -18.59 -17.76 1.44
N SER C 30 -17.32 -17.37 1.34
CA SER C 30 -16.62 -17.46 0.06
C SER C 30 -16.32 -18.91 -0.31
N TRP C 31 -15.97 -19.75 0.66
CA TRP C 31 -15.57 -21.12 0.35
C TRP C 31 -16.75 -21.98 -0.11
N SER C 32 -17.99 -21.53 0.12
CA SER C 32 -19.15 -22.27 -0.36
C SER C 32 -19.16 -22.38 -1.88
N GLN C 33 -18.41 -21.53 -2.57
CA GLN C 33 -18.34 -21.62 -4.02
C GLN C 33 -17.67 -22.91 -4.46
N TYR C 34 -16.82 -23.49 -3.63
CA TYR C 34 -16.02 -24.65 -4.03
C TYR C 34 -16.74 -25.96 -3.81
N ARG C 35 -17.94 -25.94 -3.24
CA ARG C 35 -18.66 -27.18 -3.05
C ARG C 35 -19.13 -27.74 -4.38
N GLU C 36 -19.26 -29.07 -4.41
CA GLU C 36 -19.56 -29.81 -5.61
C GLU C 36 -21.01 -29.59 -6.03
N GLY C 37 -21.23 -29.59 -7.35
CA GLY C 37 -22.59 -29.70 -7.87
C GLY C 37 -23.53 -28.62 -7.41
N VAL C 38 -24.72 -29.05 -6.97
CA VAL C 38 -25.77 -28.13 -6.53
C VAL C 38 -25.42 -27.40 -5.25
N GLY C 39 -24.37 -27.83 -4.54
CA GLY C 39 -23.94 -27.15 -3.33
C GLY C 39 -23.18 -25.85 -3.56
N SER C 40 -22.63 -25.66 -4.76
CA SER C 40 -21.84 -24.47 -5.05
C SER C 40 -22.70 -23.21 -4.93
N PHE C 41 -22.22 -22.24 -4.16
CA PHE C 41 -22.97 -21.02 -3.86
C PHE C 41 -22.17 -19.81 -4.32
N LEU C 42 -22.82 -18.94 -5.09
CA LEU C 42 -22.28 -17.66 -5.50
C LEU C 42 -23.30 -16.58 -5.17
N PRO C 43 -22.84 -15.34 -4.92
CA PRO C 43 -23.76 -14.30 -4.43
C PRO C 43 -24.89 -13.94 -5.39
N ASP C 44 -24.71 -14.16 -6.69
CA ASP C 44 -25.79 -13.84 -7.63
C ASP C 44 -26.98 -14.80 -7.49
N ALA C 45 -26.88 -15.84 -6.67
CA ALA C 45 -28.02 -16.67 -6.35
C ALA C 45 -28.92 -16.08 -5.26
N ILE C 46 -28.51 -14.97 -4.66
CA ILE C 46 -29.28 -14.35 -3.59
C ILE C 46 -30.42 -13.53 -4.17
N GLN C 47 -31.62 -13.74 -3.65
CA GLN C 47 -32.74 -12.85 -3.98
C GLN C 47 -32.46 -11.45 -3.46
N PRO C 48 -32.52 -10.42 -4.30
CA PRO C 48 -32.09 -9.07 -3.87
C PRO C 48 -32.93 -8.46 -2.75
N PHE C 49 -34.16 -8.92 -2.54
CA PHE C 49 -35.04 -8.37 -1.51
C PHE C 49 -35.13 -9.28 -0.29
N LEU C 50 -34.33 -10.35 -0.25
CA LEU C 50 -34.34 -11.27 0.89
C LEU C 50 -33.93 -10.57 2.18
N CYS C 51 -32.79 -9.88 2.16
CA CYS C 51 -32.12 -9.42 3.37
C CYS C 51 -31.94 -7.91 3.30
N THR C 52 -31.84 -7.28 4.48
CA THR C 52 -31.50 -5.86 4.51
C THR C 52 -29.99 -5.66 4.40
N HIS C 53 -29.21 -6.56 4.99
CA HIS C 53 -27.76 -6.50 4.95
C HIS C 53 -27.22 -7.87 4.58
N ILE C 54 -26.18 -7.89 3.75
CA ILE C 54 -25.50 -9.12 3.34
C ILE C 54 -24.03 -8.97 3.68
N ILE C 55 -23.46 -9.99 4.34
CA ILE C 55 -22.08 -9.94 4.82
C ILE C 55 -21.25 -11.02 4.11
N TYR C 56 -20.12 -10.60 3.54
CA TYR C 56 -19.21 -11.48 2.84
C TYR C 56 -18.11 -11.96 3.78
N SER C 57 -18.06 -13.27 4.02
CA SER C 57 -17.04 -13.89 4.87
C SER C 57 -16.13 -14.78 4.03
N PHE C 58 -14.82 -14.64 4.17
CA PHE C 58 -14.17 -13.65 5.03
C PHE C 58 -13.06 -12.93 4.26
N ALA C 59 -12.75 -11.71 4.68
CA ALA C 59 -11.55 -11.02 4.21
C ALA C 59 -10.36 -11.37 5.07
N ASN C 60 -9.17 -11.23 4.50
CA ASN C 60 -7.92 -11.48 5.18
C ASN C 60 -7.23 -10.18 5.58
N ILE C 61 -6.07 -10.31 6.21
CA ILE C 61 -5.20 -9.17 6.49
C ILE C 61 -3.80 -9.54 6.01
N SER C 62 -3.24 -8.70 5.14
CA SER C 62 -1.92 -8.98 4.58
C SER C 62 -0.83 -8.87 5.65
N SER C 63 0.35 -9.42 5.32
CA SER C 63 1.48 -9.34 6.23
C SER C 63 1.93 -7.91 6.47
N ASP C 64 1.53 -6.97 5.60
CA ASP C 64 1.70 -5.54 5.86
C ASP C 64 0.54 -4.95 6.65
N ASN C 65 -0.24 -5.80 7.31
CA ASN C 65 -1.31 -5.39 8.23
C ASN C 65 -2.44 -4.65 7.53
N MET C 66 -2.68 -4.89 6.25
CA MET C 66 -3.71 -4.15 5.52
C MET C 66 -4.82 -5.10 5.08
N LEU C 67 -6.06 -4.62 5.20
CA LEU C 67 -7.23 -5.37 4.75
C LEU C 67 -7.05 -5.82 3.31
N SER C 68 -7.37 -7.09 3.05
CA SER C 68 -7.12 -7.65 1.73
C SER C 68 -8.13 -8.74 1.43
N THR C 69 -8.16 -9.15 0.17
CA THR C 69 -8.93 -10.31 -0.22
C THR C 69 -8.29 -11.57 0.35
N TRP C 70 -9.08 -12.65 0.36
CA TRP C 70 -8.59 -13.96 0.80
C TRP C 70 -8.31 -14.85 -0.39
N GLU C 71 -9.31 -15.06 -1.25
CA GLU C 71 -9.16 -15.88 -2.43
C GLU C 71 -8.72 -15.04 -3.61
N TRP C 72 -8.04 -15.68 -4.56
CA TRP C 72 -7.58 -15.00 -5.77
C TRP C 72 -8.72 -14.29 -6.50
N ASN C 73 -9.94 -14.80 -6.38
CA ASN C 73 -11.07 -14.31 -7.18
C ASN C 73 -12.11 -13.58 -6.35
N ASP C 74 -11.80 -13.25 -5.10
CA ASP C 74 -12.74 -12.49 -4.26
C ASP C 74 -13.28 -11.26 -4.97
N GLU C 75 -12.44 -10.56 -5.73
CA GLU C 75 -12.86 -9.35 -6.43
C GLU C 75 -14.09 -9.60 -7.31
N SER C 76 -14.08 -10.70 -8.08
CA SER C 76 -15.19 -10.97 -8.98
C SER C 76 -16.46 -11.28 -8.20
N ASN C 77 -16.34 -11.87 -7.00
CA ASN C 77 -17.49 -12.12 -6.14
C ASN C 77 -17.97 -10.84 -5.46
N TYR C 78 -17.06 -9.93 -5.14
CA TYR C 78 -17.46 -8.58 -4.73
C TYR C 78 -18.34 -7.95 -5.81
N ASP C 79 -17.99 -8.17 -7.08
CA ASP C 79 -18.79 -7.64 -8.17
C ASP C 79 -20.17 -8.30 -8.22
N LYS C 80 -20.19 -9.64 -8.14
CA LYS C 80 -21.43 -10.39 -8.10
C LYS C 80 -22.33 -9.92 -6.97
N LEU C 81 -21.73 -9.50 -5.86
CA LEU C 81 -22.47 -9.07 -4.68
C LEU C 81 -23.00 -7.65 -4.80
N ASN C 82 -22.16 -6.71 -5.28
CA ASN C 82 -22.63 -5.33 -5.38
C ASN C 82 -23.55 -5.10 -6.56
N LYS C 83 -23.44 -5.90 -7.62
CA LYS C 83 -24.41 -5.78 -8.71
C LYS C 83 -25.82 -6.08 -8.23
N LEU C 84 -25.95 -6.81 -7.11
CA LEU C 84 -27.25 -7.00 -6.47
C LEU C 84 -27.88 -5.68 -6.03
N LYS C 85 -27.07 -4.72 -5.59
CA LYS C 85 -27.63 -3.47 -5.06
C LYS C 85 -28.26 -2.61 -6.14
N THR C 86 -27.97 -2.86 -7.42
CA THR C 86 -28.67 -2.16 -8.48
C THR C 86 -30.11 -2.65 -8.64
N ARG C 87 -30.40 -3.88 -8.22
CA ARG C 87 -31.75 -4.42 -8.26
C ARG C 87 -32.52 -4.16 -6.97
N ASN C 88 -31.83 -3.90 -5.87
CA ASN C 88 -32.44 -3.44 -4.63
C ASN C 88 -31.53 -2.35 -4.09
N THR C 89 -31.89 -1.09 -4.36
CA THR C 89 -31.02 0.02 -4.04
C THR C 89 -30.96 0.32 -2.55
N ASN C 90 -31.81 -0.32 -1.75
CA ASN C 90 -31.77 -0.19 -0.30
C ASN C 90 -30.90 -1.24 0.37
N LEU C 91 -30.38 -2.21 -0.39
CA LEU C 91 -29.55 -3.28 0.15
C LEU C 91 -28.18 -2.76 0.60
N LYS C 92 -27.75 -3.19 1.78
CA LYS C 92 -26.43 -2.86 2.33
C LYS C 92 -25.55 -4.10 2.33
N THR C 93 -24.29 -3.93 1.94
CA THR C 93 -23.31 -5.01 1.99
C THR C 93 -22.17 -4.66 2.96
N LEU C 94 -21.68 -5.68 3.67
CA LEU C 94 -20.53 -5.53 4.56
C LEU C 94 -19.51 -6.63 4.27
N LEU C 95 -18.25 -6.32 4.51
CA LEU C 95 -17.15 -7.26 4.38
C LEU C 95 -16.71 -7.69 5.78
N SER C 96 -16.73 -8.99 6.05
CA SER C 96 -16.33 -9.52 7.35
C SER C 96 -14.87 -9.94 7.30
N VAL C 97 -14.08 -9.44 8.24
CA VAL C 97 -12.65 -9.72 8.32
C VAL C 97 -12.41 -10.61 9.52
N GLY C 98 -11.56 -11.62 9.32
CA GLY C 98 -11.29 -12.58 10.38
C GLY C 98 -11.85 -13.95 10.04
N GLY C 99 -12.69 -14.48 10.92
CA GLY C 99 -13.22 -15.81 10.76
C GLY C 99 -12.45 -16.83 11.58
N TRP C 100 -13.02 -18.04 11.65
CA TRP C 100 -12.42 -19.07 12.49
C TRP C 100 -11.06 -19.51 11.96
N LYS C 101 -10.96 -19.75 10.64
CA LYS C 101 -9.67 -20.15 10.07
C LYS C 101 -8.61 -19.09 10.33
N PHE C 102 -8.98 -17.81 10.22
CA PHE C 102 -8.03 -16.74 10.45
C PHE C 102 -7.36 -16.83 11.82
N GLY C 103 -8.13 -17.19 12.84
CA GLY C 103 -7.57 -17.41 14.16
C GLY C 103 -7.42 -16.14 14.97
N GLY C 104 -7.37 -16.33 16.29
CA GLY C 104 -7.17 -15.19 17.18
C GLY C 104 -5.76 -14.63 17.15
N LYS C 105 -4.75 -15.50 17.00
CA LYS C 105 -3.36 -15.06 17.08
C LYS C 105 -3.07 -13.82 16.23
N ARG C 106 -3.51 -13.84 14.98
CA ARG C 106 -3.14 -12.75 14.08
C ARG C 106 -3.73 -11.44 14.58
N PHE C 107 -4.98 -11.49 15.05
CA PHE C 107 -5.61 -10.31 15.61
C PHE C 107 -4.91 -9.84 16.88
N SER C 108 -4.47 -10.77 17.73
CA SER C 108 -3.69 -10.39 18.90
C SER C 108 -2.41 -9.68 18.51
N GLU C 109 -1.72 -10.20 17.50
CA GLU C 109 -0.48 -9.59 17.00
C GLU C 109 -0.73 -8.18 16.48
N ILE C 110 -1.81 -7.99 15.72
CA ILE C 110 -2.06 -6.71 15.08
C ILE C 110 -2.58 -5.68 16.09
N ALA C 111 -3.63 -6.06 16.84
CA ALA C 111 -4.33 -5.10 17.69
C ALA C 111 -3.47 -4.59 18.84
N SER C 112 -2.57 -5.41 19.37
CA SER C 112 -1.78 -5.03 20.54
C SER C 112 -0.59 -4.15 20.19
N ASN C 113 -0.37 -3.87 18.91
CA ASN C 113 0.75 -3.04 18.45
C ASN C 113 0.19 -1.82 17.76
N THR C 114 0.57 -0.63 18.26
CA THR C 114 -0.04 0.60 17.80
C THR C 114 0.17 0.84 16.31
N GLU C 115 1.37 0.53 15.80
CA GLU C 115 1.64 0.78 14.38
C GLU C 115 0.86 -0.16 13.48
N ARG C 116 0.94 -1.46 13.76
CA ARG C 116 0.23 -2.45 12.95
C ARG C 116 -1.27 -2.19 12.97
N ARG C 117 -1.81 -1.94 14.17
CA ARG C 117 -3.24 -1.64 14.29
C ARG C 117 -3.61 -0.41 13.48
N THR C 118 -2.79 0.64 13.54
CA THR C 118 -3.10 1.85 12.79
C THR C 118 -3.05 1.61 11.29
N ALA C 119 -2.06 0.85 10.82
CA ALA C 119 -2.00 0.50 9.40
C ALA C 119 -3.28 -0.18 8.94
N PHE C 120 -3.76 -1.14 9.73
CA PHE C 120 -5.00 -1.83 9.37
C PHE C 120 -6.19 -0.86 9.35
N VAL C 121 -6.41 -0.19 10.47
CA VAL C 121 -7.52 0.75 10.61
C VAL C 121 -7.57 1.70 9.42
N ARG C 122 -6.41 2.25 9.04
CA ARG C 122 -6.40 3.17 7.91
C ARG C 122 -6.68 2.43 6.60
N SER C 123 -6.30 1.16 6.52
CA SER C 123 -6.49 0.41 5.28
C SER C 123 -7.95 0.07 5.02
N VAL C 124 -8.79 0.07 6.06
CA VAL C 124 -10.14 -0.49 5.89
C VAL C 124 -10.97 0.34 4.91
N ALA C 125 -11.16 1.63 5.20
CA ALA C 125 -12.12 2.42 4.42
C ALA C 125 -11.80 2.50 2.93
N PRO C 126 -10.57 2.81 2.50
CA PRO C 126 -10.28 2.78 1.06
C PRO C 126 -10.63 1.46 0.41
N PHE C 127 -10.34 0.35 1.09
CA PHE C 127 -10.67 -0.98 0.56
C PHE C 127 -12.18 -1.12 0.35
N LEU C 128 -12.97 -0.88 1.41
CA LEU C 128 -14.42 -1.01 1.35
C LEU C 128 -15.02 -0.14 0.25
N ARG C 129 -14.59 1.12 0.18
CA ARG C 129 -15.11 2.01 -0.85
C ARG C 129 -14.72 1.55 -2.26
N SER C 130 -13.47 1.11 -2.41
CA SER C 130 -13.00 0.64 -3.71
C SER C 130 -13.86 -0.48 -4.28
N TYR C 131 -14.37 -1.36 -3.42
CA TYR C 131 -15.15 -2.51 -3.84
C TYR C 131 -16.64 -2.33 -3.61
N GLY C 132 -17.09 -1.14 -3.20
CA GLY C 132 -18.51 -0.88 -3.11
C GLY C 132 -19.18 -1.42 -1.88
N PHE C 133 -18.44 -1.64 -0.80
CA PHE C 133 -19.00 -2.15 0.44
C PHE C 133 -19.51 -1.01 1.30
N ASP C 134 -20.58 -1.28 2.05
CA ASP C 134 -21.15 -0.27 2.94
C ASP C 134 -20.64 -0.36 4.37
N GLY C 135 -19.79 -1.34 4.70
CA GLY C 135 -19.32 -1.45 6.07
C GLY C 135 -18.37 -2.60 6.25
N LEU C 136 -17.82 -2.67 7.47
CA LEU C 136 -16.93 -3.73 7.90
C LEU C 136 -17.56 -4.50 9.05
N ASP C 137 -17.43 -5.82 9.00
CA ASP C 137 -17.81 -6.69 10.11
C ASP C 137 -16.55 -7.28 10.73
N LEU C 138 -16.44 -7.17 12.05
CA LEU C 138 -15.28 -7.68 12.77
C LEU C 138 -15.59 -9.08 13.26
N ALA C 139 -14.76 -10.06 12.85
CA ALA C 139 -14.94 -11.46 13.22
C ALA C 139 -13.65 -11.97 13.87
N TRP C 140 -13.32 -11.39 15.02
CA TRP C 140 -12.19 -11.83 15.83
C TRP C 140 -12.69 -12.97 16.72
N LEU C 141 -12.38 -14.20 16.32
CA LEU C 141 -12.89 -15.40 16.99
C LEU C 141 -11.71 -16.17 17.58
N TYR C 142 -11.39 -15.93 18.86
CA TYR C 142 -12.05 -14.96 19.73
C TYR C 142 -10.99 -14.28 20.58
N PRO C 143 -11.21 -13.03 20.98
CA PRO C 143 -10.23 -12.35 21.85
C PRO C 143 -10.19 -12.99 23.23
N ARG C 144 -8.97 -13.17 23.75
CA ARG C 144 -8.80 -13.68 25.10
C ARG C 144 -8.60 -12.50 26.04
N LEU C 145 -8.34 -12.79 27.32
CA LEU C 145 -8.25 -11.72 28.32
C LEU C 145 -7.23 -10.67 27.90
N ARG C 146 -6.02 -11.08 27.53
CA ARG C 146 -4.99 -10.11 27.18
C ARG C 146 -5.37 -9.26 25.98
N ASP C 147 -6.40 -9.65 25.24
CA ASP C 147 -6.81 -8.90 24.07
C ASP C 147 -7.98 -7.96 24.33
N LYS C 148 -8.71 -8.15 25.44
CA LYS C 148 -9.98 -7.47 25.64
C LYS C 148 -9.88 -5.97 25.35
N GLN C 149 -8.97 -5.29 26.05
CA GLN C 149 -8.88 -3.84 25.87
C GLN C 149 -8.45 -3.48 24.45
N TYR C 150 -7.48 -4.21 23.90
CA TYR C 150 -7.07 -3.93 22.54
C TYR C 150 -8.25 -4.07 21.59
N PHE C 151 -9.10 -5.07 21.84
CA PHE C 151 -10.30 -5.22 21.03
C PHE C 151 -11.11 -3.94 21.06
N SER C 152 -11.40 -3.44 22.27
CA SER C 152 -12.08 -2.16 22.41
C SER C 152 -11.39 -1.10 21.58
N THR C 153 -10.06 -0.95 21.76
CA THR C 153 -9.36 0.12 21.06
C THR C 153 -9.59 0.02 19.58
N LEU C 154 -9.43 -1.19 19.03
CA LEU C 154 -9.59 -1.37 17.58
C LEU C 154 -10.94 -0.84 17.14
N ILE C 155 -12.00 -1.26 17.83
CA ILE C 155 -13.34 -0.86 17.45
C ILE C 155 -13.45 0.67 17.50
N LYS C 156 -13.05 1.27 18.62
CA LYS C 156 -13.09 2.73 18.71
C LYS C 156 -12.39 3.36 17.50
N GLU C 157 -11.18 2.89 17.22
CA GLU C 157 -10.40 3.54 16.17
C GLU C 157 -11.02 3.33 14.81
N LEU C 158 -11.69 2.20 14.59
CA LEU C 158 -12.42 2.04 13.34
C LEU C 158 -13.57 3.03 13.28
N ASN C 159 -14.35 3.12 14.37
CA ASN C 159 -15.50 4.01 14.39
C ASN C 159 -15.08 5.44 14.12
N ALA C 160 -14.09 5.92 14.88
CA ALA C 160 -13.53 7.25 14.63
C ALA C 160 -13.21 7.43 13.16
N GLU C 161 -12.50 6.48 12.56
CA GLU C 161 -12.08 6.65 11.17
C GLU C 161 -13.29 6.75 10.26
N PHE C 162 -14.31 5.89 10.49
CA PHE C 162 -15.50 5.95 9.66
C PHE C 162 -16.20 7.28 9.85
N THR C 163 -16.15 7.82 11.08
CA THR C 163 -16.69 9.15 11.31
C THR C 163 -15.92 10.19 10.51
N LYS C 164 -14.60 10.07 10.45
CA LYS C 164 -13.79 11.04 9.70
C LYS C 164 -13.93 10.91 8.18
N GLU C 165 -14.57 9.87 7.67
CA GLU C 165 -14.45 9.57 6.24
C GLU C 165 -15.67 9.96 5.41
N VAL C 166 -16.66 10.60 6.00
CA VAL C 166 -17.89 10.83 5.26
C VAL C 166 -17.64 11.94 4.26
N GLN C 167 -18.28 11.83 3.10
CA GLN C 167 -18.05 12.71 1.97
C GLN C 167 -19.33 13.29 1.40
N PRO C 168 -19.28 13.85 0.20
CA PRO C 168 -20.49 14.39 -0.44
C PRO C 168 -21.53 13.32 -0.73
N GLY C 169 -21.21 12.38 -1.62
CA GLY C 169 -22.13 11.32 -2.00
C GLY C 169 -21.99 10.07 -1.15
N ARG C 170 -21.82 10.24 0.16
CA ARG C 170 -21.55 9.14 1.06
C ARG C 170 -22.65 8.90 2.08
N GLU C 171 -22.71 7.64 2.51
CA GLU C 171 -23.31 7.19 3.75
C GLU C 171 -22.16 6.72 4.63
N LYS C 172 -22.18 7.05 5.92
CA LYS C 172 -21.09 6.62 6.79
C LYS C 172 -20.95 5.10 6.74
N LEU C 173 -19.71 4.63 6.74
CA LEU C 173 -19.43 3.20 6.78
C LEU C 173 -20.02 2.58 8.04
N LEU C 174 -20.61 1.40 7.87
CA LEU C 174 -21.13 0.64 9.00
C LEU C 174 -20.03 -0.19 9.66
N LEU C 175 -20.12 -0.35 10.97
CA LEU C 175 -19.19 -1.20 11.72
C LEU C 175 -20.00 -2.15 12.59
N SER C 176 -19.82 -3.44 12.35
CA SER C 176 -20.45 -4.48 13.15
C SER C 176 -19.39 -5.44 13.65
N ALA C 177 -19.79 -6.32 14.57
CA ALA C 177 -18.89 -7.32 15.13
C ALA C 177 -19.65 -8.60 15.40
N ALA C 178 -19.04 -9.72 15.02
CA ALA C 178 -19.54 -11.03 15.40
C ALA C 178 -19.02 -11.37 16.79
N LEU C 179 -19.93 -11.54 17.75
CA LEU C 179 -19.56 -11.81 19.13
C LEU C 179 -20.08 -13.19 19.53
N SER C 180 -19.30 -13.90 20.34
CA SER C 180 -19.72 -15.20 20.84
C SER C 180 -20.92 -15.07 21.76
N ALA C 181 -21.79 -16.08 21.72
CA ALA C 181 -22.90 -16.19 22.65
C ALA C 181 -22.58 -17.04 23.87
N GLY C 182 -21.33 -17.49 23.99
CA GLY C 182 -20.90 -18.28 25.14
C GLY C 182 -20.50 -17.37 26.29
N LYS C 183 -21.05 -17.65 27.48
CA LYS C 183 -20.82 -16.81 28.64
C LYS C 183 -19.34 -16.60 28.91
N VAL C 184 -18.56 -17.69 28.91
CA VAL C 184 -17.14 -17.59 29.26
C VAL C 184 -16.39 -16.75 28.23
N ALA C 185 -16.67 -16.98 26.94
CA ALA C 185 -16.04 -16.17 25.89
C ALA C 185 -16.37 -14.69 26.06
N ILE C 186 -17.60 -14.39 26.47
CA ILE C 186 -18.00 -13.00 26.64
C ILE C 186 -17.27 -12.37 27.82
N ASP C 187 -17.30 -13.04 28.97
CA ASP C 187 -16.58 -12.54 30.15
C ASP C 187 -15.09 -12.38 29.86
N THR C 188 -14.52 -13.28 29.05
CA THR C 188 -13.09 -13.27 28.80
C THR C 188 -12.69 -12.17 27.82
N GLY C 189 -13.44 -12.01 26.73
CA GLY C 189 -12.97 -11.21 25.63
C GLY C 189 -13.54 -9.82 25.43
N TYR C 190 -14.74 -9.56 25.95
CA TYR C 190 -15.50 -8.40 25.53
C TYR C 190 -15.73 -7.43 26.69
N ASP C 191 -15.45 -6.16 26.44
CA ASP C 191 -15.91 -5.05 27.28
C ASP C 191 -17.18 -4.53 26.61
N ILE C 192 -18.29 -5.20 26.91
CA ILE C 192 -19.53 -5.02 26.14
C ILE C 192 -19.99 -3.57 26.18
N ALA C 193 -20.08 -2.99 27.38
CA ALA C 193 -20.59 -1.63 27.51
C ALA C 193 -19.74 -0.64 26.70
N GLN C 194 -18.43 -0.89 26.60
CA GLN C 194 -17.57 0.01 25.86
C GLN C 194 -17.77 -0.13 24.35
N ILE C 195 -17.70 -1.35 23.83
CA ILE C 195 -17.72 -1.52 22.37
C ILE C 195 -19.10 -1.29 21.80
N ALA C 196 -20.16 -1.54 22.58
CA ALA C 196 -21.50 -1.35 22.07
C ALA C 196 -21.74 0.09 21.62
N GLN C 197 -21.03 1.05 22.22
CA GLN C 197 -21.19 2.46 21.85
C GLN C 197 -20.66 2.74 20.45
N HIS C 198 -19.69 1.96 19.97
CA HIS C 198 -19.01 2.25 18.72
C HIS C 198 -19.41 1.29 17.59
N LEU C 199 -20.39 0.42 17.82
CA LEU C 199 -20.83 -0.56 16.84
C LEU C 199 -22.25 -0.21 16.40
N ASP C 200 -22.48 -0.25 15.09
CA ASP C 200 -23.83 -0.03 14.59
C ASP C 200 -24.74 -1.21 14.92
N PHE C 201 -24.20 -2.44 14.92
CA PHE C 201 -24.95 -3.58 15.43
C PHE C 201 -23.99 -4.71 15.78
N ILE C 202 -24.49 -5.63 16.60
CA ILE C 202 -23.75 -6.80 17.07
C ILE C 202 -24.38 -8.05 16.47
N ASN C 203 -23.57 -8.86 15.80
CA ASN C 203 -24.05 -10.13 15.24
C ASN C 203 -23.84 -11.22 16.29
N LEU C 204 -24.87 -11.50 17.09
CA LEU C 204 -24.72 -12.41 18.21
C LEU C 204 -24.82 -13.85 17.71
N MET C 205 -23.77 -14.64 17.96
CA MET C 205 -23.63 -15.99 17.40
C MET C 205 -24.36 -17.03 18.26
N THR C 206 -25.69 -16.88 18.32
CA THR C 206 -26.53 -17.69 19.20
C THR C 206 -26.82 -19.06 18.56
N TYR C 207 -25.75 -19.81 18.35
CA TYR C 207 -25.84 -21.15 17.78
C TYR C 207 -24.52 -21.85 18.07
N ASP C 208 -24.47 -23.15 17.73
CA ASP C 208 -23.28 -23.97 17.93
C ASP C 208 -22.92 -24.04 19.42
N PHE C 209 -23.93 -24.30 20.26
CA PHE C 209 -23.80 -24.27 21.71
C PHE C 209 -23.34 -25.60 22.32
N HIS C 210 -23.38 -26.70 21.56
CA HIS C 210 -23.25 -28.04 22.12
C HIS C 210 -22.15 -28.81 21.39
N GLY C 211 -20.92 -28.69 21.90
CA GLY C 211 -19.80 -29.41 21.32
C GLY C 211 -19.87 -30.90 21.61
N VAL C 212 -19.16 -31.66 20.78
CA VAL C 212 -19.13 -33.12 20.90
C VAL C 212 -18.48 -33.57 22.19
N TRP C 213 -17.70 -32.70 22.83
CA TRP C 213 -17.10 -33.01 24.12
C TRP C 213 -18.13 -33.34 25.20
N ARG C 214 -19.39 -32.95 25.02
CA ARG C 214 -20.41 -33.25 26.01
C ARG C 214 -20.70 -34.76 26.09
N GLN C 215 -20.37 -35.51 25.04
CA GLN C 215 -20.49 -36.96 24.96
C GLN C 215 -21.94 -37.41 24.90
N ILE C 216 -22.89 -36.49 24.73
CA ILE C 216 -24.31 -36.79 24.59
C ILE C 216 -24.89 -35.90 23.49
N THR C 217 -26.05 -36.31 22.98
CA THR C 217 -26.75 -35.48 21.99
C THR C 217 -27.29 -34.22 22.65
N GLY C 218 -27.32 -33.13 21.87
CA GLY C 218 -27.88 -31.88 22.33
C GLY C 218 -28.15 -30.98 21.15
N HIS C 219 -29.15 -30.11 21.29
CA HIS C 219 -29.44 -29.14 20.26
C HIS C 219 -28.48 -27.96 20.38
N HIS C 220 -27.95 -27.54 19.23
CA HIS C 220 -26.91 -26.51 19.23
C HIS C 220 -27.46 -25.09 19.29
N SER C 221 -28.77 -24.90 19.17
CA SER C 221 -29.36 -23.56 19.25
C SER C 221 -30.73 -23.63 19.94
N PRO C 222 -30.76 -24.06 21.20
CA PRO C 222 -32.04 -24.06 21.92
C PRO C 222 -32.42 -22.64 22.32
N LEU C 223 -33.71 -22.32 22.19
CA LEU C 223 -34.17 -21.00 22.58
C LEU C 223 -34.08 -20.82 24.09
N PHE C 224 -34.66 -21.75 24.86
CA PHE C 224 -34.55 -21.73 26.31
C PHE C 224 -33.82 -23.00 26.75
N GLN C 225 -33.34 -23.00 28.00
CA GLN C 225 -32.75 -24.18 28.62
C GLN C 225 -33.81 -25.27 28.74
N GLY C 226 -33.38 -26.52 28.61
CA GLY C 226 -34.26 -27.67 28.75
C GLY C 226 -34.39 -28.14 30.18
N GLN C 227 -34.78 -29.40 30.32
CA GLN C 227 -34.97 -30.01 31.63
C GLN C 227 -33.65 -30.27 32.35
N LYS C 228 -32.55 -30.37 31.61
CA LYS C 228 -31.28 -30.75 32.21
C LYS C 228 -30.60 -29.52 32.83
N ASP C 229 -29.83 -29.78 33.88
CA ASP C 229 -29.16 -28.73 34.64
C ASP C 229 -27.72 -29.13 34.92
N THR C 230 -26.81 -28.22 34.59
CA THR C 230 -25.45 -28.22 35.11
C THR C 230 -25.08 -26.77 35.45
N ARG C 231 -23.83 -26.40 35.19
CA ARG C 231 -23.48 -24.99 35.25
C ARG C 231 -23.59 -24.35 33.87
N PHE C 232 -23.03 -25.00 32.85
CA PHE C 232 -23.12 -24.46 31.52
C PHE C 232 -24.32 -24.98 30.75
N ASP C 233 -25.19 -25.74 31.40
CA ASP C 233 -26.47 -26.06 30.78
C ASP C 233 -27.36 -24.83 30.80
N ARG C 234 -27.28 -24.05 31.89
CA ARG C 234 -28.14 -22.87 32.03
C ARG C 234 -27.71 -21.75 31.10
N TYR C 235 -26.44 -21.68 30.73
CA TYR C 235 -25.96 -20.58 29.93
C TYR C 235 -26.09 -20.83 28.43
N SER C 236 -26.16 -22.09 28.01
CA SER C 236 -25.95 -22.45 26.61
C SER C 236 -27.28 -22.49 25.84
N ASN C 237 -27.94 -21.33 25.80
CA ASN C 237 -29.18 -21.19 25.05
C ASN C 237 -29.33 -19.74 24.62
N VAL C 238 -30.22 -19.53 23.64
CA VAL C 238 -30.35 -18.22 23.00
C VAL C 238 -30.80 -17.17 24.02
N ASN C 239 -31.81 -17.51 24.82
CA ASN C 239 -32.38 -16.55 25.77
C ASN C 239 -31.32 -16.01 26.72
N TYR C 240 -30.52 -16.89 27.32
CA TYR C 240 -29.52 -16.44 28.28
C TYR C 240 -28.49 -15.54 27.60
N ALA C 241 -28.03 -15.90 26.41
CA ALA C 241 -27.02 -15.09 25.74
C ALA C 241 -27.56 -13.70 25.44
N VAL C 242 -28.80 -13.62 24.94
CA VAL C 242 -29.38 -12.31 24.62
C VAL C 242 -29.52 -11.47 25.88
N GLN C 243 -30.18 -12.02 26.91
CA GLN C 243 -30.40 -11.27 28.14
C GLN C 243 -29.09 -10.90 28.83
N TYR C 244 -28.06 -11.75 28.70
CA TYR C 244 -26.76 -11.47 29.29
C TYR C 244 -26.08 -10.32 28.57
N MET C 245 -26.11 -10.34 27.23
CA MET C 245 -25.56 -9.22 26.47
C MET C 245 -26.24 -7.91 26.85
N ILE C 246 -27.56 -7.95 27.03
CA ILE C 246 -28.28 -6.74 27.43
C ILE C 246 -27.86 -6.31 28.84
N ARG C 247 -27.79 -7.26 29.77
CA ARG C 247 -27.40 -6.97 31.14
C ARG C 247 -26.01 -6.34 31.21
N LEU C 248 -25.12 -6.68 30.28
CA LEU C 248 -23.77 -6.14 30.24
C LEU C 248 -23.65 -4.81 29.51
N GLY C 249 -24.75 -4.27 29.00
CA GLY C 249 -24.76 -2.94 28.43
C GLY C 249 -24.82 -2.88 26.92
N ALA C 250 -25.12 -3.99 26.25
CA ALA C 250 -25.49 -3.92 24.85
C ALA C 250 -26.95 -3.49 24.74
N GLN C 251 -27.20 -2.56 23.84
CA GLN C 251 -28.54 -2.03 23.62
C GLN C 251 -29.33 -2.98 22.75
N ALA C 252 -30.57 -3.29 23.18
CA ALA C 252 -31.45 -4.15 22.40
C ALA C 252 -31.52 -3.70 20.94
N SER C 253 -31.51 -2.38 20.70
CA SER C 253 -31.50 -1.85 19.35
C SER C 253 -30.21 -2.13 18.60
N LYS C 254 -29.15 -2.57 19.29
CA LYS C 254 -27.91 -2.97 18.62
C LYS C 254 -27.77 -4.47 18.45
N LEU C 255 -28.52 -5.28 19.20
CA LEU C 255 -28.33 -6.72 19.20
C LEU C 255 -29.10 -7.36 18.05
N LEU C 256 -28.38 -8.11 17.23
CA LEU C 256 -28.99 -9.01 16.24
C LEU C 256 -28.87 -10.44 16.75
N MET C 257 -30.00 -11.13 16.81
CA MET C 257 -30.05 -12.49 17.31
C MET C 257 -29.70 -13.45 16.19
N GLY C 258 -28.61 -14.19 16.37
CA GLY C 258 -28.17 -15.12 15.35
C GLY C 258 -29.10 -16.30 15.25
N ILE C 259 -29.45 -16.66 14.02
CA ILE C 259 -30.29 -17.82 13.75
C ILE C 259 -29.58 -18.70 12.75
N PRO C 260 -29.38 -19.99 13.03
CA PRO C 260 -28.68 -20.84 12.07
C PRO C 260 -29.63 -21.45 11.05
N THR C 261 -29.09 -21.65 9.84
CA THR C 261 -29.76 -22.42 8.82
C THR C 261 -29.23 -23.85 8.75
N PHE C 262 -28.24 -24.18 9.58
CA PHE C 262 -27.58 -25.47 9.58
C PHE C 262 -27.94 -26.25 10.83
N GLY C 263 -27.79 -27.56 10.75
CA GLY C 263 -27.96 -28.44 11.88
C GLY C 263 -26.61 -28.95 12.36
N LYS C 264 -26.54 -29.29 13.64
CA LYS C 264 -25.37 -29.97 14.19
C LYS C 264 -25.75 -31.40 14.51
N SER C 265 -24.90 -32.33 14.08
CA SER C 265 -25.24 -33.74 14.04
C SER C 265 -24.25 -34.57 14.85
N PHE C 266 -24.71 -35.74 15.25
CA PHE C 266 -23.98 -36.70 16.05
C PHE C 266 -24.27 -38.10 15.54
N THR C 267 -23.26 -38.97 15.66
CA THR C 267 -23.44 -40.40 15.46
C THR C 267 -23.80 -41.04 16.79
N LEU C 268 -24.88 -41.79 16.81
CA LEU C 268 -25.38 -42.36 18.05
C LEU C 268 -24.57 -43.61 18.41
N ALA C 269 -24.25 -43.75 19.68
CA ALA C 269 -23.49 -44.92 20.14
C ALA C 269 -24.34 -46.17 20.25
N SER C 270 -25.66 -46.02 20.34
CA SER C 270 -26.56 -47.14 20.53
C SER C 270 -27.90 -46.80 19.88
N SER C 271 -28.91 -47.63 20.15
CA SER C 271 -30.24 -47.37 19.62
C SER C 271 -30.92 -46.17 20.29
N GLU C 272 -30.45 -45.77 21.47
CA GLU C 272 -31.04 -44.59 22.12
C GLU C 272 -30.82 -43.36 21.26
N ASN C 273 -31.91 -42.64 20.98
CA ASN C 273 -31.87 -41.50 20.08
C ASN C 273 -32.60 -40.29 20.66
N GLN C 274 -32.84 -40.28 21.96
CA GLN C 274 -33.47 -39.15 22.62
C GLN C 274 -32.46 -38.03 22.84
N LEU C 275 -32.94 -36.89 23.33
CA LEU C 275 -32.03 -35.84 23.78
C LEU C 275 -31.22 -36.34 24.96
N GLY C 276 -29.91 -36.11 24.90
CA GLY C 276 -29.02 -36.64 25.91
C GLY C 276 -28.55 -38.07 25.68
N ALA C 277 -28.87 -38.66 24.53
CA ALA C 277 -28.42 -40.01 24.23
C ALA C 277 -26.91 -40.06 24.03
N PRO C 278 -26.29 -41.20 24.30
CA PRO C 278 -24.83 -41.31 24.12
C PRO C 278 -24.45 -41.30 22.65
N ILE C 279 -23.27 -40.73 22.38
CA ILE C 279 -22.76 -40.59 21.03
C ILE C 279 -21.39 -41.25 20.94
N SER C 280 -21.02 -41.62 19.71
CA SER C 280 -19.67 -42.09 19.41
C SER C 280 -18.84 -41.08 18.63
N GLY C 281 -19.44 -39.98 18.19
CA GLY C 281 -18.68 -38.92 17.57
C GLY C 281 -19.58 -37.97 16.80
N GLU C 282 -18.95 -37.15 15.97
CA GLU C 282 -19.67 -36.25 15.09
C GLU C 282 -20.61 -37.03 14.18
N GLY C 283 -21.64 -36.34 13.70
CA GLY C 283 -22.49 -36.91 12.68
C GLY C 283 -21.74 -37.12 11.38
N LEU C 284 -22.23 -38.08 10.60
CA LEU C 284 -21.62 -38.34 9.30
C LEU C 284 -21.74 -37.11 8.41
N PRO C 285 -20.72 -36.78 7.62
CA PRO C 285 -20.76 -35.54 6.83
C PRO C 285 -21.82 -35.60 5.74
N GLY C 286 -22.31 -34.41 5.38
CA GLY C 286 -23.20 -34.32 4.25
C GLY C 286 -22.46 -34.35 2.93
N ARG C 287 -23.22 -34.65 1.88
CA ARG C 287 -22.61 -34.85 0.56
C ARG C 287 -21.92 -33.60 0.07
N PHE C 288 -22.50 -32.43 0.31
CA PHE C 288 -22.01 -31.18 -0.26
C PHE C 288 -21.21 -30.34 0.72
N THR C 289 -21.60 -30.30 2.00
CA THR C 289 -20.87 -29.47 2.96
C THR C 289 -19.59 -30.14 3.45
N LYS C 290 -19.57 -31.47 3.48
CA LYS C 290 -18.35 -32.25 3.74
C LYS C 290 -17.67 -31.82 5.05
N GLU C 291 -18.46 -31.69 6.10
CA GLU C 291 -17.94 -31.31 7.41
C GLU C 291 -18.68 -32.13 8.45
N ALA C 292 -18.00 -33.13 9.01
CA ALA C 292 -18.59 -33.99 10.03
C ALA C 292 -19.18 -33.15 11.16
N GLY C 293 -20.41 -33.46 11.53
CA GLY C 293 -21.11 -32.73 12.55
C GLY C 293 -21.97 -31.59 12.05
N THR C 294 -21.89 -31.26 10.76
CA THR C 294 -22.65 -30.15 10.19
C THR C 294 -23.44 -30.63 8.98
N LEU C 295 -24.66 -30.12 8.86
CA LEU C 295 -25.54 -30.40 7.73
C LEU C 295 -26.18 -29.09 7.30
N ALA C 296 -26.12 -28.79 6.01
CA ALA C 296 -26.91 -27.68 5.51
C ALA C 296 -28.38 -28.07 5.48
N TYR C 297 -29.26 -27.06 5.45
CA TYR C 297 -30.68 -27.36 5.46
C TYR C 297 -31.08 -28.20 4.24
N TYR C 298 -30.45 -27.96 3.08
CA TYR C 298 -30.79 -28.76 1.91
C TYR C 298 -30.35 -30.21 2.07
N GLU C 299 -29.30 -30.47 2.86
CA GLU C 299 -28.95 -31.84 3.18
C GLU C 299 -29.89 -32.44 4.23
N ILE C 300 -30.39 -31.60 5.13
CA ILE C 300 -31.32 -32.07 6.15
C ILE C 300 -32.64 -32.48 5.53
N CYS C 301 -33.11 -31.73 4.52
CA CYS C 301 -34.30 -32.12 3.78
C CYS C 301 -34.19 -33.57 3.28
N ASP C 302 -33.06 -33.89 2.64
CA ASP C 302 -32.80 -35.28 2.25
C ASP C 302 -32.87 -36.19 3.47
N PHE C 303 -32.18 -35.82 4.54
CA PHE C 303 -32.12 -36.65 5.74
C PHE C 303 -33.50 -36.96 6.31
N LEU C 304 -34.42 -35.99 6.30
CA LEU C 304 -35.72 -36.15 6.93
C LEU C 304 -36.55 -37.25 6.29
N LYS C 305 -36.30 -37.56 5.03
CA LYS C 305 -36.99 -38.64 4.34
C LYS C 305 -36.68 -39.96 5.03
N GLY C 306 -37.65 -40.52 5.73
CA GLY C 306 -37.44 -41.73 6.49
C GLY C 306 -36.99 -41.53 7.91
N ALA C 307 -36.98 -40.29 8.41
CA ALA C 307 -36.51 -39.99 9.75
C ALA C 307 -37.69 -39.60 10.63
N GLU C 308 -37.49 -39.68 11.95
CA GLU C 308 -38.46 -39.15 12.89
C GLU C 308 -38.01 -37.76 13.35
N VAL C 309 -38.96 -36.82 13.35
CA VAL C 309 -38.72 -35.45 13.81
C VAL C 309 -39.38 -35.27 15.17
N HIS C 310 -38.61 -34.79 16.13
CA HIS C 310 -39.07 -34.52 17.48
C HIS C 310 -38.88 -33.04 17.77
N ARG C 311 -39.88 -32.43 18.41
CA ARG C 311 -39.86 -31.01 18.73
C ARG C 311 -39.72 -30.86 20.24
N LEU C 312 -38.66 -30.18 20.66
CA LEU C 312 -38.40 -29.99 22.08
C LEU C 312 -39.35 -28.96 22.66
N SER C 313 -40.04 -29.34 23.74
CA SER C 313 -41.05 -28.45 24.32
C SER C 313 -40.42 -27.19 24.92
N ASN C 314 -39.42 -27.36 25.80
CA ASN C 314 -38.79 -26.19 26.42
C ASN C 314 -37.92 -25.43 25.43
N GLU C 315 -37.12 -26.15 24.64
CA GLU C 315 -36.11 -25.54 23.80
C GLU C 315 -36.69 -24.92 22.54
N LYS C 316 -37.89 -25.32 22.12
CA LYS C 316 -38.63 -24.71 21.01
C LYS C 316 -37.95 -24.98 19.66
N VAL C 317 -37.23 -26.08 19.53
CA VAL C 317 -36.48 -26.38 18.31
C VAL C 317 -36.56 -27.87 18.01
N PRO C 318 -36.42 -28.26 16.74
CA PRO C 318 -36.49 -29.68 16.37
C PRO C 318 -35.14 -30.39 16.28
N PHE C 319 -35.14 -31.68 16.64
CA PHE C 319 -34.07 -32.59 16.24
C PHE C 319 -34.70 -33.77 15.50
N ALA C 320 -33.93 -34.37 14.60
CA ALA C 320 -34.39 -35.49 13.80
C ALA C 320 -33.41 -36.65 13.91
N THR C 321 -33.94 -37.86 13.81
CA THR C 321 -33.16 -39.07 14.05
C THR C 321 -33.49 -40.08 12.97
N LYS C 322 -32.46 -40.80 12.52
CA LYS C 322 -32.62 -41.85 11.52
C LYS C 322 -31.39 -42.73 11.55
N GLY C 323 -31.59 -44.03 11.75
CA GLY C 323 -30.46 -44.91 11.98
C GLY C 323 -29.68 -44.41 13.18
N ASN C 324 -28.35 -44.43 13.06
CA ASN C 324 -27.48 -43.91 14.10
C ASN C 324 -27.16 -42.42 13.93
N GLN C 325 -27.92 -41.69 13.13
CA GLN C 325 -27.69 -40.26 12.95
C GLN C 325 -28.74 -39.42 13.68
N TRP C 326 -28.27 -38.32 14.26
CA TRP C 326 -29.05 -37.44 15.12
C TRP C 326 -28.66 -36.01 14.79
N VAL C 327 -29.61 -35.15 14.45
CA VAL C 327 -29.27 -33.78 14.06
C VAL C 327 -30.25 -32.79 14.69
N GLY C 328 -29.71 -31.80 15.40
CA GLY C 328 -30.52 -30.69 15.88
C GLY C 328 -30.43 -29.55 14.89
N TYR C 329 -31.59 -28.99 14.53
CA TYR C 329 -31.62 -28.08 13.39
C TYR C 329 -32.76 -27.08 13.55
N GLU C 330 -32.92 -26.25 12.53
CA GLU C 330 -33.95 -25.22 12.46
C GLU C 330 -34.87 -25.51 11.29
N ASP C 331 -36.17 -25.38 11.50
CA ASP C 331 -37.13 -25.42 10.42
C ASP C 331 -37.96 -24.14 10.45
N LYS C 332 -38.91 -24.04 9.50
CA LYS C 332 -39.74 -22.85 9.37
C LYS C 332 -40.38 -22.46 10.70
N GLU C 333 -41.01 -23.42 11.38
CA GLU C 333 -41.73 -23.13 12.62
C GLU C 333 -40.78 -22.56 13.69
N SER C 334 -39.68 -23.26 13.96
CA SER C 334 -38.79 -22.82 15.03
C SER C 334 -38.17 -21.47 14.70
N VAL C 335 -37.93 -21.20 13.41
CA VAL C 335 -37.37 -19.93 13.00
C VAL C 335 -38.37 -18.80 13.22
N LYS C 336 -39.64 -19.04 12.86
CA LYS C 336 -40.69 -18.06 13.12
C LYS C 336 -40.82 -17.76 14.61
N ASN C 337 -40.81 -18.83 15.43
CA ASN C 337 -40.92 -18.63 16.88
C ASN C 337 -39.75 -17.84 17.43
N LYS C 338 -38.55 -18.04 16.86
CA LYS C 338 -37.40 -17.27 17.32
C LYS C 338 -37.52 -15.80 16.92
N VAL C 339 -38.11 -15.52 15.76
CA VAL C 339 -38.37 -14.13 15.39
C VAL C 339 -39.37 -13.50 16.37
N ARG C 340 -40.43 -14.24 16.72
CA ARG C 340 -41.39 -13.76 17.69
C ARG C 340 -40.70 -13.43 19.03
N PHE C 341 -39.77 -14.29 19.44
CA PHE C 341 -39.00 -14.05 20.66
C PHE C 341 -38.19 -12.77 20.55
N LEU C 342 -37.42 -12.62 19.47
CA LEU C 342 -36.57 -11.45 19.34
C LEU C 342 -37.39 -10.18 19.24
N LYS C 343 -38.64 -10.27 18.79
CA LYS C 343 -39.50 -9.09 18.77
C LYS C 343 -39.92 -8.70 20.19
N GLU C 344 -40.38 -9.67 20.99
CA GLU C 344 -40.74 -9.34 22.37
C GLU C 344 -39.60 -8.64 23.10
N LYS C 345 -38.35 -9.02 22.82
CA LYS C 345 -37.21 -8.40 23.49
C LYS C 345 -36.74 -7.12 22.79
N LYS C 346 -37.41 -6.71 21.71
CA LYS C 346 -37.13 -5.46 21.00
C LYS C 346 -35.70 -5.40 20.50
N LEU C 347 -35.25 -6.51 19.92
CA LEU C 347 -33.92 -6.58 19.33
C LEU C 347 -33.92 -5.91 17.96
N ALA C 348 -32.72 -5.55 17.49
CA ALA C 348 -32.59 -4.87 16.20
C ALA C 348 -33.05 -5.74 15.04
N GLY C 349 -33.07 -7.04 15.22
CA GLY C 349 -33.52 -7.94 14.18
C GLY C 349 -32.79 -9.27 14.29
N ALA C 350 -32.77 -9.98 13.17
CA ALA C 350 -32.16 -11.29 13.10
C ALA C 350 -30.86 -11.23 12.30
N MET C 351 -29.90 -12.07 12.71
CA MET C 351 -28.73 -12.39 11.91
C MET C 351 -28.81 -13.85 11.51
N VAL C 352 -28.36 -14.17 10.30
CA VAL C 352 -28.50 -15.50 9.73
C VAL C 352 -27.14 -16.01 9.33
N TRP C 353 -26.76 -17.18 9.84
CA TRP C 353 -25.62 -17.93 9.35
C TRP C 353 -26.13 -19.31 8.93
N ALA C 354 -26.15 -19.57 7.61
CA ALA C 354 -25.71 -18.65 6.58
C ALA C 354 -26.57 -18.89 5.35
N LEU C 355 -26.47 -18.00 4.36
CA LEU C 355 -27.32 -18.15 3.17
C LEU C 355 -26.95 -19.39 2.38
N ASP C 356 -25.65 -19.67 2.24
CA ASP C 356 -25.21 -20.86 1.52
C ASP C 356 -25.56 -22.16 2.22
N LEU C 357 -26.00 -22.10 3.47
CA LEU C 357 -26.43 -23.30 4.19
C LEU C 357 -27.95 -23.45 4.23
N ASP C 358 -28.67 -22.41 3.82
CA ASP C 358 -30.09 -22.52 3.55
C ASP C 358 -30.30 -23.25 2.23
N ASP C 359 -31.52 -23.72 1.99
CA ASP C 359 -31.85 -24.37 0.72
C ASP C 359 -32.00 -23.28 -0.34
N PHE C 360 -30.86 -22.75 -0.80
CA PHE C 360 -30.88 -21.58 -1.67
C PHE C 360 -31.35 -21.91 -3.09
N GLN C 361 -31.26 -23.16 -3.52
CA GLN C 361 -31.65 -23.53 -4.88
C GLN C 361 -33.00 -24.23 -4.97
N GLY C 362 -33.73 -24.33 -3.87
CA GLY C 362 -35.05 -24.95 -3.91
C GLY C 362 -35.04 -26.45 -4.05
N THR C 363 -33.99 -27.11 -3.57
CA THR C 363 -33.93 -28.58 -3.62
C THR C 363 -35.05 -29.21 -2.78
N CYS C 364 -35.41 -28.58 -1.67
CA CYS C 364 -36.32 -29.21 -0.71
C CYS C 364 -37.76 -29.22 -1.24
N GLN C 365 -38.21 -28.09 -1.77
CA GLN C 365 -39.57 -27.91 -2.21
C GLN C 365 -39.48 -27.18 -3.55
N PRO C 366 -40.33 -27.52 -4.53
CA PRO C 366 -40.18 -26.92 -5.86
C PRO C 366 -40.10 -25.41 -5.82
N LYS C 367 -38.94 -24.94 -6.30
CA LYS C 367 -38.49 -23.54 -6.34
C LYS C 367 -39.02 -22.66 -5.22
N GLU C 368 -38.94 -23.15 -3.99
CA GLU C 368 -39.09 -22.32 -2.81
C GLU C 368 -37.68 -21.95 -2.40
N PHE C 369 -37.18 -20.84 -2.93
CA PHE C 369 -35.83 -20.40 -2.64
C PHE C 369 -35.72 -19.86 -1.22
N PHE C 370 -34.61 -20.20 -0.55
CA PHE C 370 -34.32 -19.72 0.79
C PHE C 370 -35.46 -19.92 1.77
N PRO C 371 -35.95 -21.13 1.98
CA PRO C 371 -37.14 -21.31 2.85
C PRO C 371 -36.95 -20.79 4.27
N LEU C 372 -35.77 -21.02 4.87
CA LEU C 372 -35.57 -20.58 6.24
C LEU C 372 -35.42 -19.07 6.33
N THR C 373 -34.58 -18.48 5.46
CA THR C 373 -34.37 -17.04 5.50
C THR C 373 -35.65 -16.29 5.15
N ASN C 374 -36.38 -16.77 4.13
CA ASN C 374 -37.68 -16.17 3.81
C ASN C 374 -38.67 -16.35 4.94
N ALA C 375 -38.61 -17.48 5.67
CA ALA C 375 -39.46 -17.62 6.84
C ALA C 375 -39.14 -16.56 7.88
N ILE C 376 -37.85 -16.26 8.06
CA ILE C 376 -37.45 -15.21 8.99
C ILE C 376 -37.97 -13.86 8.52
N LYS C 377 -37.78 -13.55 7.24
CA LYS C 377 -38.25 -12.28 6.69
C LYS C 377 -39.74 -12.12 6.85
N ASP C 378 -40.52 -13.14 6.47
CA ASP C 378 -41.97 -13.07 6.63
C ASP C 378 -42.35 -12.87 8.09
N ALA C 379 -41.64 -13.57 8.99
CA ALA C 379 -41.94 -13.43 10.41
C ALA C 379 -41.59 -12.05 10.96
N LEU C 380 -40.64 -11.32 10.33
CA LEU C 380 -40.38 -9.96 10.78
C LEU C 380 -41.53 -9.02 10.48
N ALA C 381 -42.27 -9.28 9.41
CA ALA C 381 -43.47 -8.50 9.12
C ALA C 381 -44.61 -8.92 10.04
N ALA D 21 4.03 -2.87 -36.66
CA ALA D 21 3.89 -3.00 -35.22
C ALA D 21 4.56 -1.85 -34.48
N TYR D 22 5.00 -0.85 -35.23
CA TYR D 22 5.52 0.36 -34.57
C TYR D 22 4.41 1.06 -33.81
N LYS D 23 4.74 1.57 -32.63
CA LYS D 23 3.83 2.38 -31.84
C LYS D 23 4.11 3.86 -32.06
N LEU D 24 3.04 4.65 -32.08
CA LEU D 24 3.14 6.11 -32.06
C LEU D 24 2.39 6.59 -30.82
N VAL D 25 3.13 6.89 -29.77
CA VAL D 25 2.56 7.23 -28.46
C VAL D 25 2.61 8.74 -28.29
N CYS D 26 1.44 9.35 -28.12
CA CYS D 26 1.29 10.80 -28.19
C CYS D 26 0.77 11.33 -26.85
N TYR D 27 1.54 12.22 -26.24
CA TYR D 27 1.11 12.94 -25.04
C TYR D 27 0.31 14.19 -25.42
N PHE D 28 -0.65 14.54 -24.58
CA PHE D 28 -1.20 15.90 -24.56
C PHE D 28 -1.48 16.29 -23.12
N THR D 29 -1.58 17.59 -22.90
CA THR D 29 -1.67 18.16 -21.56
C THR D 29 -3.07 18.68 -21.27
N SER D 30 -3.46 18.58 -20.00
CA SER D 30 -4.75 19.12 -19.59
C SER D 30 -4.75 20.64 -19.58
N TRP D 31 -3.63 21.27 -19.16
CA TRP D 31 -3.62 22.72 -19.05
C TRP D 31 -3.64 23.42 -20.40
N SER D 32 -3.35 22.70 -21.49
CA SER D 32 -3.42 23.30 -22.82
C SER D 32 -4.82 23.77 -23.15
N GLN D 33 -5.85 23.26 -22.46
CA GLN D 33 -7.20 23.73 -22.71
C GLN D 33 -7.37 25.19 -22.32
N TYR D 34 -6.56 25.68 -21.39
CA TYR D 34 -6.75 27.03 -20.86
C TYR D 34 -6.06 28.12 -21.68
N ARG D 35 -5.33 27.75 -22.74
CA ARG D 35 -4.66 28.75 -23.56
C ARG D 35 -5.69 29.57 -24.34
N GLU D 36 -5.32 30.81 -24.64
CA GLU D 36 -6.25 31.73 -25.29
C GLU D 36 -6.47 31.35 -26.75
N GLY D 37 -7.69 31.64 -27.22
CA GLY D 37 -7.96 31.64 -28.65
C GLY D 37 -7.70 30.29 -29.29
N VAL D 38 -7.02 30.32 -30.44
CA VAL D 38 -6.75 29.12 -31.21
C VAL D 38 -5.74 28.20 -30.52
N GLY D 39 -5.07 28.68 -29.47
CA GLY D 39 -4.15 27.84 -28.72
C GLY D 39 -4.83 26.81 -27.83
N SER D 40 -6.11 27.01 -27.53
CA SER D 40 -6.83 26.09 -26.66
C SER D 40 -6.94 24.71 -27.31
N PHE D 41 -6.55 23.69 -26.56
CA PHE D 41 -6.50 22.32 -27.06
C PHE D 41 -7.40 21.43 -26.22
N LEU D 42 -8.28 20.68 -26.89
CA LEU D 42 -9.11 19.67 -26.27
C LEU D 42 -8.92 18.35 -27.00
N PRO D 43 -9.13 17.22 -26.32
CA PRO D 43 -8.80 15.92 -26.95
C PRO D 43 -9.64 15.58 -28.16
N ASP D 44 -10.84 16.15 -28.29
CA ASP D 44 -11.66 15.89 -29.47
C ASP D 44 -11.09 16.52 -30.73
N ALA D 45 -10.05 17.33 -30.63
CA ALA D 45 -9.35 17.84 -31.81
C ALA D 45 -8.35 16.84 -32.38
N ILE D 46 -8.14 15.71 -31.72
CA ILE D 46 -7.16 14.73 -32.17
C ILE D 46 -7.77 13.88 -33.28
N GLN D 47 -7.04 13.73 -34.38
CA GLN D 47 -7.43 12.77 -35.41
C GLN D 47 -7.38 11.36 -34.83
N PRO D 48 -8.47 10.59 -34.92
CA PRO D 48 -8.52 9.30 -34.20
C PRO D 48 -7.50 8.27 -34.66
N PHE D 49 -6.98 8.37 -35.89
CA PHE D 49 -6.03 7.40 -36.40
C PHE D 49 -4.61 7.94 -36.44
N LEU D 50 -4.39 9.13 -35.88
CA LEU D 50 -3.06 9.72 -35.82
C LEU D 50 -2.09 8.83 -35.05
N CYS D 51 -2.49 8.38 -33.86
CA CYS D 51 -1.60 7.76 -32.90
C CYS D 51 -2.14 6.38 -32.53
N THR D 52 -1.24 5.49 -32.11
CA THR D 52 -1.68 4.21 -31.57
C THR D 52 -2.06 4.34 -30.10
N HIS D 53 -1.36 5.20 -29.35
CA HIS D 53 -1.62 5.44 -27.94
C HIS D 53 -1.66 6.93 -27.69
N ILE D 54 -2.59 7.36 -26.82
CA ILE D 54 -2.70 8.75 -26.40
C ILE D 54 -2.60 8.79 -24.88
N ILE D 55 -1.76 9.67 -24.35
CA ILE D 55 -1.48 9.75 -22.92
C ILE D 55 -1.94 11.10 -22.38
N TYR D 56 -2.74 11.07 -21.33
CA TYR D 56 -3.30 12.26 -20.68
C TYR D 56 -2.42 12.68 -19.51
N SER D 57 -1.85 13.88 -19.60
CA SER D 57 -1.04 14.46 -18.54
C SER D 57 -1.72 15.68 -17.96
N PHE D 58 -1.81 15.76 -16.63
CA PHE D 58 -1.36 14.75 -15.68
C PHE D 58 -2.44 14.47 -14.63
N ALA D 59 -2.44 13.27 -14.06
CA ALA D 59 -3.24 12.97 -12.89
C ALA D 59 -2.48 13.29 -11.61
N ASN D 60 -3.23 13.51 -10.53
CA ASN D 60 -2.64 13.82 -9.23
C ASN D 60 -2.72 12.59 -8.32
N ILE D 61 -2.22 12.76 -7.09
CA ILE D 61 -2.36 11.78 -6.03
C ILE D 61 -2.88 12.51 -4.81
N SER D 62 -4.02 12.06 -4.27
CA SER D 62 -4.62 12.71 -3.13
C SER D 62 -3.77 12.51 -1.88
N SER D 63 -4.07 13.32 -0.85
CA SER D 63 -3.36 13.19 0.42
C SER D 63 -3.61 11.84 1.08
N ASP D 64 -4.64 11.12 0.67
CA ASP D 64 -4.84 9.73 1.07
C ASP D 64 -4.11 8.75 0.16
N ASN D 65 -3.12 9.24 -0.60
CA ASN D 65 -2.25 8.40 -1.43
C ASN D 65 -3.01 7.69 -2.55
N MET D 66 -4.10 8.26 -3.04
CA MET D 66 -4.91 7.61 -4.06
C MET D 66 -4.87 8.39 -5.36
N LEU D 67 -4.77 7.66 -6.48
CA LEU D 67 -4.83 8.27 -7.80
C LEU D 67 -6.11 9.10 -7.94
N SER D 68 -5.97 10.31 -8.45
CA SER D 68 -7.09 11.22 -8.53
C SER D 68 -6.91 12.16 -9.72
N THR D 69 -8.00 12.85 -10.05
CA THR D 69 -7.95 13.92 -11.03
C THR D 69 -7.15 15.11 -10.49
N TRP D 70 -6.74 15.98 -11.41
CA TRP D 70 -6.05 17.21 -11.05
C TRP D 70 -6.99 18.40 -11.14
N GLU D 71 -7.62 18.58 -12.30
CA GLU D 71 -8.59 19.64 -12.52
C GLU D 71 -9.98 19.10 -12.22
N TRP D 72 -10.88 20.00 -11.81
CA TRP D 72 -12.26 19.59 -11.56
C TRP D 72 -12.90 18.95 -12.78
N ASN D 73 -12.47 19.36 -13.98
CA ASN D 73 -13.14 18.96 -15.21
C ASN D 73 -12.31 17.96 -16.01
N ASP D 74 -11.27 17.39 -15.40
CA ASP D 74 -10.54 16.30 -16.04
C ASP D 74 -11.51 15.24 -16.54
N GLU D 75 -12.58 15.00 -15.78
CA GLU D 75 -13.60 14.01 -16.12
C GLU D 75 -14.16 14.24 -17.53
N SER D 76 -14.51 15.48 -17.86
CA SER D 76 -15.10 15.73 -19.18
C SER D 76 -14.10 15.52 -20.31
N ASN D 77 -12.81 15.76 -20.04
CA ASN D 77 -11.78 15.47 -21.02
C ASN D 77 -11.49 13.98 -21.12
N TYR D 78 -11.60 13.25 -20.00
CA TYR D 78 -11.60 11.80 -20.06
C TYR D 78 -12.70 11.31 -20.99
N ASP D 79 -13.87 11.95 -20.94
CA ASP D 79 -14.98 11.55 -21.82
C ASP D 79 -14.67 11.88 -23.27
N LYS D 80 -14.22 13.11 -23.55
CA LYS D 80 -13.86 13.45 -24.92
C LYS D 80 -12.78 12.53 -25.46
N LEU D 81 -11.90 12.05 -24.59
CA LEU D 81 -10.78 11.21 -25.00
C LEU D 81 -11.23 9.78 -25.28
N ASN D 82 -12.06 9.20 -24.42
CA ASN D 82 -12.51 7.84 -24.66
C ASN D 82 -13.56 7.75 -25.75
N LYS D 83 -14.33 8.83 -25.98
CA LYS D 83 -15.21 8.86 -27.14
C LYS D 83 -14.45 8.71 -28.44
N LEU D 84 -13.17 9.07 -28.45
CA LEU D 84 -12.32 8.84 -29.61
C LEU D 84 -12.21 7.36 -29.94
N LYS D 85 -12.20 6.50 -28.92
CA LYS D 85 -12.01 5.07 -29.16
C LYS D 85 -13.21 4.45 -29.87
N THR D 86 -14.37 5.12 -29.89
CA THR D 86 -15.48 4.64 -30.69
C THR D 86 -15.26 4.86 -32.19
N ARG D 87 -14.44 5.84 -32.56
CA ARG D 87 -14.12 6.05 -33.97
C ARG D 87 -12.86 5.30 -34.40
N ASN D 88 -12.00 4.92 -33.45
CA ASN D 88 -10.87 4.03 -33.72
C ASN D 88 -10.82 3.03 -32.58
N THR D 89 -11.38 1.84 -32.80
CA THR D 89 -11.53 0.85 -31.74
C THR D 89 -10.20 0.20 -31.35
N ASN D 90 -9.14 0.44 -32.13
CA ASN D 90 -7.82 -0.03 -31.77
C ASN D 90 -7.02 0.99 -30.96
N LEU D 91 -7.56 2.19 -30.78
CA LEU D 91 -6.86 3.24 -30.04
C LEU D 91 -6.78 2.90 -28.56
N LYS D 92 -5.60 3.10 -27.97
CA LYS D 92 -5.37 2.91 -26.54
C LYS D 92 -5.13 4.26 -25.87
N THR D 93 -5.71 4.44 -24.69
CA THR D 93 -5.49 5.63 -23.88
C THR D 93 -4.81 5.26 -22.56
N LEU D 94 -3.91 6.12 -22.11
CA LEU D 94 -3.26 5.97 -20.81
C LEU D 94 -3.34 7.28 -20.04
N LEU D 95 -3.35 7.17 -18.72
CA LEU D 95 -3.34 8.30 -17.81
C LEU D 95 -1.96 8.43 -17.19
N SER D 96 -1.34 9.59 -17.36
CA SER D 96 -0.01 9.83 -16.80
C SER D 96 -0.14 10.53 -15.45
N VAL D 97 0.51 9.96 -14.44
CA VAL D 97 0.47 10.49 -13.09
C VAL D 97 1.83 11.08 -12.76
N GLY D 98 1.81 12.25 -12.12
CA GLY D 98 3.04 12.94 -11.81
C GLY D 98 3.22 14.22 -12.60
N GLY D 99 4.33 14.34 -13.31
CA GLY D 99 4.67 15.55 -14.03
C GLY D 99 5.63 16.41 -13.24
N TRP D 100 6.15 17.44 -13.92
CA TRP D 100 7.16 18.29 -13.28
C TRP D 100 6.56 19.06 -12.11
N LYS D 101 5.38 19.65 -12.31
CA LYS D 101 4.73 20.42 -11.25
C LYS D 101 4.49 19.54 -10.02
N PHE D 102 4.09 18.28 -10.22
CA PHE D 102 3.88 17.35 -9.11
C PHE D 102 5.13 17.21 -8.25
N GLY D 103 6.30 17.12 -8.87
CA GLY D 103 7.55 17.08 -8.15
C GLY D 103 7.94 15.68 -7.70
N GLY D 104 9.24 15.51 -7.47
CA GLY D 104 9.75 14.24 -7.00
C GLY D 104 9.44 13.95 -5.54
N LYS D 105 9.47 14.98 -4.69
CA LYS D 105 9.32 14.82 -3.24
C LYS D 105 8.12 13.94 -2.88
N ARG D 106 6.97 14.19 -3.51
CA ARG D 106 5.75 13.46 -3.16
C ARG D 106 5.91 11.97 -3.49
N PHE D 107 6.52 11.69 -4.64
CA PHE D 107 6.77 10.29 -5.01
C PHE D 107 7.75 9.64 -4.06
N SER D 108 8.78 10.37 -3.63
CA SER D 108 9.69 9.84 -2.61
C SER D 108 8.94 9.51 -1.33
N GLU D 109 8.04 10.40 -0.91
CA GLU D 109 7.25 10.16 0.29
C GLU D 109 6.39 8.91 0.17
N ILE D 110 5.75 8.73 -0.98
CA ILE D 110 4.82 7.62 -1.14
C ILE D 110 5.56 6.29 -1.35
N ALA D 111 6.51 6.26 -2.28
CA ALA D 111 7.14 5.02 -2.70
C ALA D 111 7.98 4.37 -1.61
N SER D 112 8.62 5.17 -0.75
CA SER D 112 9.53 4.62 0.25
C SER D 112 8.82 4.07 1.47
N ASN D 113 7.49 4.16 1.51
CA ASN D 113 6.69 3.67 2.63
C ASN D 113 5.72 2.61 2.12
N THR D 114 5.81 1.40 2.70
CA THR D 114 5.01 0.28 2.19
C THR D 114 3.51 0.58 2.25
N GLU D 115 3.07 1.26 3.31
CA GLU D 115 1.64 1.51 3.47
C GLU D 115 1.13 2.50 2.43
N ARG D 116 1.81 3.65 2.32
CA ARG D 116 1.40 4.67 1.35
C ARG D 116 1.51 4.13 -0.08
N ARG D 117 2.62 3.46 -0.38
CA ARG D 117 2.82 2.90 -1.72
C ARG D 117 1.73 1.89 -2.05
N THR D 118 1.40 1.02 -1.11
CA THR D 118 0.40 0.00 -1.39
C THR D 118 -0.98 0.64 -1.59
N ALA D 119 -1.30 1.64 -0.77
CA ALA D 119 -2.55 2.39 -0.97
C ALA D 119 -2.66 2.94 -2.38
N PHE D 120 -1.58 3.55 -2.89
CA PHE D 120 -1.60 4.07 -4.25
C PHE D 120 -1.81 2.96 -5.26
N VAL D 121 -0.93 1.94 -5.20
CA VAL D 121 -1.02 0.81 -6.11
C VAL D 121 -2.44 0.26 -6.16
N ARG D 122 -3.07 0.12 -5.01
CA ARG D 122 -4.44 -0.38 -4.99
C ARG D 122 -5.41 0.63 -5.60
N SER D 123 -5.11 1.91 -5.49
CA SER D 123 -6.04 2.90 -6.02
C SER D 123 -6.01 3.00 -7.54
N VAL D 124 -4.93 2.55 -8.18
CA VAL D 124 -4.73 2.84 -9.60
C VAL D 124 -5.82 2.19 -10.46
N ALA D 125 -5.94 0.87 -10.40
CA ALA D 125 -6.79 0.15 -11.35
C ALA D 125 -8.26 0.55 -11.30
N PRO D 126 -8.93 0.61 -10.14
CA PRO D 126 -10.34 1.04 -10.12
C PRO D 126 -10.58 2.39 -10.80
N PHE D 127 -9.68 3.34 -10.57
CA PHE D 127 -9.78 4.65 -11.20
C PHE D 127 -9.74 4.54 -12.73
N LEU D 128 -8.68 3.91 -13.25
CA LEU D 128 -8.51 3.75 -14.69
C LEU D 128 -9.72 3.08 -15.32
N ARG D 129 -10.21 2.00 -14.70
CA ARG D 129 -11.38 1.32 -15.25
C ARG D 129 -12.62 2.21 -15.18
N SER D 130 -12.80 2.94 -14.08
CA SER D 130 -13.94 3.83 -13.95
C SER D 130 -13.99 4.85 -15.08
N TYR D 131 -12.83 5.35 -15.51
CA TYR D 131 -12.82 6.37 -16.56
C TYR D 131 -12.45 5.84 -17.93
N GLY D 132 -12.32 4.52 -18.10
CA GLY D 132 -12.13 3.96 -19.41
C GLY D 132 -10.72 4.01 -19.95
N PHE D 133 -9.71 4.09 -19.07
CA PHE D 133 -8.33 4.14 -19.49
C PHE D 133 -7.78 2.73 -19.66
N ASP D 134 -6.86 2.59 -20.62
CA ASP D 134 -6.24 1.30 -20.89
C ASP D 134 -4.90 1.12 -20.17
N GLY D 135 -4.42 2.11 -19.44
CA GLY D 135 -3.14 1.95 -18.76
C GLY D 135 -2.76 3.17 -17.97
N LEU D 136 -1.66 3.04 -17.25
CA LEU D 136 -1.06 4.10 -16.45
C LEU D 136 0.34 4.43 -16.98
N ASP D 137 0.65 5.71 -17.05
CA ASP D 137 2.00 6.18 -17.35
C ASP D 137 2.59 6.81 -16.09
N LEU D 138 3.80 6.40 -15.73
CA LEU D 138 4.47 6.93 -14.54
C LEU D 138 5.37 8.08 -14.93
N ALA D 139 5.16 9.24 -14.32
CA ALA D 139 5.94 10.45 -14.62
C ALA D 139 6.56 10.98 -13.33
N TRP D 140 7.44 10.18 -12.73
CA TRP D 140 8.22 10.56 -11.56
C TRP D 140 9.45 11.30 -12.05
N LEU D 141 9.42 12.63 -11.99
CA LEU D 141 10.47 13.49 -12.52
C LEU D 141 11.12 14.26 -11.38
N TYR D 142 12.22 13.73 -10.82
CA TYR D 142 12.85 12.47 -11.20
C TYR D 142 13.33 11.79 -9.92
N PRO D 143 13.35 10.45 -9.91
CA PRO D 143 13.85 9.76 -8.71
C PRO D 143 15.34 10.00 -8.53
N ARG D 144 15.74 10.25 -7.29
CA ARG D 144 17.15 10.42 -6.97
C ARG D 144 17.69 9.09 -6.45
N LEU D 145 18.94 9.10 -6.01
CA LEU D 145 19.64 7.87 -5.65
C LEU D 145 18.85 7.11 -4.59
N ARG D 146 18.46 7.79 -3.51
CA ARG D 146 17.77 7.14 -2.41
C ARG D 146 16.42 6.60 -2.83
N ASP D 147 15.92 6.99 -4.00
CA ASP D 147 14.64 6.52 -4.50
C ASP D 147 14.76 5.37 -5.48
N LYS D 148 15.95 5.15 -6.05
CA LYS D 148 16.11 4.22 -7.18
C LYS D 148 15.38 2.91 -6.91
N GLN D 149 15.74 2.24 -5.81
CA GLN D 149 15.17 0.92 -5.56
C GLN D 149 13.67 1.00 -5.35
N TYR D 150 13.22 2.00 -4.59
CA TYR D 150 11.78 2.16 -4.39
C TYR D 150 11.07 2.36 -5.72
N PHE D 151 11.71 3.11 -6.64
CA PHE D 151 11.13 3.27 -7.97
C PHE D 151 10.89 1.90 -8.59
N SER D 152 11.94 1.07 -8.61
CA SER D 152 11.79 -0.29 -9.10
C SER D 152 10.62 -0.98 -8.42
N THR D 153 10.59 -0.96 -7.09
CA THR D 153 9.54 -1.68 -6.36
C THR D 153 8.18 -1.20 -6.83
N LEU D 154 8.00 0.12 -6.90
CA LEU D 154 6.70 0.65 -7.28
C LEU D 154 6.27 0.06 -8.61
N ILE D 155 7.17 0.12 -9.60
CA ILE D 155 6.83 -0.40 -10.93
C ILE D 155 6.47 -1.86 -10.83
N LYS D 156 7.33 -2.67 -10.18
CA LYS D 156 7.03 -4.08 -10.02
C LYS D 156 5.63 -4.26 -9.43
N GLU D 157 5.36 -3.55 -8.34
CA GLU D 157 4.10 -3.75 -7.65
C GLU D 157 2.91 -3.28 -8.48
N LEU D 158 3.11 -2.25 -9.31
CA LEU D 158 2.05 -1.89 -10.24
C LEU D 158 1.84 -3.01 -11.25
N ASN D 159 2.93 -3.52 -11.83
CA ASN D 159 2.80 -4.57 -12.83
C ASN D 159 2.07 -5.77 -12.26
N ALA D 160 2.55 -6.28 -11.12
CA ALA D 160 1.86 -7.35 -10.42
C ALA D 160 0.38 -7.04 -10.31
N GLU D 161 0.04 -5.85 -9.82
CA GLU D 161 -1.37 -5.52 -9.60
C GLU D 161 -2.15 -5.58 -10.89
N PHE D 162 -1.56 -5.07 -11.98
CA PHE D 162 -2.26 -5.13 -13.26
C PHE D 162 -2.42 -6.57 -13.73
N THR D 163 -1.42 -7.41 -13.47
CA THR D 163 -1.54 -8.82 -13.80
C THR D 163 -2.69 -9.47 -13.04
N LYS D 164 -2.82 -9.15 -11.75
CA LYS D 164 -3.88 -9.70 -10.91
C LYS D 164 -5.26 -9.12 -11.25
N GLU D 165 -5.54 -8.96 -12.54
CA GLU D 165 -6.76 -8.33 -13.03
C GLU D 165 -7.01 -8.84 -14.44
N VAL D 166 -8.18 -9.43 -14.67
CA VAL D 166 -8.42 -10.10 -15.96
C VAL D 166 -9.86 -10.52 -16.15
N GLN D 167 -10.10 -11.19 -17.30
CA GLN D 167 -11.28 -11.93 -17.78
C GLN D 167 -12.23 -11.13 -18.67
N PRO D 168 -13.32 -10.45 -18.13
CA PRO D 168 -14.49 -10.11 -18.97
C PRO D 168 -14.19 -9.72 -20.41
N GLY D 169 -14.07 -8.42 -20.65
CA GLY D 169 -13.66 -7.94 -21.95
C GLY D 169 -12.19 -7.66 -21.74
N ARG D 170 -11.41 -8.73 -21.66
CA ARG D 170 -10.00 -8.64 -21.26
C ARG D 170 -9.31 -7.43 -21.86
N GLU D 171 -8.44 -6.85 -21.06
CA GLU D 171 -7.54 -5.77 -21.44
C GLU D 171 -6.63 -5.48 -20.25
N LYS D 172 -5.53 -6.22 -20.11
CA LYS D 172 -4.65 -5.95 -19.01
C LYS D 172 -4.19 -4.50 -19.07
N LEU D 173 -4.16 -3.83 -17.92
CA LEU D 173 -3.73 -2.44 -17.90
C LEU D 173 -2.29 -2.34 -18.40
N LEU D 174 -2.05 -1.33 -19.23
CA LEU D 174 -0.69 -1.06 -19.69
C LEU D 174 0.05 -0.23 -18.66
N LEU D 175 1.35 -0.46 -18.57
CA LEU D 175 2.21 0.30 -17.67
C LEU D 175 3.39 0.84 -18.45
N SER D 176 3.51 2.16 -18.50
CA SER D 176 4.63 2.82 -19.12
C SER D 176 5.24 3.80 -18.13
N ALA D 177 6.41 4.32 -18.50
CA ALA D 177 7.09 5.29 -17.65
C ALA D 177 7.81 6.29 -18.52
N ALA D 178 7.70 7.56 -18.15
CA ALA D 178 8.51 8.61 -18.77
C ALA D 178 9.86 8.64 -18.06
N LEU D 179 10.93 8.38 -18.79
CA LEU D 179 12.27 8.34 -18.23
C LEU D 179 13.13 9.43 -18.85
N SER D 180 13.99 10.02 -18.04
CA SER D 180 14.90 11.06 -18.51
C SER D 180 15.91 10.47 -19.49
N ALA D 181 16.28 11.30 -20.47
CA ALA D 181 17.35 10.96 -21.39
C ALA D 181 18.69 11.52 -20.96
N GLY D 182 18.75 12.13 -19.77
CA GLY D 182 20.00 12.67 -19.25
C GLY D 182 20.79 11.60 -18.53
N LYS D 183 22.08 11.49 -18.89
CA LYS D 183 22.93 10.44 -18.34
C LYS D 183 22.93 10.44 -16.82
N VAL D 184 23.12 11.61 -16.21
CA VAL D 184 23.22 11.68 -14.75
C VAL D 184 21.92 11.24 -14.09
N ALA D 185 20.78 11.72 -14.61
CA ALA D 185 19.49 11.31 -14.07
C ALA D 185 19.30 9.80 -14.19
N ILE D 186 19.77 9.20 -15.28
CA ILE D 186 19.61 7.76 -15.48
C ILE D 186 20.48 6.99 -14.49
N ASP D 187 21.76 7.36 -14.38
CA ASP D 187 22.65 6.70 -13.43
C ASP D 187 22.13 6.86 -12.00
N THR D 188 21.55 8.00 -11.68
CA THR D 188 21.13 8.28 -10.31
C THR D 188 19.83 7.55 -9.96
N GLY D 189 18.84 7.57 -10.85
CA GLY D 189 17.50 7.16 -10.48
C GLY D 189 17.00 5.80 -10.93
N TYR D 190 17.57 5.24 -12.00
CA TYR D 190 16.94 4.13 -12.69
C TYR D 190 17.78 2.85 -12.61
N ASP D 191 17.13 1.76 -12.23
CA ASP D 191 17.66 0.41 -12.40
C ASP D 191 17.03 -0.12 -13.68
N ILE D 192 17.66 0.24 -14.81
CA ILE D 192 17.02 0.08 -16.12
C ILE D 192 16.69 -1.39 -16.40
N ALA D 193 17.68 -2.27 -16.26
CA ALA D 193 17.47 -3.68 -16.60
C ALA D 193 16.32 -4.27 -15.80
N GLN D 194 16.17 -3.84 -14.55
CA GLN D 194 15.12 -4.38 -13.69
C GLN D 194 13.74 -3.87 -14.11
N ILE D 195 13.60 -2.54 -14.26
CA ILE D 195 12.27 -1.97 -14.51
C ILE D 195 11.81 -2.26 -15.93
N ALA D 196 12.73 -2.40 -16.88
CA ALA D 196 12.33 -2.68 -18.25
C ALA D 196 11.50 -3.96 -18.37
N GLN D 197 11.74 -4.92 -17.47
CA GLN D 197 11.01 -6.18 -17.52
C GLN D 197 9.54 -6.00 -17.14
N HIS D 198 9.21 -4.96 -16.37
CA HIS D 198 7.86 -4.76 -15.85
C HIS D 198 7.12 -3.62 -16.54
N LEU D 199 7.68 -3.05 -17.59
CA LEU D 199 7.08 -1.94 -18.32
C LEU D 199 6.72 -2.40 -19.73
N ASP D 200 5.51 -2.07 -20.17
CA ASP D 200 5.12 -2.38 -21.53
C ASP D 200 5.87 -1.52 -22.54
N PHE D 201 6.17 -0.27 -22.20
CA PHE D 201 7.08 0.53 -23.00
C PHE D 201 7.63 1.69 -22.17
N ILE D 202 8.75 2.22 -22.63
CA ILE D 202 9.46 3.33 -21.98
C ILE D 202 9.33 4.56 -22.86
N ASN D 203 8.83 5.65 -22.29
CA ASN D 203 8.73 6.92 -23.02
C ASN D 203 10.01 7.70 -22.77
N LEU D 204 10.97 7.57 -23.68
CA LEU D 204 12.29 8.18 -23.47
C LEU D 204 12.23 9.66 -23.84
N MET D 205 12.56 10.52 -22.88
CA MET D 205 12.37 11.96 -23.02
C MET D 205 13.58 12.61 -23.71
N THR D 206 13.77 12.23 -24.98
CA THR D 206 14.94 12.65 -25.74
C THR D 206 14.76 14.06 -26.30
N TYR D 207 14.61 15.01 -25.39
CA TYR D 207 14.45 16.42 -25.71
C TYR D 207 14.72 17.22 -24.45
N ASP D 208 14.76 18.54 -24.60
CA ASP D 208 15.00 19.45 -23.48
C ASP D 208 16.37 19.19 -22.86
N PHE D 209 17.39 19.06 -23.72
CA PHE D 209 18.73 18.69 -23.31
C PHE D 209 19.60 19.88 -22.91
N HIS D 210 19.19 21.11 -23.23
CA HIS D 210 20.07 22.27 -23.17
C HIS D 210 19.41 23.38 -22.35
N GLY D 211 19.69 23.36 -21.04
CA GLY D 211 19.16 24.37 -20.17
C GLY D 211 19.83 25.71 -20.35
N VAL D 212 19.13 26.76 -19.90
CA VAL D 212 19.65 28.12 -20.04
C VAL D 212 20.90 28.33 -19.19
N TRP D 213 21.14 27.46 -18.20
CA TRP D 213 22.36 27.54 -17.40
C TRP D 213 23.64 27.39 -18.23
N ARG D 214 23.54 26.83 -19.44
CA ARG D 214 24.71 26.71 -20.30
C ARG D 214 25.24 28.06 -20.74
N GLN D 215 24.40 29.10 -20.72
CA GLN D 215 24.75 30.48 -21.03
C GLN D 215 25.07 30.67 -22.50
N ILE D 216 24.78 29.68 -23.35
CA ILE D 216 24.98 29.77 -24.79
C ILE D 216 23.78 29.13 -25.47
N THR D 217 23.58 29.47 -26.75
CA THR D 217 22.53 28.82 -27.52
C THR D 217 22.89 27.36 -27.76
N GLY D 218 21.86 26.53 -27.82
CA GLY D 218 22.04 25.12 -28.13
C GLY D 218 20.72 24.52 -28.54
N HIS D 219 20.78 23.49 -29.37
CA HIS D 219 19.56 22.78 -29.74
C HIS D 219 19.20 21.80 -28.63
N HIS D 220 17.92 21.78 -28.28
CA HIS D 220 17.48 20.98 -27.13
C HIS D 220 17.23 19.51 -27.48
N SER D 221 17.24 19.14 -28.76
CA SER D 221 17.05 17.75 -29.17
C SER D 221 17.91 17.43 -30.39
N PRO D 222 19.23 17.54 -30.26
CA PRO D 222 20.10 17.16 -31.38
C PRO D 222 20.18 15.64 -31.49
N LEU D 223 20.16 15.15 -32.74
CA LEU D 223 20.26 13.71 -32.95
C LEU D 223 21.64 13.20 -32.56
N PHE D 224 22.70 13.82 -33.08
CA PHE D 224 24.06 13.44 -32.77
C PHE D 224 24.80 14.61 -32.11
N GLN D 225 25.97 14.30 -31.54
CA GLN D 225 26.81 15.33 -30.98
C GLN D 225 27.30 16.27 -32.08
N GLY D 226 27.49 17.54 -31.73
CA GLY D 226 27.97 18.53 -32.65
C GLY D 226 29.48 18.57 -32.75
N GLN D 227 29.99 19.70 -33.26
CA GLN D 227 31.43 19.86 -33.41
C GLN D 227 32.13 20.10 -32.08
N LYS D 228 31.40 20.56 -31.06
CA LYS D 228 32.03 20.85 -29.77
C LYS D 228 32.14 19.56 -28.96
N ASP D 229 33.17 19.49 -28.13
CA ASP D 229 33.42 18.28 -27.34
C ASP D 229 33.63 18.62 -25.87
N THR D 230 32.67 19.35 -25.29
CA THR D 230 32.68 19.53 -23.85
C THR D 230 32.13 18.29 -23.16
N ARG D 231 32.19 18.28 -21.83
CA ARG D 231 31.57 17.19 -21.08
C ARG D 231 30.07 17.15 -21.34
N PHE D 232 29.43 18.33 -21.41
CA PHE D 232 27.99 18.38 -21.56
C PHE D 232 27.54 18.06 -22.99
N ASP D 233 28.42 18.27 -23.97
CA ASP D 233 28.10 18.03 -25.37
C ASP D 233 28.01 16.53 -25.72
N ARG D 234 28.84 15.68 -25.10
CA ARG D 234 28.85 14.28 -25.55
C ARG D 234 27.59 13.53 -25.16
N TYR D 235 27.01 13.82 -24.00
CA TYR D 235 25.88 13.04 -23.52
C TYR D 235 24.53 13.59 -23.95
N SER D 236 24.44 14.87 -24.26
CA SER D 236 23.15 15.57 -24.37
C SER D 236 22.66 15.57 -25.82
N ASN D 237 22.43 14.36 -26.32
CA ASN D 237 21.88 14.19 -27.67
C ASN D 237 21.10 12.88 -27.72
N VAL D 238 20.25 12.77 -28.75
CA VAL D 238 19.31 11.65 -28.84
C VAL D 238 20.05 10.33 -28.94
N ASN D 239 21.05 10.27 -29.83
CA ASN D 239 21.78 9.02 -30.08
C ASN D 239 22.37 8.46 -28.80
N TYR D 240 23.06 9.28 -28.01
CA TYR D 240 23.69 8.79 -26.79
C TYR D 240 22.65 8.24 -25.82
N ALA D 241 21.53 8.96 -25.64
CA ALA D 241 20.53 8.50 -24.70
C ALA D 241 19.93 7.16 -25.13
N VAL D 242 19.61 7.02 -26.41
CA VAL D 242 19.03 5.77 -26.90
C VAL D 242 20.00 4.62 -26.72
N GLN D 243 21.22 4.78 -27.24
CA GLN D 243 22.22 3.72 -27.14
C GLN D 243 22.57 3.40 -25.70
N TYR D 244 22.51 4.39 -24.81
CA TYR D 244 22.81 4.17 -23.41
C TYR D 244 21.70 3.36 -22.75
N MET D 245 20.44 3.72 -23.02
CA MET D 245 19.32 2.95 -22.49
C MET D 245 19.38 1.50 -22.94
N ILE D 246 19.71 1.25 -24.21
CA ILE D 246 19.82 -0.13 -24.68
C ILE D 246 20.99 -0.82 -23.99
N ARG D 247 22.13 -0.11 -23.89
CA ARG D 247 23.33 -0.63 -23.25
C ARG D 247 23.07 -1.04 -21.82
N LEU D 248 22.16 -0.35 -21.14
CA LEU D 248 21.84 -0.63 -19.75
C LEU D 248 20.75 -1.68 -19.55
N GLY D 249 20.23 -2.25 -20.63
CA GLY D 249 19.30 -3.36 -20.52
C GLY D 249 17.86 -3.03 -20.80
N ALA D 250 17.57 -1.86 -21.37
CA ALA D 250 16.25 -1.63 -21.93
C ALA D 250 16.19 -2.32 -23.29
N GLN D 251 15.08 -3.01 -23.52
CA GLN D 251 14.90 -3.73 -24.77
C GLN D 251 14.44 -2.76 -25.86
N ALA D 252 15.12 -2.83 -27.00
CA ALA D 252 14.75 -1.98 -28.15
C ALA D 252 13.25 -2.04 -28.43
N SER D 253 12.66 -3.22 -28.27
CA SER D 253 11.21 -3.37 -28.44
C SER D 253 10.41 -2.66 -27.35
N LYS D 254 11.05 -2.23 -26.26
CA LYS D 254 10.39 -1.45 -25.23
C LYS D 254 10.66 0.06 -25.33
N LEU D 255 11.71 0.48 -26.04
CA LEU D 255 12.09 1.88 -26.06
C LEU D 255 11.27 2.63 -27.09
N LEU D 256 10.61 3.69 -26.65
CA LEU D 256 10.02 4.70 -27.52
C LEU D 256 10.90 5.93 -27.50
N MET D 257 11.32 6.37 -28.68
CA MET D 257 12.19 7.52 -28.81
C MET D 257 11.34 8.78 -28.80
N GLY D 258 11.55 9.63 -27.80
CA GLY D 258 10.77 10.84 -27.69
C GLY D 258 11.15 11.84 -28.77
N ILE D 259 10.14 12.42 -29.40
CA ILE D 259 10.35 13.45 -30.41
C ILE D 259 9.52 14.66 -30.03
N PRO D 260 10.12 15.84 -29.91
CA PRO D 260 9.35 17.02 -29.50
C PRO D 260 8.71 17.73 -30.67
N THR D 261 7.54 18.32 -30.39
CA THR D 261 6.89 19.22 -31.32
C THR D 261 7.15 20.68 -30.97
N PHE D 262 7.89 20.95 -29.90
CA PHE D 262 8.14 22.29 -29.41
C PHE D 262 9.59 22.67 -29.63
N GLY D 263 9.85 23.97 -29.65
CA GLY D 263 11.19 24.51 -29.72
C GLY D 263 11.58 25.10 -28.38
N LYS D 264 12.87 25.11 -28.10
CA LYS D 264 13.40 25.81 -26.94
C LYS D 264 14.15 27.05 -27.42
N SER D 265 13.87 28.17 -26.77
CA SER D 265 14.26 29.48 -27.27
C SER D 265 15.14 30.21 -26.27
N PHE D 266 15.92 31.15 -26.81
CA PHE D 266 16.87 31.95 -26.07
C PHE D 266 16.81 33.38 -26.61
N THR D 267 17.04 34.34 -25.71
CA THR D 267 17.31 35.71 -26.10
C THR D 267 18.81 35.90 -26.24
N LEU D 268 19.23 36.45 -27.38
CA LEU D 268 20.65 36.60 -27.68
C LEU D 268 21.23 37.80 -26.95
N ALA D 269 22.45 37.63 -26.45
CA ALA D 269 23.14 38.71 -25.73
C ALA D 269 23.70 39.76 -26.67
N SER D 270 23.92 39.42 -27.94
CA SER D 270 24.53 40.30 -28.91
C SER D 270 24.00 39.93 -30.28
N SER D 271 24.63 40.47 -31.32
CA SER D 271 24.22 40.15 -32.68
C SER D 271 24.58 38.72 -33.06
N GLU D 272 25.53 38.10 -32.36
CA GLU D 272 25.89 36.72 -32.69
C GLU D 272 24.68 35.82 -32.53
N ASN D 273 24.38 35.05 -33.57
CA ASN D 273 23.18 34.22 -33.59
C ASN D 273 23.48 32.80 -34.05
N GLN D 274 24.74 32.38 -33.97
CA GLN D 274 25.12 31.03 -34.35
C GLN D 274 24.88 30.07 -33.20
N LEU D 275 25.12 28.79 -33.44
CA LEU D 275 25.10 27.81 -32.36
C LEU D 275 26.24 28.08 -31.40
N GLY D 276 25.94 28.10 -30.11
CA GLY D 276 26.93 28.45 -29.11
C GLY D 276 27.08 29.92 -28.84
N ALA D 277 26.23 30.76 -29.42
CA ALA D 277 26.30 32.20 -29.19
C ALA D 277 25.88 32.53 -27.75
N PRO D 278 26.40 33.62 -27.18
CA PRO D 278 26.02 33.98 -25.82
C PRO D 278 24.59 34.48 -25.74
N ILE D 279 23.96 34.21 -24.60
CA ILE D 279 22.56 34.54 -24.39
C ILE D 279 22.44 35.43 -23.15
N SER D 280 21.33 36.18 -23.11
CA SER D 280 20.97 36.96 -21.94
C SER D 280 19.82 36.36 -21.15
N GLY D 281 19.17 35.31 -21.67
CA GLY D 281 18.16 34.61 -20.89
C GLY D 281 17.28 33.76 -21.79
N GLU D 282 16.17 33.31 -21.20
CA GLU D 282 15.17 32.56 -21.96
C GLU D 282 14.67 33.37 -23.15
N GLY D 283 14.17 32.66 -24.15
CA GLY D 283 13.51 33.33 -25.25
C GLY D 283 12.24 34.01 -24.79
N LEU D 284 11.84 35.05 -25.51
CA LEU D 284 10.60 35.73 -25.19
C LEU D 284 9.44 34.75 -25.33
N PRO D 285 8.44 34.81 -24.44
CA PRO D 285 7.37 33.82 -24.50
C PRO D 285 6.51 33.96 -25.75
N GLY D 286 5.92 32.85 -26.16
CA GLY D 286 4.97 32.87 -27.25
C GLY D 286 3.61 33.38 -26.81
N ARG D 287 2.81 33.79 -27.81
CA ARG D 287 1.53 34.43 -27.51
C ARG D 287 0.58 33.47 -26.80
N PHE D 288 0.60 32.19 -27.19
CA PHE D 288 -0.37 31.22 -26.71
C PHE D 288 0.18 30.30 -25.63
N THR D 289 1.44 29.88 -25.73
CA THR D 289 1.98 28.98 -24.72
C THR D 289 2.42 29.71 -23.47
N LYS D 290 2.81 30.98 -23.59
CA LYS D 290 3.10 31.86 -22.45
C LYS D 290 4.09 31.22 -21.47
N GLU D 291 5.19 30.70 -22.03
CA GLU D 291 6.24 30.09 -21.22
C GLU D 291 7.58 30.50 -21.83
N ALA D 292 8.28 31.42 -21.18
CA ALA D 292 9.58 31.88 -21.65
C ALA D 292 10.51 30.68 -21.88
N GLY D 293 11.15 30.68 -23.04
CA GLY D 293 12.02 29.58 -23.41
C GLY D 293 11.36 28.49 -24.21
N THR D 294 10.04 28.52 -24.36
CA THR D 294 9.30 27.48 -25.07
C THR D 294 8.43 28.11 -26.14
N LEU D 295 8.36 27.43 -27.29
CA LEU D 295 7.51 27.83 -28.40
C LEU D 295 6.85 26.58 -28.96
N ALA D 296 5.53 26.63 -29.13
CA ALA D 296 4.87 25.55 -29.84
C ALA D 296 5.17 25.68 -31.34
N TYR D 297 4.99 24.58 -32.06
CA TYR D 297 5.30 24.60 -33.49
C TYR D 297 4.45 25.64 -34.22
N TYR D 298 3.18 25.81 -33.81
CA TYR D 298 2.36 26.82 -34.48
C TYR D 298 2.85 28.23 -34.19
N GLU D 299 3.49 28.46 -33.05
CA GLU D 299 4.10 29.76 -32.81
C GLU D 299 5.41 29.90 -33.58
N ILE D 300 6.11 28.78 -33.81
CA ILE D 300 7.35 28.81 -34.57
C ILE D 300 7.08 29.13 -36.04
N CYS D 301 5.99 28.57 -36.59
CA CYS D 301 5.61 28.91 -37.96
C CYS D 301 5.50 30.42 -38.16
N ASP D 302 4.79 31.09 -37.24
CA ASP D 302 4.74 32.55 -37.26
C ASP D 302 6.14 33.15 -37.15
N PHE D 303 6.93 32.65 -36.18
CA PHE D 303 8.27 33.18 -35.96
C PHE D 303 9.14 33.12 -37.22
N LEU D 304 9.02 32.04 -38.00
CA LEU D 304 9.87 31.82 -39.17
C LEU D 304 9.69 32.89 -40.24
N LYS D 305 8.53 33.54 -40.27
CA LYS D 305 8.28 34.61 -41.23
C LYS D 305 9.28 35.74 -40.98
N GLY D 306 10.24 35.90 -41.88
CA GLY D 306 11.29 36.89 -41.71
C GLY D 306 12.50 36.40 -40.95
N ALA D 307 12.60 35.10 -40.69
CA ALA D 307 13.67 34.54 -39.90
C ALA D 307 14.64 33.75 -40.77
N GLU D 308 15.83 33.52 -40.21
CA GLU D 308 16.83 32.66 -40.83
C GLU D 308 16.67 31.26 -40.26
N VAL D 309 16.63 30.26 -41.13
CA VAL D 309 16.63 28.87 -40.71
C VAL D 309 17.97 28.27 -41.06
N HIS D 310 18.60 27.67 -40.06
CA HIS D 310 19.89 27.01 -40.20
C HIS D 310 19.71 25.54 -39.85
N ARG D 311 20.30 24.68 -40.68
CA ARG D 311 20.20 23.24 -40.53
C ARG D 311 21.55 22.73 -40.08
N LEU D 312 21.59 22.12 -38.91
CA LEU D 312 22.83 21.61 -38.35
C LEU D 312 23.22 20.32 -39.06
N SER D 313 24.44 20.28 -39.59
CA SER D 313 24.88 19.12 -40.34
C SER D 313 25.03 17.90 -39.44
N ASN D 314 25.77 18.04 -38.33
CA ASN D 314 25.97 16.91 -37.44
C ASN D 314 24.70 16.58 -36.66
N GLU D 315 24.05 17.60 -36.12
CA GLU D 315 22.93 17.40 -35.20
C GLU D 315 21.63 17.03 -35.90
N LYS D 316 21.52 17.30 -37.21
CA LYS D 316 20.38 16.87 -38.02
C LYS D 316 19.07 17.56 -37.65
N VAL D 317 19.16 18.77 -37.10
CA VAL D 317 17.96 19.49 -36.64
C VAL D 317 18.11 20.97 -36.95
N PRO D 318 17.00 21.67 -37.09
CA PRO D 318 17.05 23.10 -37.38
C PRO D 318 16.94 24.00 -36.16
N PHE D 319 17.65 25.12 -36.26
CA PHE D 319 17.36 26.27 -35.41
C PHE D 319 17.09 27.48 -36.29
N ALA D 320 16.28 28.40 -35.76
CA ALA D 320 15.92 29.61 -36.49
C ALA D 320 16.22 30.83 -35.62
N THR D 321 16.59 31.92 -36.27
CA THR D 321 17.04 33.12 -35.57
C THR D 321 16.43 34.33 -36.26
N LYS D 322 16.06 35.33 -35.45
CA LYS D 322 15.49 36.57 -35.97
C LYS D 322 15.60 37.63 -34.88
N GLY D 323 16.25 38.74 -35.20
CA GLY D 323 16.56 39.70 -34.17
C GLY D 323 17.38 39.04 -33.08
N ASN D 324 17.04 39.34 -31.83
CA ASN D 324 17.69 38.73 -30.69
C ASN D 324 17.02 37.43 -30.23
N GLN D 325 16.16 36.83 -31.05
CA GLN D 325 15.51 35.57 -30.69
C GLN D 325 16.10 34.40 -31.46
N TRP D 326 16.23 33.26 -30.76
CA TRP D 326 16.90 32.07 -31.27
C TRP D 326 16.14 30.86 -30.76
N VAL D 327 15.70 29.97 -31.66
CA VAL D 327 14.91 28.81 -31.21
C VAL D 327 15.37 27.56 -31.93
N GLY D 328 15.69 26.52 -31.16
CA GLY D 328 15.97 25.21 -31.72
C GLY D 328 14.71 24.38 -31.70
N TYR D 329 14.40 23.73 -32.82
CA TYR D 329 13.09 23.12 -32.96
C TYR D 329 13.13 21.95 -33.93
N GLU D 330 11.94 21.37 -34.17
CA GLU D 330 11.76 20.24 -35.05
C GLU D 330 10.83 20.63 -36.20
N ASP D 331 11.19 20.23 -37.41
CA ASP D 331 10.31 20.34 -38.56
C ASP D 331 10.14 18.98 -39.21
N LYS D 332 9.35 18.95 -40.29
CA LYS D 332 9.03 17.71 -40.99
C LYS D 332 10.29 16.91 -41.34
N GLU D 333 11.29 17.60 -41.90
CA GLU D 333 12.51 16.92 -42.34
C GLU D 333 13.23 16.25 -41.17
N SER D 334 13.51 16.99 -40.11
CA SER D 334 14.25 16.44 -38.99
C SER D 334 13.48 15.33 -38.29
N VAL D 335 12.15 15.44 -38.27
CA VAL D 335 11.32 14.42 -37.64
C VAL D 335 11.35 13.14 -38.46
N LYS D 336 11.25 13.25 -39.79
CA LYS D 336 11.36 12.08 -40.66
C LYS D 336 12.71 11.41 -40.47
N ASN D 337 13.79 12.21 -40.44
CA ASN D 337 15.12 11.64 -40.26
C ASN D 337 15.25 10.94 -38.92
N LYS D 338 14.60 11.47 -37.89
CA LYS D 338 14.65 10.81 -36.59
C LYS D 338 13.88 9.50 -36.57
N VAL D 339 12.78 9.42 -37.31
CA VAL D 339 12.08 8.14 -37.43
C VAL D 339 12.97 7.13 -38.15
N ARG D 340 13.65 7.57 -39.21
CA ARG D 340 14.61 6.70 -39.89
C ARG D 340 15.66 6.18 -38.93
N PHE D 341 16.17 7.06 -38.05
CA PHE D 341 17.14 6.63 -37.04
C PHE D 341 16.54 5.57 -36.11
N LEU D 342 15.34 5.83 -35.58
CA LEU D 342 14.75 4.90 -34.63
C LEU D 342 14.43 3.55 -35.27
N LYS D 343 14.20 3.54 -36.59
CA LYS D 343 14.02 2.27 -37.28
C LYS D 343 15.32 1.50 -37.38
N GLU D 344 16.41 2.19 -37.77
CA GLU D 344 17.72 1.54 -37.78
C GLU D 344 18.06 0.89 -36.45
N LYS D 345 17.66 1.52 -35.34
CA LYS D 345 17.97 1.01 -34.02
C LYS D 345 16.94 -0.01 -33.53
N LYS D 346 15.92 -0.30 -34.35
CA LYS D 346 14.91 -1.33 -34.08
C LYS D 346 14.12 -1.01 -32.81
N LEU D 347 13.78 0.27 -32.64
CA LEU D 347 13.02 0.73 -31.49
C LEU D 347 11.54 0.44 -31.65
N ALA D 348 10.82 0.44 -30.52
CA ALA D 348 9.39 0.16 -30.52
C ALA D 348 8.59 1.20 -31.28
N GLY D 349 9.11 2.40 -31.45
CA GLY D 349 8.42 3.43 -32.18
C GLY D 349 8.78 4.80 -31.65
N ALA D 350 7.90 5.75 -31.90
CA ALA D 350 8.11 7.13 -31.49
C ALA D 350 7.17 7.49 -30.33
N MET D 351 7.66 8.36 -29.45
CA MET D 351 6.84 9.06 -28.48
C MET D 351 6.88 10.54 -28.81
N VAL D 352 5.74 11.21 -28.63
CA VAL D 352 5.59 12.61 -29.05
C VAL D 352 5.15 13.45 -27.85
N TRP D 353 5.93 14.49 -27.56
CA TRP D 353 5.52 15.54 -26.63
C TRP D 353 5.60 16.86 -27.37
N ALA D 354 4.45 17.46 -27.68
CA ALA D 354 3.14 16.93 -27.33
C ALA D 354 2.16 17.34 -28.43
N LEU D 355 0.96 16.75 -28.43
CA LEU D 355 0.02 17.04 -29.49
C LEU D 355 -0.45 18.48 -29.45
N ASP D 356 -0.72 19.00 -28.25
CA ASP D 356 -1.14 20.39 -28.10
C ASP D 356 -0.07 21.39 -28.49
N LEU D 357 1.17 20.95 -28.66
CA LEU D 357 2.26 21.82 -29.09
C LEU D 357 2.58 21.70 -30.57
N ASP D 358 2.01 20.70 -31.24
CA ASP D 358 2.01 20.63 -32.69
C ASP D 358 0.98 21.61 -33.25
N ASP D 359 1.09 21.89 -34.55
CA ASP D 359 0.11 22.76 -35.21
C ASP D 359 -1.18 21.96 -35.43
N PHE D 360 -1.93 21.78 -34.35
CA PHE D 360 -3.09 20.89 -34.40
C PHE D 360 -4.26 21.47 -35.18
N GLN D 361 -4.32 22.79 -35.38
CA GLN D 361 -5.45 23.40 -36.07
C GLN D 361 -5.13 23.80 -37.50
N GLY D 362 -3.94 23.46 -38.00
CA GLY D 362 -3.59 23.77 -39.39
C GLY D 362 -3.30 25.23 -39.65
N THR D 363 -2.83 25.97 -38.64
CA THR D 363 -2.49 27.37 -38.83
C THR D 363 -1.32 27.54 -39.81
N CYS D 364 -0.36 26.61 -39.80
CA CYS D 364 0.88 26.81 -40.54
C CYS D 364 0.65 26.67 -42.04
N GLN D 365 -0.06 25.64 -42.45
CA GLN D 365 -0.31 25.35 -43.86
C GLN D 365 -1.77 24.93 -44.00
N PRO D 366 -2.44 25.39 -45.05
CA PRO D 366 -3.87 25.08 -45.21
C PRO D 366 -4.12 23.57 -45.19
N LYS D 367 -5.01 23.15 -44.28
CA LYS D 367 -5.50 21.78 -44.14
C LYS D 367 -4.44 20.78 -43.70
N GLU D 368 -3.28 21.23 -43.23
CA GLU D 368 -2.29 20.31 -42.67
C GLU D 368 -2.42 20.28 -41.15
N PHE D 369 -3.29 19.41 -40.66
CA PHE D 369 -3.48 19.22 -39.23
C PHE D 369 -2.38 18.32 -38.70
N PHE D 370 -1.83 18.67 -37.55
CA PHE D 370 -0.76 17.90 -36.90
C PHE D 370 0.38 17.62 -37.87
N PRO D 371 1.00 18.63 -38.49
CA PRO D 371 2.03 18.35 -39.51
C PRO D 371 3.20 17.52 -38.99
N LEU D 372 3.67 17.80 -37.78
CA LEU D 372 4.83 17.08 -37.25
C LEU D 372 4.46 15.64 -36.90
N THR D 373 3.36 15.45 -36.17
CA THR D 373 2.96 14.11 -35.78
C THR D 373 2.60 13.26 -37.00
N ASN D 374 1.88 13.84 -37.97
CA ASN D 374 1.60 13.13 -39.21
C ASN D 374 2.88 12.81 -39.97
N ALA D 375 3.87 13.70 -39.91
CA ALA D 375 5.16 13.38 -40.53
C ALA D 375 5.79 12.17 -39.85
N ILE D 376 5.67 12.08 -38.53
CA ILE D 376 6.19 10.92 -37.82
C ILE D 376 5.45 9.66 -38.22
N LYS D 377 4.12 9.72 -38.25
CA LYS D 377 3.32 8.56 -38.63
C LYS D 377 3.66 8.09 -40.04
N ASP D 378 3.68 9.03 -41.00
CA ASP D 378 4.02 8.68 -42.38
C ASP D 378 5.40 8.04 -42.46
N ALA D 379 6.37 8.60 -41.73
CA ALA D 379 7.71 8.04 -41.76
C ALA D 379 7.77 6.67 -41.10
N LEU D 380 6.87 6.38 -40.16
CA LEU D 380 6.83 5.06 -39.55
C LEU D 380 6.27 4.01 -40.52
N ALA D 381 5.39 4.42 -41.43
CA ALA D 381 4.88 3.52 -42.47
C ALA D 381 5.90 3.29 -43.57
N TYR E 22 34.52 32.95 20.44
CA TYR E 22 33.79 33.29 19.23
C TYR E 22 32.91 32.13 18.78
N LYS E 23 31.71 32.46 18.31
CA LYS E 23 30.80 31.48 17.71
C LYS E 23 30.89 31.50 16.20
N LEU E 24 30.77 30.32 15.59
CA LEU E 24 30.63 30.16 14.15
C LEU E 24 29.31 29.44 13.90
N VAL E 25 28.27 30.19 13.56
CA VAL E 25 26.91 29.68 13.43
C VAL E 25 26.60 29.49 11.95
N CYS E 26 26.32 28.25 11.55
CA CYS E 26 26.26 27.86 10.16
C CYS E 26 24.86 27.36 9.81
N TYR E 27 24.22 28.02 8.84
CA TYR E 27 22.96 27.58 8.27
C TYR E 27 23.19 26.55 7.17
N PHE E 28 22.26 25.61 7.03
CA PHE E 28 22.10 24.86 5.80
C PHE E 28 20.62 24.63 5.55
N THR E 29 20.28 24.33 4.29
CA THR E 29 18.90 24.27 3.85
C THR E 29 18.47 22.82 3.61
N SER E 30 17.20 22.56 3.88
CA SER E 30 16.64 21.23 3.60
C SER E 30 16.50 20.99 2.10
N TRP E 31 16.11 22.02 1.33
CA TRP E 31 15.87 21.82 -0.08
C TRP E 31 17.15 21.58 -0.87
N SER E 32 18.32 21.90 -0.30
CA SER E 32 19.57 21.64 -1.00
C SER E 32 19.78 20.16 -1.29
N GLN E 33 19.08 19.28 -0.58
CA GLN E 33 19.19 17.85 -0.84
C GLN E 33 18.66 17.50 -2.23
N TYR E 34 17.75 18.30 -2.77
CA TYR E 34 17.10 17.95 -4.03
C TYR E 34 17.88 18.40 -5.26
N ARG E 35 19.01 19.07 -5.10
CA ARG E 35 19.80 19.49 -6.26
C ARG E 35 20.44 18.29 -6.93
N GLU E 36 20.66 18.40 -8.24
CA GLU E 36 21.19 17.29 -9.01
C GLU E 36 22.66 17.04 -8.71
N GLY E 37 23.06 15.77 -8.81
CA GLY E 37 24.46 15.39 -8.86
C GLY E 37 25.22 15.80 -7.62
N VAL E 38 26.41 16.36 -7.84
CA VAL E 38 27.28 16.76 -6.75
C VAL E 38 26.74 17.94 -5.96
N GLY E 39 25.72 18.62 -6.47
CA GLY E 39 25.10 19.72 -5.73
C GLY E 39 24.24 19.28 -4.56
N SER E 40 23.82 18.01 -4.55
CA SER E 40 22.97 17.51 -3.47
C SER E 40 23.70 17.57 -2.13
N PHE E 41 23.06 18.19 -1.14
CA PHE E 41 23.66 18.41 0.17
C PHE E 41 22.80 17.73 1.24
N LEU E 42 23.44 16.93 2.08
CA LEU E 42 22.82 16.34 3.25
C LEU E 42 23.67 16.64 4.47
N PRO E 43 23.07 16.70 5.66
CA PRO E 43 23.81 17.18 6.84
C PRO E 43 25.00 16.31 7.23
N ASP E 44 24.98 15.02 6.88
CA ASP E 44 26.12 14.17 7.22
C ASP E 44 27.36 14.50 6.39
N ALA E 45 27.28 15.42 5.43
CA ALA E 45 28.45 15.91 4.72
C ALA E 45 29.19 17.00 5.49
N ILE E 46 28.66 17.45 6.63
CA ILE E 46 29.27 18.53 7.38
C ILE E 46 30.42 17.99 8.22
N GLN E 47 31.57 18.64 8.16
CA GLN E 47 32.67 18.34 9.07
C GLN E 47 32.23 18.64 10.50
N PRO E 48 32.35 17.70 11.43
CA PRO E 48 31.76 17.90 12.77
C PRO E 48 32.38 19.03 13.57
N PHE E 49 33.61 19.44 13.26
CA PHE E 49 34.28 20.49 14.01
C PHE E 49 34.35 21.80 13.23
N LEU E 50 33.66 21.88 12.09
CA LEU E 50 33.63 23.10 11.29
C LEU E 50 33.03 24.26 12.09
N CYS E 51 31.86 24.04 12.69
CA CYS E 51 31.04 25.11 13.24
C CYS E 51 30.79 24.85 14.72
N THR E 52 30.52 25.92 15.46
CA THR E 52 30.08 25.76 16.85
C THR E 52 28.58 25.49 16.91
N HIS E 53 27.81 26.09 16.01
CA HIS E 53 26.37 25.91 15.94
C HIS E 53 25.97 25.64 14.49
N ILE E 54 25.02 24.72 14.30
CA ILE E 54 24.49 24.40 12.99
C ILE E 54 22.98 24.60 13.03
N ILE E 55 22.44 25.31 12.05
CA ILE E 55 21.01 25.65 12.02
C ILE E 55 20.35 25.00 10.82
N TYR E 56 19.25 24.29 11.07
CA TYR E 56 18.49 23.59 10.04
C TYR E 56 17.34 24.48 9.57
N SER E 57 17.37 24.85 8.29
CA SER E 57 16.32 25.65 7.67
C SER E 57 15.59 24.81 6.62
N PHE E 58 14.25 24.81 6.66
CA PHE E 58 13.44 25.49 7.67
C PHE E 58 12.38 24.55 8.22
N ALA E 59 11.93 24.82 9.45
CA ALA E 59 10.76 24.14 9.99
C ALA E 59 9.49 24.91 9.61
N ASN E 60 8.37 24.18 9.61
CA ASN E 60 7.07 24.76 9.30
C ASN E 60 6.27 24.95 10.59
N ILE E 61 5.05 25.47 10.43
CA ILE E 61 4.08 25.55 11.50
C ILE E 61 2.78 24.96 10.99
N SER E 62 2.25 23.96 11.70
CA SER E 62 1.03 23.31 11.27
C SER E 62 -0.16 24.24 11.40
N SER E 63 -1.26 23.86 10.73
CA SER E 63 -2.49 24.63 10.81
C SER E 63 -3.05 24.66 12.22
N ASP E 64 -2.60 23.77 13.10
CA ASP E 64 -2.88 23.82 14.52
C ASP E 64 -1.87 24.68 15.27
N ASN E 65 -1.13 25.52 14.56
CA ASN E 65 -0.20 26.50 15.13
C ASN E 65 0.96 25.86 15.88
N MET E 66 1.34 24.63 15.53
CA MET E 66 2.40 23.93 16.25
C MET E 66 3.60 23.71 15.34
N LEU E 67 4.80 23.90 15.92
CA LEU E 67 6.04 23.65 15.20
C LEU E 67 6.04 22.24 14.62
N SER E 68 6.44 22.13 13.36
CA SER E 68 6.37 20.85 12.66
C SER E 68 7.46 20.79 11.61
N THR E 69 7.66 19.58 11.09
CA THR E 69 8.56 19.39 9.96
C THR E 69 7.97 20.02 8.70
N TRP E 70 8.85 20.24 7.72
CA TRP E 70 8.44 20.76 6.41
C TRP E 70 8.37 19.65 5.38
N GLU E 71 9.48 18.93 5.19
CA GLU E 71 9.54 17.84 4.24
C GLU E 71 9.18 16.53 4.94
N TRP E 72 8.65 15.58 4.14
CA TRP E 72 8.28 14.28 4.68
C TRP E 72 9.42 13.59 5.41
N ASN E 73 10.67 13.86 5.01
CA ASN E 73 11.81 13.13 5.52
C ASN E 73 12.68 13.97 6.44
N ASP E 74 12.18 15.12 6.90
CA ASP E 74 12.93 15.96 7.82
C ASP E 74 13.44 15.19 9.04
N GLU E 75 12.67 14.24 9.57
CA GLU E 75 13.13 13.47 10.73
C GLU E 75 14.47 12.79 10.47
N SER E 76 14.62 12.15 9.30
CA SER E 76 15.87 11.43 9.04
C SER E 76 17.05 12.38 8.90
N ASN E 77 16.81 13.59 8.41
CA ASN E 77 17.87 14.59 8.37
C ASN E 77 18.16 15.19 9.73
N TYR E 78 17.14 15.34 10.58
CA TYR E 78 17.37 15.64 11.99
C TYR E 78 18.29 14.59 12.60
N ASP E 79 18.08 13.32 12.23
CA ASP E 79 18.89 12.24 12.76
C ASP E 79 20.32 12.32 12.25
N LYS E 80 20.49 12.51 10.94
CA LYS E 80 21.84 12.68 10.40
C LYS E 80 22.54 13.87 11.04
N LEU E 81 21.77 14.90 11.42
CA LEU E 81 22.35 16.11 11.99
C LEU E 81 22.77 15.91 13.44
N ASN E 82 21.94 15.25 14.25
CA ASN E 82 22.30 15.04 15.65
C ASN E 82 23.32 13.93 15.83
N LYS E 83 23.36 12.97 14.91
CA LYS E 83 24.42 11.96 14.95
C LYS E 83 25.80 12.60 14.80
N LEU E 84 25.86 13.81 14.23
CA LEU E 84 27.09 14.59 14.22
C LEU E 84 27.57 14.91 15.63
N LYS E 85 26.63 15.16 16.56
CA LYS E 85 27.02 15.56 17.91
C LYS E 85 27.70 14.44 18.67
N THR E 86 27.57 13.19 18.22
CA THR E 86 28.34 12.11 18.83
C THR E 86 29.82 12.19 18.45
N ARG E 87 30.15 12.82 17.33
CA ARG E 87 31.55 13.01 16.95
C ARG E 87 32.13 14.32 17.44
N ASN E 88 31.28 15.31 17.75
CA ASN E 88 31.69 16.55 18.41
C ASN E 88 30.64 16.85 19.47
N THR E 89 30.93 16.49 20.72
CA THR E 89 29.93 16.55 21.78
C THR E 89 29.64 17.98 22.23
N ASN E 90 30.44 18.95 21.82
CA ASN E 90 30.16 20.36 22.10
C ASN E 90 29.36 21.03 20.99
N LEU E 91 29.10 20.34 19.89
CA LEU E 91 28.34 20.92 18.79
C LEU E 91 26.90 21.18 19.20
N LYS E 92 26.40 22.36 18.87
CA LYS E 92 25.02 22.75 19.14
C LYS E 92 24.24 22.81 17.83
N THR E 93 23.02 22.31 17.84
CA THR E 93 22.12 22.40 16.69
C THR E 93 20.90 23.24 17.05
N LEU E 94 20.43 24.02 16.09
CA LEU E 94 19.18 24.76 16.23
C LEU E 94 18.30 24.53 15.02
N LEU E 95 17.00 24.61 15.23
CA LEU E 95 16.01 24.49 14.18
C LEU E 95 15.45 25.87 13.86
N SER E 96 15.56 26.28 12.61
CA SER E 96 15.07 27.58 12.17
C SER E 96 13.66 27.45 11.62
N VAL E 97 12.74 28.26 12.14
CA VAL E 97 11.34 28.22 11.73
C VAL E 97 11.05 29.47 10.92
N GLY E 98 10.32 29.29 9.81
CA GLY E 98 10.01 30.39 8.92
C GLY E 98 10.70 30.31 7.58
N GLY E 99 11.42 31.37 7.22
CA GLY E 99 12.05 31.49 5.92
C GLY E 99 11.19 32.31 4.97
N TRP E 100 11.79 32.63 3.82
CA TRP E 100 11.10 33.47 2.85
C TRP E 100 9.86 32.79 2.28
N LYS E 101 9.99 31.52 1.90
CA LYS E 101 8.85 30.79 1.36
C LYS E 101 7.69 30.76 2.36
N PHE E 102 8.00 30.58 3.64
CA PHE E 102 6.97 30.61 4.68
C PHE E 102 6.19 31.91 4.66
N GLY E 103 6.88 33.04 4.50
CA GLY E 103 6.24 34.33 4.36
C GLY E 103 5.90 34.98 5.69
N GLY E 104 5.78 36.31 5.64
CA GLY E 104 5.37 37.06 6.81
C GLY E 104 3.92 36.85 7.16
N LYS E 105 3.07 36.63 6.15
CA LYS E 105 1.63 36.47 6.34
C LYS E 105 1.31 35.51 7.48
N ARG E 106 1.93 34.33 7.47
CA ARG E 106 1.59 33.33 8.49
C ARG E 106 2.02 33.77 9.88
N PHE E 107 3.22 34.36 9.99
CA PHE E 107 3.69 34.83 11.28
C PHE E 107 2.83 35.96 11.83
N SER E 108 2.39 36.87 10.97
CA SER E 108 1.44 37.90 11.41
C SER E 108 0.16 37.25 11.92
N GLU E 109 -0.32 36.23 11.22
CA GLU E 109 -1.53 35.52 11.65
C GLU E 109 -1.36 34.91 13.04
N ILE E 110 -0.22 34.27 13.28
CA ILE E 110 -0.01 33.54 14.53
C ILE E 110 0.33 34.49 15.69
N ALA E 111 1.31 35.37 15.50
CA ALA E 111 1.86 36.16 16.59
C ALA E 111 0.84 37.16 17.16
N SER E 112 -0.04 37.70 16.32
CA SER E 112 -0.96 38.74 16.74
C SER E 112 -2.18 38.19 17.47
N ASN E 113 -2.29 36.87 17.61
CA ASN E 113 -3.40 36.24 18.30
C ASN E 113 -2.85 35.50 19.50
N THR E 114 -3.34 35.86 20.70
CA THR E 114 -2.77 35.31 21.93
C THR E 114 -2.88 33.80 21.98
N GLU E 115 -4.00 33.24 21.55
CA GLU E 115 -4.16 31.79 21.68
C GLU E 115 -3.28 31.04 20.65
N ARG E 116 -3.29 31.47 19.38
CA ARG E 116 -2.45 30.82 18.37
C ARG E 116 -0.97 30.93 18.75
N ARG E 117 -0.56 32.13 19.18
CA ARG E 117 0.82 32.36 19.58
C ARG E 117 1.22 31.46 20.74
N THR E 118 0.33 31.32 21.73
CA THR E 118 0.64 30.47 22.89
C THR E 118 0.76 29.01 22.48
N ALA E 119 -0.14 28.54 21.61
CA ALA E 119 -0.03 27.18 21.10
C ALA E 119 1.33 26.93 20.47
N PHE E 120 1.79 27.86 19.63
CA PHE E 120 3.11 27.71 19.01
C PHE E 120 4.22 27.71 20.06
N VAL E 121 4.29 28.78 20.85
CA VAL E 121 5.33 28.93 21.87
C VAL E 121 5.43 27.67 22.71
N ARG E 122 4.30 27.15 23.16
CA ARG E 122 4.31 25.94 23.97
C ARG E 122 4.71 24.72 23.15
N SER E 123 4.44 24.73 21.84
CA SER E 123 4.81 23.60 21.02
C SER E 123 6.31 23.51 20.76
N VAL E 124 7.04 24.62 20.92
CA VAL E 124 8.44 24.64 20.46
C VAL E 124 9.31 23.66 21.24
N ALA E 125 9.38 23.82 22.57
CA ALA E 125 10.35 23.05 23.35
C ALA E 125 10.15 21.53 23.26
N PRO E 126 8.94 20.97 23.43
CA PRO E 126 8.80 19.52 23.27
C PRO E 126 9.30 19.00 21.93
N PHE E 127 9.04 19.73 20.85
CA PHE E 127 9.53 19.33 19.53
C PHE E 127 11.05 19.27 19.50
N LEU E 128 11.70 20.37 19.89
CA LEU E 128 13.16 20.45 19.89
C LEU E 128 13.78 19.31 20.70
N ARG E 129 13.24 19.06 21.90
CA ARG E 129 13.77 17.97 22.72
C ARG E 129 13.51 16.62 22.07
N SER E 130 12.32 16.44 21.48
CA SER E 130 11.99 15.19 20.80
C SER E 130 13.01 14.86 19.72
N TYR E 131 13.49 15.86 18.99
CA TYR E 131 14.42 15.61 17.89
C TYR E 131 15.86 15.95 18.24
N GLY E 132 16.16 16.28 19.49
CA GLY E 132 17.54 16.47 19.90
C GLY E 132 18.15 17.80 19.55
N PHE E 133 17.33 18.84 19.37
CA PHE E 133 17.82 20.17 19.04
C PHE E 133 18.16 20.95 20.31
N ASP E 134 19.16 21.80 20.20
CA ASP E 134 19.58 22.64 21.32
C ASP E 134 18.96 24.03 21.32
N GLY E 135 18.17 24.38 20.32
CA GLY E 135 17.58 25.71 20.30
C GLY E 135 16.70 25.93 19.09
N LEU E 136 16.05 27.11 19.09
CA LEU E 136 15.20 27.57 18.00
C LEU E 136 15.77 28.85 17.40
N ASP E 137 15.75 28.93 16.08
CA ASP E 137 16.06 30.15 15.35
C ASP E 137 14.79 30.70 14.73
N LEU E 138 14.51 31.98 14.95
CA LEU E 138 13.32 32.64 14.43
C LEU E 138 13.67 33.32 13.11
N ALA E 139 12.96 32.95 12.05
CA ALA E 139 13.21 33.49 10.70
C ALA E 139 11.93 34.09 10.14
N TRP E 140 11.44 35.14 10.81
CA TRP E 140 10.28 35.90 10.37
C TRP E 140 10.77 36.96 9.40
N LEU E 141 10.60 36.70 8.11
CA LEU E 141 11.11 37.56 7.04
C LEU E 141 9.94 38.13 6.25
N TYR E 142 9.49 39.34 6.60
CA TYR E 142 10.00 40.14 7.71
C TYR E 142 8.81 40.81 8.39
N PRO E 143 8.92 41.07 9.70
CA PRO E 143 7.84 41.79 10.38
C PRO E 143 7.75 43.23 9.90
N ARG E 144 6.52 43.67 9.69
CA ARG E 144 6.19 45.03 9.32
C ARG E 144 5.81 45.80 10.58
N LEU E 145 5.41 47.07 10.39
CA LEU E 145 5.11 47.92 11.54
C LEU E 145 4.08 47.28 12.46
N ARG E 146 2.93 46.85 11.90
CA ARG E 146 1.88 46.27 12.72
C ARG E 146 2.32 45.02 13.45
N ASP E 147 3.46 44.45 13.08
CA ASP E 147 3.92 43.23 13.72
C ASP E 147 4.98 43.46 14.77
N LYS E 148 5.63 44.63 14.76
CA LYS E 148 6.82 44.86 15.58
C LYS E 148 6.61 44.37 17.02
N GLN E 149 5.58 44.89 17.68
CA GLN E 149 5.40 44.58 19.09
C GLN E 149 5.10 43.10 19.29
N TYR E 150 4.26 42.53 18.42
CA TYR E 150 3.98 41.11 18.54
C TYR E 150 5.25 40.30 18.38
N PHE E 151 6.14 40.74 17.48
CA PHE E 151 7.42 40.07 17.34
C PHE E 151 8.14 40.04 18.68
N SER E 152 8.28 41.22 19.30
CA SER E 152 8.87 41.29 20.64
C SER E 152 8.20 40.30 21.57
N THR E 153 6.86 40.34 21.64
CA THR E 153 6.15 39.48 22.58
C THR E 153 6.55 38.03 22.35
N LEU E 154 6.52 37.60 21.08
CA LEU E 154 6.84 36.21 20.77
C LEU E 154 8.19 35.85 21.35
N ILE E 155 9.19 36.68 21.08
CA ILE E 155 10.54 36.39 21.55
C ILE E 155 10.54 36.27 23.07
N LYS E 156 9.98 37.28 23.77
CA LYS E 156 9.93 37.19 25.22
C LYS E 156 9.30 35.88 25.65
N GLU E 157 8.15 35.55 25.06
CA GLU E 157 7.42 34.38 25.52
C GLU E 157 8.20 33.10 25.23
N LEU E 158 8.97 33.07 24.14
CA LEU E 158 9.84 31.93 23.92
C LEU E 158 10.92 31.88 24.99
N ASN E 159 11.57 33.03 25.25
CA ASN E 159 12.66 33.07 26.22
C ASN E 159 12.18 32.60 27.58
N ALA E 160 11.11 33.21 28.08
CA ALA E 160 10.49 32.76 29.33
C ALA E 160 10.31 31.26 29.32
N GLU E 161 9.72 30.72 28.25
CA GLU E 161 9.42 29.30 28.23
C GLU E 161 10.69 28.48 28.35
N PHE E 162 11.74 28.87 27.60
CA PHE E 162 12.98 28.13 27.69
C PHE E 162 13.57 28.24 29.08
N THR E 163 13.45 29.42 29.70
CA THR E 163 13.89 29.58 31.07
C THR E 163 13.16 28.63 31.99
N LYS E 164 11.85 28.48 31.79
CA LYS E 164 11.06 27.57 32.62
C LYS E 164 11.31 26.10 32.32
N GLU E 165 12.09 25.76 31.29
CA GLU E 165 12.20 24.37 30.88
C GLU E 165 13.49 23.72 31.35
N VAL E 166 14.48 24.50 31.74
CA VAL E 166 15.81 23.97 32.01
C VAL E 166 15.80 23.26 33.35
N GLN E 167 16.56 22.17 33.41
CA GLN E 167 16.75 21.33 34.57
C GLN E 167 18.23 21.11 34.75
N PRO E 168 18.67 20.53 35.88
CA PRO E 168 20.12 20.31 36.07
C PRO E 168 20.75 19.39 35.04
N GLY E 169 20.00 18.45 34.47
CA GLY E 169 20.57 17.52 33.51
C GLY E 169 20.81 18.09 32.12
N ARG E 170 20.09 19.14 31.75
CA ARG E 170 20.17 19.72 30.42
C ARG E 170 20.68 21.16 30.45
N GLU E 171 21.08 21.61 29.26
CA GLU E 171 21.41 23.01 28.99
C GLU E 171 20.19 23.72 28.43
N LYS E 172 19.97 24.95 28.88
CA LYS E 172 18.82 25.74 28.46
C LYS E 172 18.78 25.87 26.94
N LEU E 173 17.56 25.79 26.39
CA LEU E 173 17.37 25.95 24.95
C LEU E 173 17.87 27.32 24.50
N LEU E 174 18.55 27.34 23.36
CA LEU E 174 19.01 28.59 22.77
C LEU E 174 17.91 29.23 21.93
N LEU E 175 17.90 30.55 21.91
CA LEU E 175 16.95 31.32 21.10
C LEU E 175 17.73 32.34 20.29
N SER E 176 17.64 32.23 18.97
CA SER E 176 18.25 33.19 18.05
C SER E 176 17.19 33.68 17.08
N ALA E 177 17.55 34.72 16.32
CA ALA E 177 16.66 35.27 15.31
C ALA E 177 17.49 35.76 14.14
N ALA E 178 17.01 35.46 12.93
CA ALA E 178 17.58 36.05 11.73
C ALA E 178 16.96 37.41 11.52
N LEU E 179 17.77 38.47 11.56
CA LEU E 179 17.28 39.84 11.43
C LEU E 179 17.85 40.46 10.17
N SER E 180 17.04 41.29 9.51
CA SER E 180 17.48 42.00 8.32
C SER E 180 18.58 43.00 8.68
N ALA E 181 19.51 43.18 7.75
CA ALA E 181 20.52 44.22 7.87
C ALA E 181 20.13 45.51 7.15
N GLY E 182 18.92 45.57 6.59
CA GLY E 182 18.47 46.78 5.91
C GLY E 182 17.89 47.77 6.90
N LYS E 183 18.35 49.03 6.79
CA LYS E 183 17.95 50.05 7.76
C LYS E 183 16.43 50.19 7.88
N VAL E 184 15.74 50.32 6.74
CA VAL E 184 14.30 50.52 6.78
C VAL E 184 13.60 49.31 7.38
N ALA E 185 14.03 48.10 6.98
CA ALA E 185 13.45 46.90 7.56
C ALA E 185 13.64 46.86 9.07
N ILE E 186 14.80 47.33 9.55
CA ILE E 186 15.07 47.32 10.98
C ILE E 186 14.16 48.33 11.70
N ASP E 187 14.11 49.57 11.20
CA ASP E 187 13.25 50.58 11.79
C ASP E 187 11.79 50.15 11.78
N THR E 188 11.37 49.43 10.74
CA THR E 188 9.97 49.05 10.60
C THR E 188 9.61 47.87 11.51
N GLY E 189 10.45 46.85 11.56
CA GLY E 189 10.04 45.59 12.17
C GLY E 189 10.55 45.27 13.56
N TYR E 190 11.67 45.85 13.99
CA TYR E 190 12.40 45.35 15.15
C TYR E 190 12.44 46.39 16.26
N ASP E 191 12.10 45.96 17.48
CA ASP E 191 12.39 46.69 18.71
C ASP E 191 13.69 46.12 19.26
N ILE E 192 14.81 46.63 18.72
CA ILE E 192 16.11 46.00 18.92
C ILE E 192 16.46 45.92 20.40
N ALA E 193 16.39 47.05 21.10
CA ALA E 193 16.77 47.08 22.52
C ALA E 193 15.95 46.09 23.34
N GLN E 194 14.68 45.89 22.99
CA GLN E 194 13.83 44.97 23.73
C GLN E 194 14.21 43.52 23.46
N ILE E 195 14.28 43.13 22.18
CA ILE E 195 14.48 41.73 21.84
C ILE E 195 15.90 41.26 22.13
N ALA E 196 16.88 42.17 22.07
CA ALA E 196 18.27 41.78 22.32
C ALA E 196 18.44 41.17 23.71
N GLN E 197 17.60 41.58 24.68
CA GLN E 197 17.70 41.03 26.02
C GLN E 197 17.28 39.56 26.09
N HIS E 198 16.42 39.13 25.16
CA HIS E 198 15.82 37.81 25.25
C HIS E 198 16.40 36.84 24.21
N LEU E 199 17.42 37.24 23.48
CA LEU E 199 18.04 36.43 22.44
C LEU E 199 19.46 36.07 22.84
N ASP E 200 19.82 34.79 22.69
CA ASP E 200 21.19 34.38 22.95
C ASP E 200 22.14 34.91 21.89
N PHE E 201 21.70 35.02 20.65
CA PHE E 201 22.47 35.72 19.62
C PHE E 201 21.56 36.14 18.49
N ILE E 202 22.03 37.12 17.72
CA ILE E 202 21.31 37.67 16.57
C ILE E 202 22.08 37.27 15.32
N ASN E 203 21.39 36.62 14.39
CA ASN E 203 22.01 36.23 13.12
C ASN E 203 21.76 37.37 12.14
N LEU E 204 22.73 38.28 12.03
CA LEU E 204 22.53 39.49 11.23
C LEU E 204 22.75 39.16 9.76
N MET E 205 21.73 39.42 8.94
CA MET E 205 21.74 39.00 7.53
C MET E 205 22.45 40.04 6.66
N THR E 206 23.75 40.19 6.90
CA THR E 206 24.55 41.21 6.25
C THR E 206 24.98 40.76 4.85
N TYR E 207 23.97 40.53 4.01
CA TYR E 207 24.18 40.12 2.63
C TYR E 207 22.89 40.35 1.87
N ASP E 208 22.97 40.17 0.56
CA ASP E 208 21.81 40.35 -0.33
C ASP E 208 21.29 41.78 -0.24
N PHE E 209 22.22 42.74 -0.33
CA PHE E 209 21.93 44.16 -0.16
C PHE E 209 21.49 44.85 -1.44
N HIS E 210 21.68 44.22 -2.60
CA HIS E 210 21.58 44.91 -3.89
C HIS E 210 20.62 44.15 -4.81
N GLY E 211 19.34 44.51 -4.74
CA GLY E 211 18.35 43.88 -5.59
C GLY E 211 18.48 44.33 -7.03
N VAL E 212 17.92 43.51 -7.92
CA VAL E 212 17.97 43.79 -9.36
C VAL E 212 17.20 45.05 -9.72
N TRP E 213 16.27 45.49 -8.85
CA TRP E 213 15.53 46.73 -9.09
C TRP E 213 16.44 47.95 -9.20
N ARG E 214 17.67 47.88 -8.70
CA ARG E 214 18.58 49.03 -8.79
C ARG E 214 18.96 49.34 -10.24
N GLN E 215 18.81 48.38 -11.15
CA GLN E 215 19.06 48.49 -12.59
C GLN E 215 20.54 48.64 -12.92
N ILE E 216 21.44 48.45 -11.95
CA ILE E 216 22.88 48.49 -12.17
C ILE E 216 23.52 47.37 -11.36
N THR E 217 24.76 47.04 -11.73
CA THR E 217 25.51 46.06 -10.96
C THR E 217 25.88 46.60 -9.60
N GLY E 218 25.95 45.71 -8.62
CA GLY E 218 26.39 46.06 -7.29
C GLY E 218 26.74 44.82 -6.53
N HIS E 219 27.66 44.96 -5.57
CA HIS E 219 28.01 43.85 -4.71
C HIS E 219 26.96 43.74 -3.61
N HIS E 220 26.51 42.51 -3.35
CA HIS E 220 25.42 42.30 -2.41
C HIS E 220 25.87 42.25 -0.96
N SER E 221 27.17 42.20 -0.68
CA SER E 221 27.67 42.19 0.70
C SER E 221 28.96 42.99 0.80
N PRO E 222 28.91 44.29 0.50
CA PRO E 222 30.10 45.13 0.67
C PRO E 222 30.34 45.43 2.14
N LEU E 223 31.62 45.42 2.54
CA LEU E 223 31.94 45.73 3.93
C LEU E 223 31.69 47.21 4.24
N PHE E 224 32.24 48.10 3.41
CA PHE E 224 32.07 49.54 3.58
C PHE E 224 31.36 50.14 2.38
N GLN E 225 30.97 51.40 2.54
CA GLN E 225 30.35 52.18 1.47
C GLN E 225 31.33 52.38 0.31
N GLY E 226 30.77 52.47 -0.90
CA GLY E 226 31.54 52.72 -2.09
C GLY E 226 31.75 54.20 -2.31
N GLN E 227 32.10 54.55 -3.56
CA GLN E 227 32.32 55.95 -3.90
C GLN E 227 31.03 56.77 -4.06
N LYS E 228 29.88 56.16 -4.34
CA LYS E 228 28.68 56.94 -4.62
C LYS E 228 27.87 57.27 -3.36
N ASP E 229 27.37 58.51 -3.30
CA ASP E 229 26.31 58.89 -2.36
C ASP E 229 26.65 58.47 -0.93
N PHE E 232 20.79 55.96 0.33
CA PHE E 232 20.52 54.67 -0.29
C PHE E 232 21.80 53.85 -0.31
N ASP E 233 22.85 54.42 -0.91
CA ASP E 233 24.15 53.76 -0.94
C ASP E 233 24.82 53.77 0.43
N ARG E 234 24.39 54.69 1.30
CA ARG E 234 24.97 54.87 2.63
C ARG E 234 24.63 53.73 3.58
N TYR E 235 23.44 53.15 3.47
CA TYR E 235 23.01 52.16 4.45
C TYR E 235 23.35 50.73 4.06
N SER E 236 23.55 50.45 2.77
CA SER E 236 23.52 49.07 2.29
C SER E 236 24.91 48.45 2.26
N ASN E 237 25.50 48.33 3.45
CA ASN E 237 26.80 47.69 3.60
C ASN E 237 26.90 47.11 5.00
N VAL E 238 27.86 46.20 5.17
CA VAL E 238 27.97 45.43 6.41
C VAL E 238 28.25 46.36 7.59
N ASN E 239 29.22 47.26 7.42
CA ASN E 239 29.62 48.15 8.51
C ASN E 239 28.44 48.95 9.06
N TYR E 240 27.65 49.56 8.17
CA TYR E 240 26.53 50.35 8.65
C TYR E 240 25.53 49.51 9.43
N ALA E 241 25.22 48.31 8.92
CA ALA E 241 24.25 47.46 9.60
C ALA E 241 24.74 47.07 10.98
N VAL E 242 26.01 46.69 11.10
CA VAL E 242 26.56 46.29 12.40
C VAL E 242 26.50 47.46 13.37
N GLN E 243 27.08 48.60 12.98
CA GLN E 243 27.13 49.76 13.88
C GLN E 243 25.73 50.26 14.22
N TYR E 244 24.79 50.13 13.27
CA TYR E 244 23.42 50.57 13.52
C TYR E 244 22.74 49.65 14.53
N MET E 245 22.91 48.34 14.38
CA MET E 245 22.36 47.40 15.36
C MET E 245 22.91 47.70 16.75
N ILE E 246 24.21 47.99 16.85
CA ILE E 246 24.78 48.31 18.16
C ILE E 246 24.20 49.62 18.70
N ARG E 247 24.12 50.63 17.84
CA ARG E 247 23.54 51.92 18.21
C ARG E 247 22.10 51.80 18.69
N LEU E 248 21.36 50.82 18.20
CA LEU E 248 19.98 50.60 18.61
C LEU E 248 19.85 49.74 19.85
N GLY E 249 20.95 49.30 20.44
CA GLY E 249 20.91 48.61 21.71
C GLY E 249 21.12 47.12 21.65
N ALA E 250 21.57 46.59 20.51
CA ALA E 250 22.06 45.22 20.47
C ALA E 250 23.49 45.19 21.01
N GLN E 251 23.75 44.22 21.85
CA GLN E 251 25.06 44.04 22.45
C GLN E 251 25.99 43.36 21.44
N ALA E 252 27.19 43.92 21.27
CA ALA E 252 28.17 43.32 20.38
C ALA E 252 28.35 41.83 20.66
N SER E 253 28.31 41.45 21.94
CA SER E 253 28.40 40.04 22.33
C SER E 253 27.19 39.22 21.90
N LYS E 254 26.11 39.87 21.46
CA LYS E 254 24.94 39.18 20.90
C LYS E 254 24.95 39.11 19.38
N LEU E 255 25.70 40.00 18.72
CA LEU E 255 25.63 40.14 17.27
C LEU E 255 26.55 39.13 16.58
N LEU E 256 25.98 38.34 15.69
CA LEU E 256 26.73 37.53 14.74
C LEU E 256 26.65 38.18 13.37
N MET E 257 27.81 38.42 12.77
CA MET E 257 27.89 39.08 11.47
C MET E 257 27.71 38.03 10.38
N GLY E 258 26.66 38.19 9.59
CA GLY E 258 26.39 37.23 8.53
C GLY E 258 27.40 37.35 7.41
N ILE E 259 27.90 36.21 6.96
CA ILE E 259 28.84 36.15 5.85
C ILE E 259 28.29 35.18 4.82
N PRO E 260 28.12 35.58 3.57
CA PRO E 260 27.56 34.67 2.57
C PRO E 260 28.62 33.82 1.91
N THR E 261 28.22 32.60 1.55
CA THR E 261 29.03 31.74 0.70
C THR E 261 28.59 31.79 -0.75
N PHE E 262 27.54 32.56 -1.05
CA PHE E 262 26.95 32.65 -2.37
C PHE E 262 27.24 34.02 -2.98
N GLY E 263 27.18 34.08 -4.30
CA GLY E 263 27.29 35.32 -5.04
C GLY E 263 25.93 35.74 -5.58
N LYS E 264 25.76 37.04 -5.79
CA LYS E 264 24.60 37.56 -6.49
C LYS E 264 25.04 38.06 -7.85
N SER E 265 24.30 37.68 -8.89
CA SER E 265 24.74 37.82 -10.26
C SER E 265 23.74 38.63 -11.07
N PHE E 266 24.24 39.20 -12.16
CA PHE E 266 23.50 40.04 -13.07
C PHE E 266 23.92 39.71 -14.49
N THR E 267 22.97 39.83 -15.41
CA THR E 267 23.26 39.85 -16.84
C THR E 267 23.50 41.28 -17.28
N LEU E 268 24.63 41.52 -17.93
CA LEU E 268 25.01 42.87 -18.31
C LEU E 268 24.25 43.31 -19.56
N ALA E 269 23.82 44.56 -19.56
CA ALA E 269 23.09 45.10 -20.71
C ALA E 269 24.00 45.45 -21.88
N SER E 270 25.29 45.65 -21.62
CA SER E 270 26.22 46.08 -22.65
C SER E 270 27.60 45.53 -22.32
N SER E 271 28.62 46.01 -23.04
CA SER E 271 29.99 45.58 -22.78
C SER E 271 30.52 46.12 -21.46
N GLU E 272 29.91 47.18 -20.92
CA GLU E 272 30.35 47.73 -19.64
C GLU E 272 30.18 46.67 -18.55
N ASN E 273 31.25 46.44 -17.78
CA ASN E 273 31.24 45.40 -16.75
C ASN E 273 31.80 45.92 -15.42
N GLN E 274 31.86 47.23 -15.25
CA GLN E 274 32.31 47.81 -14.00
C GLN E 274 31.18 47.82 -12.98
N LEU E 275 31.52 48.18 -11.74
CA LEU E 275 30.51 48.42 -10.73
C LEU E 275 29.61 49.55 -11.16
N GLY E 276 28.30 49.34 -11.05
CA GLY E 276 27.34 50.31 -11.53
C GLY E 276 26.99 50.22 -12.99
N ALA E 277 27.48 49.19 -13.69
CA ALA E 277 27.17 49.03 -15.10
C ALA E 277 25.69 48.66 -15.27
N PRO E 278 25.09 49.02 -16.41
CA PRO E 278 23.68 48.69 -16.62
C PRO E 278 23.48 47.20 -16.86
N ILE E 279 22.33 46.70 -16.40
CA ILE E 279 21.99 45.29 -16.47
C ILE E 279 20.68 45.14 -17.24
N SER E 280 20.48 43.94 -17.78
CA SER E 280 19.22 43.57 -18.40
C SER E 280 18.41 42.59 -17.55
N GLY E 281 18.98 42.09 -16.47
CA GLY E 281 18.23 41.26 -15.55
C GLY E 281 19.15 40.49 -14.62
N GLU E 282 18.54 39.51 -13.95
CA GLU E 282 19.27 38.59 -13.10
C GLU E 282 20.36 37.88 -13.90
N GLY E 283 21.39 37.42 -13.17
CA GLY E 283 22.37 36.57 -13.80
C GLY E 283 21.77 35.24 -14.23
N LEU E 284 22.39 34.63 -15.23
CA LEU E 284 21.94 33.33 -15.68
C LEU E 284 22.08 32.32 -14.53
N PRO E 285 21.12 31.41 -14.37
CA PRO E 285 21.16 30.50 -13.22
C PRO E 285 22.32 29.52 -13.32
N GLY E 286 22.77 29.08 -12.15
CA GLY E 286 23.79 28.05 -12.09
C GLY E 286 23.24 26.66 -12.34
N ARG E 287 24.15 25.76 -12.68
CA ARG E 287 23.76 24.42 -13.08
C ARG E 287 23.04 23.68 -11.95
N PHE E 288 23.49 23.88 -10.71
CA PHE E 288 23.01 23.12 -9.57
C PHE E 288 22.01 23.88 -8.71
N THR E 289 22.22 25.19 -8.50
CA THR E 289 21.33 25.95 -7.64
C THR E 289 20.05 26.36 -8.36
N LYS E 290 20.11 26.56 -9.67
CA LYS E 290 18.93 26.78 -10.50
C LYS E 290 18.08 27.94 -9.98
N GLU E 291 18.75 29.05 -9.67
CA GLU E 291 18.08 30.26 -9.19
C GLU E 291 18.76 31.45 -9.84
N ALA E 292 18.10 32.05 -10.83
CA ALA E 292 18.62 33.22 -11.51
C ALA E 292 19.00 34.31 -10.52
N GLY E 293 20.21 34.84 -10.67
CA GLY E 293 20.72 35.83 -9.77
C GLY E 293 21.55 35.28 -8.63
N THR E 294 21.59 33.95 -8.46
CA THR E 294 22.33 33.33 -7.37
C THR E 294 23.29 32.28 -7.91
N LEU E 295 24.47 32.22 -7.31
CA LEU E 295 25.49 31.23 -7.63
C LEU E 295 26.09 30.72 -6.34
N ALA E 296 26.17 29.40 -6.18
CA ALA E 296 26.92 28.86 -5.07
C ALA E 296 28.42 29.03 -5.34
N TYR E 297 29.22 28.96 -4.27
CA TYR E 297 30.65 29.13 -4.44
C TYR E 297 31.24 28.07 -5.37
N TYR E 298 30.74 26.83 -5.30
CA TYR E 298 31.25 25.80 -6.19
C TYR E 298 30.90 26.08 -7.65
N GLU E 299 29.80 26.79 -7.91
CA GLU E 299 29.50 27.22 -9.27
C GLU E 299 30.37 28.42 -9.66
N ILE E 300 30.72 29.25 -8.69
CA ILE E 300 31.58 30.41 -8.96
C ILE E 300 32.99 29.96 -9.31
N CYS E 301 33.49 28.93 -8.64
CA CYS E 301 34.79 28.36 -9.02
C CYS E 301 34.84 28.02 -10.50
N ASP E 302 33.82 27.32 -10.99
CA ASP E 302 33.71 27.05 -12.42
C ASP E 302 33.68 28.35 -13.21
N PHE E 303 32.83 29.29 -12.79
CA PHE E 303 32.68 30.57 -13.49
C PHE E 303 34.00 31.33 -13.64
N LEU E 304 34.85 31.29 -12.61
CA LEU E 304 36.09 32.07 -12.61
C LEU E 304 37.05 31.63 -13.70
N LYS E 305 36.95 30.40 -14.17
CA LYS E 305 37.79 29.90 -15.25
C LYS E 305 37.51 30.71 -16.51
N GLY E 306 38.45 31.56 -16.92
CA GLY E 306 38.23 32.42 -18.06
C GLY E 306 37.60 33.76 -17.74
N ALA E 307 37.46 34.10 -16.46
CA ALA E 307 36.82 35.34 -16.04
C ALA E 307 37.85 36.31 -15.50
N GLU E 308 37.46 37.59 -15.44
CA GLU E 308 38.25 38.61 -14.78
C GLU E 308 37.74 38.81 -13.36
N VAL E 309 38.64 38.80 -12.39
CA VAL E 309 38.30 39.04 -10.99
C VAL E 309 38.78 40.43 -10.62
N HIS E 310 37.88 41.23 -10.06
CA HIS E 310 38.17 42.59 -9.63
C HIS E 310 37.91 42.68 -8.13
N ARG E 311 38.83 43.32 -7.41
CA ARG E 311 38.73 43.48 -5.97
C ARG E 311 38.44 44.94 -5.65
N LEU E 312 37.31 45.17 -4.99
CA LEU E 312 36.89 46.51 -4.64
C LEU E 312 37.71 47.06 -3.49
N SER E 313 38.31 48.22 -3.70
CA SER E 313 39.19 48.81 -2.69
C SER E 313 38.39 49.21 -1.45
N ASN E 314 37.32 49.98 -1.64
CA ASN E 314 36.52 50.44 -0.50
C ASN E 314 35.69 49.30 0.09
N GLU E 315 35.04 48.51 -0.77
CA GLU E 315 34.06 47.53 -0.31
C GLU E 315 34.72 46.26 0.23
N LYS E 316 35.99 46.01 -0.11
CA LYS E 316 36.79 44.91 0.46
C LYS E 316 36.28 43.54 0.01
N VAL E 317 35.64 43.46 -1.15
CA VAL E 317 35.05 42.21 -1.63
C VAL E 317 35.26 42.09 -3.14
N PRO E 318 35.26 40.87 -3.65
CA PRO E 318 35.44 40.68 -5.10
C PRO E 318 34.14 40.55 -5.88
N PHE E 319 34.20 41.06 -7.11
CA PHE E 319 33.25 40.69 -8.14
C PHE E 319 34.00 40.17 -9.35
N ALA E 320 33.36 39.28 -10.10
CA ALA E 320 33.96 38.65 -11.27
C ALA E 320 33.04 38.83 -12.47
N THR E 321 33.67 38.92 -13.65
CA THR E 321 32.95 39.24 -14.87
C THR E 321 33.44 38.31 -15.98
N LYS E 322 32.52 37.87 -16.83
CA LYS E 322 32.88 37.03 -17.97
C LYS E 322 31.73 37.09 -18.96
N GLY E 323 32.02 37.50 -20.19
CA GLY E 323 30.95 37.77 -21.11
C GLY E 323 29.99 38.78 -20.52
N ASN E 324 28.70 38.52 -20.67
CA ASN E 324 27.67 39.39 -20.12
C ASN E 324 27.26 39.00 -18.69
N GLN E 325 28.06 38.18 -18.00
CA GLN E 325 27.74 37.80 -16.64
C GLN E 325 28.64 38.52 -15.63
N TRP E 326 28.04 38.90 -14.51
CA TRP E 326 28.67 39.74 -13.48
C TRP E 326 28.20 39.21 -12.13
N VAL E 327 29.13 38.83 -11.25
CA VAL E 327 28.73 38.25 -9.96
C VAL E 327 29.57 38.84 -8.84
N GLY E 328 28.91 39.36 -7.82
CA GLY E 328 29.60 39.78 -6.61
C GLY E 328 29.54 38.65 -5.59
N TYR E 329 30.70 38.34 -4.99
CA TYR E 329 30.79 37.11 -4.20
C TYR E 329 31.85 37.27 -3.11
N GLU E 330 32.05 36.17 -2.39
CA GLU E 330 33.02 36.08 -1.30
C GLU E 330 34.06 35.01 -1.65
N ASP E 331 35.33 35.33 -1.41
CA ASP E 331 36.40 34.34 -1.48
C ASP E 331 37.14 34.33 -0.15
N LYS E 332 38.16 33.46 -0.04
CA LYS E 332 38.89 33.32 1.21
C LYS E 332 39.39 34.65 1.75
N GLU E 333 40.02 35.47 0.90
CA GLU E 333 40.60 36.72 1.36
C GLU E 333 39.54 37.64 1.97
N SER E 334 38.46 37.89 1.23
CA SER E 334 37.44 38.82 1.73
C SER E 334 36.77 38.29 2.99
N VAL E 335 36.63 36.97 3.08
CA VAL E 335 36.02 36.34 4.26
C VAL E 335 36.92 36.52 5.48
N LYS E 336 38.23 36.30 5.31
CA LYS E 336 39.18 36.53 6.39
C LYS E 336 39.15 37.99 6.81
N ASN E 337 39.10 38.91 5.84
CA ASN E 337 39.07 40.34 6.15
C ASN E 337 37.81 40.69 6.94
N LYS E 338 36.68 40.03 6.62
CA LYS E 338 35.46 40.30 7.36
C LYS E 338 35.53 39.77 8.78
N VAL E 339 36.22 38.64 8.99
CA VAL E 339 36.42 38.17 10.36
C VAL E 339 37.28 39.16 11.14
N ARG E 340 38.34 39.68 10.52
CA ARG E 340 39.16 40.72 11.15
C ARG E 340 38.30 41.91 11.56
N PHE E 341 37.38 42.33 10.68
CA PHE E 341 36.47 43.42 11.01
C PHE E 341 35.60 43.09 12.21
N LEU E 342 34.96 41.91 12.20
CA LEU E 342 34.05 41.58 13.29
C LEU E 342 34.81 41.43 14.61
N LYS E 343 36.10 41.11 14.55
CA LYS E 343 36.90 41.07 15.77
C LYS E 343 37.14 42.47 16.31
N GLU E 344 37.56 43.40 15.43
CA GLU E 344 37.72 44.78 15.86
C GLU E 344 36.47 45.31 16.57
N LYS E 345 35.31 44.94 16.07
CA LYS E 345 34.04 45.42 16.62
C LYS E 345 33.56 44.60 17.80
N LYS E 346 34.32 43.57 18.20
CA LYS E 346 34.06 42.78 19.39
C LYS E 346 32.72 42.04 19.29
N LEU E 347 32.44 41.52 18.11
CA LEU E 347 31.20 40.79 17.85
C LEU E 347 31.27 39.36 18.38
N ALA E 348 30.10 38.77 18.57
CA ALA E 348 30.02 37.40 19.09
C ALA E 348 30.64 36.39 18.15
N GLY E 349 30.73 36.70 16.86
CA GLY E 349 31.33 35.80 15.91
C GLY E 349 30.69 35.97 14.55
N ALA E 350 30.81 34.93 13.73
CA ALA E 350 30.29 34.94 12.38
C ALA E 350 29.07 34.02 12.25
N MET E 351 28.15 34.42 11.38
CA MET E 351 27.09 33.55 10.90
C MET E 351 27.29 33.33 9.40
N VAL E 352 26.98 32.12 8.94
CA VAL E 352 27.27 31.72 7.56
C VAL E 352 25.98 31.25 6.90
N TRP E 353 25.64 31.87 5.77
CA TRP E 353 24.60 31.38 4.87
C TRP E 353 25.24 31.17 3.50
N ALA E 354 25.40 29.92 3.08
CA ALA E 354 25.01 28.74 3.87
C ALA E 354 25.99 27.62 3.57
N LEU E 355 25.95 26.54 4.35
CA LEU E 355 26.93 25.47 4.17
C LEU E 355 26.74 24.78 2.82
N ASP E 356 25.49 24.53 2.43
CA ASP E 356 25.22 23.88 1.14
C ASP E 356 25.60 24.75 -0.06
N LEU E 357 25.88 26.03 0.14
CA LEU E 357 26.31 26.92 -0.93
C LEU E 357 27.82 27.11 -0.94
N ASP E 358 28.51 26.65 0.10
CA ASP E 358 29.96 26.53 0.09
C ASP E 358 30.36 25.32 -0.76
N ASP E 359 31.65 25.27 -1.14
CA ASP E 359 32.17 24.11 -1.88
C ASP E 359 32.35 22.96 -0.90
N PHE E 360 31.22 22.34 -0.54
CA PHE E 360 31.24 21.34 0.53
C PHE E 360 31.87 20.02 0.10
N GLN E 361 31.94 19.73 -1.19
CA GLN E 361 32.50 18.46 -1.66
C GLN E 361 33.90 18.59 -2.22
N GLY E 362 34.52 19.78 -2.14
CA GLY E 362 35.87 19.95 -2.64
C GLY E 362 36.00 19.97 -4.14
N THR E 363 34.96 20.43 -4.85
CA THR E 363 35.02 20.53 -6.30
C THR E 363 36.07 21.53 -6.76
N CYS E 364 36.26 22.62 -6.02
CA CYS E 364 37.10 23.72 -6.50
C CYS E 364 38.58 23.34 -6.50
N GLN E 365 39.02 22.70 -5.43
CA GLN E 365 40.42 22.34 -5.18
C GLN E 365 40.43 20.95 -4.59
N PRO E 366 41.45 20.13 -4.86
CA PRO E 366 41.49 18.78 -4.27
C PRO E 366 41.51 18.78 -2.74
N LYS E 367 40.51 18.12 -2.16
CA LYS E 367 40.32 17.82 -0.73
C LYS E 367 40.10 19.04 0.19
N GLU E 368 39.83 20.24 -0.32
CA GLU E 368 39.56 21.35 0.60
C GLU E 368 38.05 21.47 0.73
N PHE E 369 37.50 20.76 1.69
CA PHE E 369 36.06 20.79 1.94
C PHE E 369 35.74 22.08 2.67
N PHE E 370 34.63 22.71 2.27
CA PHE E 370 34.17 23.95 2.87
C PHE E 370 35.26 25.04 2.92
N PRO E 371 35.83 25.41 1.76
CA PRO E 371 36.95 26.38 1.80
C PRO E 371 36.59 27.70 2.46
N LEU E 372 35.40 28.23 2.18
CA LEU E 372 35.02 29.53 2.73
C LEU E 372 34.76 29.44 4.23
N THR E 373 33.97 28.45 4.65
CA THR E 373 33.65 28.30 6.07
C THR E 373 34.90 27.99 6.87
N ASN E 374 35.77 27.11 6.35
CA ASN E 374 37.03 26.85 7.02
C ASN E 374 37.91 28.09 7.07
N ALA E 375 37.86 28.93 6.04
CA ALA E 375 38.59 30.20 6.10
C ALA E 375 38.06 31.07 7.23
N ILE E 376 36.74 31.09 7.42
CA ILE E 376 36.16 31.85 8.52
C ILE E 376 36.60 31.28 9.87
N LYS E 377 36.52 29.96 10.01
CA LYS E 377 36.95 29.31 11.25
C LYS E 377 38.40 29.61 11.57
N ASP E 378 39.29 29.44 10.59
CA ASP E 378 40.70 29.72 10.81
C ASP E 378 40.92 31.17 11.21
N ALA E 379 40.23 32.10 10.54
CA ALA E 379 40.42 33.51 10.85
C ALA E 379 39.87 33.85 12.23
N LEU E 380 38.89 33.09 12.73
CA LEU E 380 38.39 33.35 14.07
C LEU E 380 39.39 32.92 15.14
N ALA E 381 40.20 31.90 14.87
CA ALA E 381 41.27 31.50 15.79
C ALA E 381 42.43 32.46 15.72
N TYR F 22 -21.52 61.28 -12.19
CA TYR F 22 -20.46 60.36 -12.58
C TYR F 22 -20.02 59.51 -11.40
N LYS F 23 -19.73 58.24 -11.67
CA LYS F 23 -19.17 57.34 -10.68
C LYS F 23 -17.66 57.26 -10.83
N LEU F 24 -16.98 57.17 -9.69
CA LEU F 24 -15.54 56.91 -9.62
C LEU F 24 -15.36 55.64 -8.79
N VAL F 25 -15.17 54.52 -9.47
CA VAL F 25 -15.12 53.21 -8.83
C VAL F 25 -13.67 52.76 -8.73
N CYS F 26 -13.21 52.54 -7.49
CA CYS F 26 -11.80 52.35 -7.20
C CYS F 26 -11.57 50.97 -6.61
N TYR F 27 -10.72 50.17 -7.26
CA TYR F 27 -10.27 48.89 -6.73
C TYR F 27 -9.07 49.08 -5.81
N PHE F 28 -8.96 48.20 -4.81
CA PHE F 28 -7.70 47.97 -4.14
C PHE F 28 -7.60 46.48 -3.79
N THR F 29 -6.36 46.02 -3.57
CA THR F 29 -6.06 44.60 -3.39
C THR F 29 -5.72 44.33 -1.92
N SER F 30 -6.09 43.13 -1.44
CA SER F 30 -5.75 42.71 -0.09
C SER F 30 -4.26 42.39 0.07
N TRP F 31 -3.64 41.79 -0.97
CA TRP F 31 -2.24 41.37 -0.92
C TRP F 31 -1.28 42.55 -0.92
N SER F 32 -1.76 43.74 -1.30
CA SER F 32 -0.94 44.95 -1.25
C SER F 32 -0.52 45.28 0.18
N GLN F 33 -1.22 44.74 1.18
CA GLN F 33 -0.83 44.98 2.57
C GLN F 33 0.51 44.31 2.89
N TYR F 34 0.87 43.26 2.16
CA TYR F 34 2.06 42.48 2.49
C TYR F 34 3.33 43.04 1.86
N ARG F 35 3.23 44.12 1.08
CA ARG F 35 4.41 44.69 0.45
C ARG F 35 5.32 45.34 1.49
N GLU F 36 6.61 45.38 1.16
CA GLU F 36 7.62 45.85 2.07
C GLU F 36 7.54 47.37 2.25
N GLY F 37 7.85 47.83 3.46
CA GLY F 37 8.07 49.25 3.72
C GLY F 37 6.85 50.11 3.42
N VAL F 38 7.09 51.24 2.75
CA VAL F 38 6.03 52.19 2.43
C VAL F 38 5.05 51.67 1.40
N GLY F 39 5.37 50.56 0.73
CA GLY F 39 4.45 49.97 -0.23
C GLY F 39 3.25 49.30 0.39
N SER F 40 3.32 48.98 1.69
CA SER F 40 2.22 48.30 2.35
C SER F 40 0.97 49.18 2.35
N PHE F 41 -0.15 48.63 1.89
CA PHE F 41 -1.38 49.37 1.72
C PHE F 41 -2.50 48.73 2.54
N LEU F 42 -3.19 49.56 3.33
CA LEU F 42 -4.37 49.17 4.07
C LEU F 42 -5.51 50.13 3.76
N PRO F 43 -6.75 49.67 3.86
CA PRO F 43 -7.89 50.52 3.43
C PRO F 43 -8.07 51.78 4.25
N ASP F 44 -7.62 51.83 5.50
CA ASP F 44 -7.75 53.05 6.29
C ASP F 44 -6.86 54.18 5.79
N ALA F 45 -5.98 53.93 4.82
CA ALA F 45 -5.22 54.99 4.19
C ALA F 45 -6.01 55.71 3.10
N ILE F 46 -7.22 55.24 2.79
CA ILE F 46 -8.01 55.84 1.72
C ILE F 46 -8.70 57.10 2.22
N GLN F 47 -8.59 58.17 1.46
CA GLN F 47 -9.38 59.36 1.72
C GLN F 47 -10.86 59.04 1.52
N PRO F 48 -11.73 59.29 2.51
CA PRO F 48 -13.12 58.83 2.42
C PRO F 48 -13.92 59.46 1.29
N PHE F 49 -13.51 60.61 0.77
CA PHE F 49 -14.26 61.30 -0.28
C PHE F 49 -13.57 61.17 -1.64
N LEU F 50 -12.52 60.35 -1.72
CA LEU F 50 -11.83 60.14 -2.99
C LEU F 50 -12.76 59.56 -4.05
N CYS F 51 -13.47 58.49 -3.71
CA CYS F 51 -14.17 57.65 -4.67
C CYS F 51 -15.64 57.58 -4.31
N THR F 52 -16.49 57.30 -5.31
CA THR F 52 -17.89 57.02 -5.02
C THR F 52 -18.09 55.58 -4.59
N HIS F 53 -17.33 54.66 -5.18
CA HIS F 53 -17.41 53.23 -4.87
C HIS F 53 -16.01 52.68 -4.67
N ILE F 54 -15.86 51.81 -3.67
CA ILE F 54 -14.59 51.14 -3.38
C ILE F 54 -14.82 49.64 -3.44
N ILE F 55 -13.94 48.93 -4.16
CA ILE F 55 -14.08 47.49 -4.36
C ILE F 55 -12.91 46.77 -3.74
N TYR F 56 -13.21 45.78 -2.89
CA TYR F 56 -12.21 44.97 -2.20
C TYR F 56 -11.94 43.70 -3.01
N SER F 57 -10.71 43.55 -3.48
CA SER F 57 -10.27 42.38 -4.21
C SER F 57 -9.22 41.61 -3.41
N PHE F 58 -9.39 40.30 -3.27
CA PHE F 58 -10.53 39.54 -3.78
C PHE F 58 -11.10 38.61 -2.71
N ALA F 59 -12.38 38.27 -2.81
CA ALA F 59 -12.97 37.22 -2.00
C ALA F 59 -12.81 35.86 -2.69
N ASN F 60 -12.86 34.80 -1.89
CA ASN F 60 -12.76 33.44 -2.38
C ASN F 60 -14.13 32.77 -2.40
N ILE F 61 -14.16 31.51 -2.84
CA ILE F 61 -15.33 30.67 -2.75
C ILE F 61 -14.91 29.36 -2.10
N SER F 62 -15.58 29.00 -1.00
CA SER F 62 -15.22 27.79 -0.28
C SER F 62 -15.58 26.54 -1.08
N SER F 63 -15.03 25.41 -0.65
CA SER F 63 -15.33 24.14 -1.31
C SER F 63 -16.79 23.75 -1.17
N ASP F 64 -17.52 24.38 -0.24
CA ASP F 64 -18.97 24.25 -0.18
C ASP F 64 -19.68 25.28 -1.05
N ASN F 65 -18.96 25.89 -1.99
CA ASN F 65 -19.53 26.79 -2.99
C ASN F 65 -20.10 28.07 -2.39
N MET F 66 -19.60 28.50 -1.24
CA MET F 66 -20.12 29.70 -0.57
C MET F 66 -19.07 30.80 -0.58
N LEU F 67 -19.55 32.03 -0.83
CA LEU F 67 -18.69 33.20 -0.76
C LEU F 67 -17.99 33.25 0.59
N SER F 68 -16.70 33.50 0.58
CA SER F 68 -15.91 33.46 1.81
C SER F 68 -14.74 34.42 1.70
N THR F 69 -14.11 34.66 2.85
CA THR F 69 -12.88 35.43 2.89
C THR F 69 -11.74 34.65 2.23
N TRP F 70 -10.69 35.37 1.87
CA TRP F 70 -9.48 34.77 1.31
C TRP F 70 -8.36 34.73 2.33
N GLU F 71 -8.00 35.88 2.89
CA GLU F 71 -6.91 36.01 3.84
C GLU F 71 -7.41 35.82 5.27
N TRP F 72 -6.51 35.38 6.14
CA TRP F 72 -6.82 35.19 7.56
C TRP F 72 -7.39 36.44 8.21
N ASN F 73 -7.01 37.62 7.75
CA ASN F 73 -7.36 38.88 8.41
C ASN F 73 -8.35 39.72 7.60
N ASP F 74 -8.95 39.15 6.56
CA ASP F 74 -9.91 39.89 5.75
C ASP F 74 -10.98 40.61 6.57
N GLU F 75 -11.50 39.99 7.63
CA GLU F 75 -12.54 40.64 8.43
C GLU F 75 -12.11 42.01 8.93
N SER F 76 -10.89 42.11 9.47
CA SER F 76 -10.45 43.38 10.03
C SER F 76 -10.26 44.44 8.95
N ASN F 77 -9.91 44.04 7.73
CA ASN F 77 -9.81 45.00 6.64
C ASN F 77 -11.18 45.39 6.10
N TYR F 78 -12.14 44.45 6.11
CA TYR F 78 -13.53 44.82 5.87
C TYR F 78 -13.98 45.88 6.85
N ASP F 79 -13.55 45.75 8.12
CA ASP F 79 -13.93 46.72 9.14
C ASP F 79 -13.28 48.07 8.88
N LYS F 80 -11.97 48.08 8.60
CA LYS F 80 -11.32 49.34 8.26
C LYS F 80 -11.97 49.98 7.05
N LEU F 81 -12.50 49.17 6.12
CA LEU F 81 -13.08 49.71 4.90
C LEU F 81 -14.46 50.31 5.14
N ASN F 82 -15.31 49.61 5.91
CA ASN F 82 -16.65 50.14 6.16
C ASN F 82 -16.66 51.27 7.18
N LYS F 83 -15.68 51.30 8.09
CA LYS F 83 -15.59 52.44 8.99
C LYS F 83 -15.33 53.75 8.23
N LEU F 84 -14.83 53.67 7.00
CA LEU F 84 -14.73 54.85 6.14
C LEU F 84 -16.09 55.49 5.87
N LYS F 85 -17.14 54.68 5.72
CA LYS F 85 -18.46 55.23 5.40
C LYS F 85 -19.09 56.02 6.54
N THR F 86 -18.58 55.89 7.76
CA THR F 86 -19.07 56.76 8.83
C THR F 86 -18.59 58.19 8.64
N ARG F 87 -17.48 58.38 7.92
CA ARG F 87 -16.97 59.70 7.59
C ARG F 87 -17.49 60.21 6.24
N ASN F 88 -17.93 59.32 5.36
CA ASN F 88 -18.62 59.70 4.12
C ASN F 88 -19.78 58.71 3.94
N THR F 89 -20.98 59.14 4.35
CA THR F 89 -22.12 58.23 4.40
C THR F 89 -22.68 57.85 3.03
N ASN F 90 -22.26 58.53 1.96
CA ASN F 90 -22.66 58.16 0.60
C ASN F 90 -21.69 57.21 -0.08
N LEU F 91 -20.57 56.88 0.57
CA LEU F 91 -19.62 55.96 -0.01
C LEU F 91 -20.26 54.58 -0.11
N LYS F 92 -20.01 53.89 -1.23
CA LYS F 92 -20.46 52.52 -1.42
C LYS F 92 -19.26 51.59 -1.48
N THR F 93 -19.36 50.43 -0.83
CA THR F 93 -18.32 49.41 -0.91
C THR F 93 -18.87 48.16 -1.56
N LEU F 94 -18.03 47.50 -2.36
CA LEU F 94 -18.35 46.23 -2.97
C LEU F 94 -17.22 45.24 -2.74
N LEU F 95 -17.58 43.96 -2.69
CA LEU F 95 -16.62 42.87 -2.54
C LEU F 95 -16.48 42.17 -3.89
N SER F 96 -15.25 42.10 -4.39
CA SER F 96 -14.97 41.47 -5.67
C SER F 96 -14.57 40.02 -5.43
N VAL F 97 -15.24 39.10 -6.11
CA VAL F 97 -14.99 37.67 -5.99
C VAL F 97 -14.32 37.20 -7.28
N GLY F 98 -13.29 36.37 -7.12
CA GLY F 98 -12.54 35.88 -8.26
C GLY F 98 -11.11 36.42 -8.32
N GLY F 99 -10.76 37.03 -9.43
CA GLY F 99 -9.41 37.49 -9.66
C GLY F 99 -8.60 36.51 -10.49
N TRP F 100 -7.41 36.97 -10.92
CA TRP F 100 -6.58 36.14 -11.78
C TRP F 100 -6.10 34.90 -11.05
N LYS F 101 -5.60 35.06 -9.82
CA LYS F 101 -5.10 33.92 -9.06
C LYS F 101 -6.19 32.88 -8.87
N PHE F 102 -7.42 33.33 -8.61
CA PHE F 102 -8.57 32.43 -8.46
C PHE F 102 -8.73 31.53 -9.69
N GLY F 103 -8.55 32.10 -10.87
CA GLY F 103 -8.59 31.33 -12.09
C GLY F 103 -10.00 31.11 -12.63
N GLY F 104 -10.06 30.84 -13.93
CA GLY F 104 -11.34 30.58 -14.57
C GLY F 104 -11.91 29.22 -14.23
N LYS F 105 -11.05 28.21 -14.11
CA LYS F 105 -11.50 26.83 -13.88
C LYS F 105 -12.51 26.73 -12.73
N ARG F 106 -12.25 27.40 -11.60
CA ARG F 106 -13.15 27.28 -10.46
C ARG F 106 -14.53 27.85 -10.78
N PHE F 107 -14.56 29.00 -11.46
CA PHE F 107 -15.82 29.59 -11.87
C PHE F 107 -16.55 28.68 -12.87
N SER F 108 -15.81 28.05 -13.78
CA SER F 108 -16.41 27.07 -14.67
C SER F 108 -17.03 25.93 -13.89
N GLU F 109 -16.33 25.46 -12.85
CA GLU F 109 -16.86 24.38 -12.02
C GLU F 109 -18.16 24.77 -11.35
N ILE F 110 -18.22 25.98 -10.79
CA ILE F 110 -19.39 26.39 -10.01
C ILE F 110 -20.56 26.76 -10.92
N ALA F 111 -20.32 27.63 -11.90
CA ALA F 111 -21.40 28.21 -12.70
C ALA F 111 -22.12 27.16 -13.55
N SER F 112 -21.40 26.15 -14.04
CA SER F 112 -22.00 25.19 -14.97
C SER F 112 -22.83 24.12 -14.27
N ASN F 113 -22.91 24.14 -12.94
CA ASN F 113 -23.68 23.16 -12.17
C ASN F 113 -24.76 23.90 -11.38
N THR F 114 -26.02 23.54 -11.60
CA THR F 114 -27.13 24.28 -11.01
C THR F 114 -27.06 24.27 -9.50
N GLU F 115 -26.66 23.14 -8.92
CA GLU F 115 -26.66 22.95 -7.48
C GLU F 115 -25.60 23.82 -6.83
N ARG F 116 -24.37 23.71 -7.33
CA ARG F 116 -23.26 24.53 -6.83
C ARG F 116 -23.52 26.02 -7.06
N ARG F 117 -23.96 26.37 -8.28
CA ARG F 117 -24.24 27.77 -8.59
C ARG F 117 -25.31 28.33 -7.67
N THR F 118 -26.37 27.55 -7.40
CA THR F 118 -27.41 28.03 -6.52
C THR F 118 -26.89 28.22 -5.10
N ALA F 119 -26.06 27.28 -4.63
CA ALA F 119 -25.47 27.46 -3.31
C ALA F 119 -24.70 28.79 -3.21
N PHE F 120 -23.90 29.11 -4.24
CA PHE F 120 -23.15 30.37 -4.23
C PHE F 120 -24.08 31.58 -4.24
N VAL F 121 -24.95 31.65 -5.24
CA VAL F 121 -25.88 32.78 -5.38
C VAL F 121 -26.59 33.06 -4.06
N ARG F 122 -27.08 32.01 -3.39
CA ARG F 122 -27.76 32.22 -2.13
C ARG F 122 -26.79 32.63 -1.03
N SER F 123 -25.52 32.22 -1.13
CA SER F 123 -24.56 32.59 -0.09
C SER F 123 -24.14 34.05 -0.16
N VAL F 124 -24.32 34.72 -1.30
CA VAL F 124 -23.71 36.05 -1.48
C VAL F 124 -24.31 37.08 -0.52
N ALA F 125 -25.63 37.28 -0.57
CA ALA F 125 -26.23 38.40 0.17
C ALA F 125 -26.02 38.34 1.67
N PRO F 126 -26.28 37.22 2.37
CA PRO F 126 -26.01 37.19 3.83
C PRO F 126 -24.59 37.59 4.19
N PHE F 127 -23.61 37.12 3.40
CA PHE F 127 -22.21 37.48 3.63
C PHE F 127 -22.00 38.98 3.55
N LEU F 128 -22.41 39.57 2.42
CA LEU F 128 -22.24 41.01 2.20
C LEU F 128 -22.88 41.82 3.32
N ARG F 129 -24.10 41.44 3.71
CA ARG F 129 -24.76 42.18 4.80
C ARG F 129 -24.01 41.98 6.12
N SER F 130 -23.54 40.76 6.38
CA SER F 130 -22.80 40.50 7.62
C SER F 130 -21.59 41.40 7.73
N TYR F 131 -20.90 41.68 6.62
CA TYR F 131 -19.69 42.49 6.68
C TYR F 131 -19.90 43.94 6.22
N GLY F 132 -21.14 44.33 5.94
CA GLY F 132 -21.40 45.73 5.65
C GLY F 132 -21.11 46.17 4.24
N PHE F 133 -21.11 45.24 3.28
CA PHE F 133 -20.85 45.56 1.90
C PHE F 133 -22.15 45.95 1.20
N ASP F 134 -22.03 46.86 0.23
CA ASP F 134 -23.18 47.32 -0.53
C ASP F 134 -23.37 46.58 -1.85
N GLY F 135 -22.47 45.66 -2.20
CA GLY F 135 -22.63 44.96 -3.47
C GLY F 135 -21.53 43.95 -3.69
N LEU F 136 -21.69 43.20 -4.78
CA LEU F 136 -20.74 42.20 -5.24
C LEU F 136 -20.19 42.59 -6.60
N ASP F 137 -18.89 42.40 -6.78
CA ASP F 137 -18.24 42.55 -8.08
C ASP F 137 -17.77 41.20 -8.59
N LEU F 138 -18.12 40.88 -9.83
CA LEU F 138 -17.74 39.62 -10.46
C LEU F 138 -16.44 39.80 -11.24
N ALA F 139 -15.43 39.00 -10.90
CA ALA F 139 -14.13 39.06 -11.55
C ALA F 139 -13.76 37.68 -12.07
N TRP F 140 -14.56 37.19 -13.02
CA TRP F 140 -14.31 35.91 -13.69
C TRP F 140 -13.36 36.19 -14.85
N LEU F 141 -12.08 35.90 -14.64
CA LEU F 141 -11.01 36.21 -15.58
C LEU F 141 -10.39 34.90 -16.10
N TYR F 142 -10.86 34.38 -17.23
CA TYR F 142 -11.96 34.92 -18.02
C TYR F 142 -12.81 33.76 -18.51
N PRO F 143 -14.11 33.98 -18.71
CA PRO F 143 -14.95 32.91 -19.24
C PRO F 143 -14.57 32.58 -20.68
N ARG F 144 -14.53 31.29 -20.99
CA ARG F 144 -14.27 30.81 -22.33
C ARG F 144 -15.61 30.55 -23.00
N LEU F 145 -15.56 30.04 -24.23
CA LEU F 145 -16.77 29.88 -25.03
C LEU F 145 -17.79 29.04 -24.26
N ARG F 146 -17.33 27.90 -23.71
CA ARG F 146 -18.15 26.97 -22.96
C ARG F 146 -18.81 27.60 -21.75
N ASP F 147 -18.31 28.75 -21.30
CA ASP F 147 -18.83 29.38 -20.11
C ASP F 147 -19.79 30.52 -20.40
N LYS F 148 -19.80 31.03 -21.64
CA LYS F 148 -20.50 32.28 -21.93
C LYS F 148 -21.90 32.30 -21.32
N GLN F 149 -22.73 31.33 -21.70
CA GLN F 149 -24.11 31.35 -21.23
C GLN F 149 -24.19 31.13 -19.73
N TYR F 150 -23.37 30.23 -19.18
CA TYR F 150 -23.37 30.06 -17.73
C TYR F 150 -23.03 31.37 -17.06
N PHE F 151 -22.10 32.12 -17.65
CA PHE F 151 -21.78 33.45 -17.11
C PHE F 151 -23.04 34.29 -17.07
N SER F 152 -23.74 34.38 -18.20
CA SER F 152 -25.02 35.08 -18.23
C SER F 152 -25.92 34.61 -17.11
N THR F 153 -26.13 33.29 -17.02
CA THR F 153 -27.07 32.77 -16.03
C THR F 153 -26.67 33.24 -14.65
N LEU F 154 -25.38 33.12 -14.31
CA LEU F 154 -24.94 33.50 -12.98
C LEU F 154 -25.36 34.93 -12.69
N ILE F 155 -25.04 35.84 -13.61
CA ILE F 155 -25.36 37.24 -13.39
C ILE F 155 -26.85 37.40 -13.18
N LYS F 156 -27.65 36.83 -14.10
CA LYS F 156 -29.10 36.92 -13.96
C LYS F 156 -29.53 36.47 -12.57
N GLU F 157 -29.05 35.29 -12.15
CA GLU F 157 -29.51 34.74 -10.88
C GLU F 157 -29.05 35.59 -9.71
N LEU F 158 -27.88 36.21 -9.81
CA LEU F 158 -27.48 37.13 -8.76
C LEU F 158 -28.42 38.33 -8.72
N ASN F 159 -28.69 38.90 -9.90
CA ASN F 159 -29.56 40.08 -9.95
C ASN F 159 -30.92 39.76 -9.36
N ALA F 160 -31.56 38.70 -9.87
CA ALA F 160 -32.82 38.23 -9.30
C ALA F 160 -32.73 38.15 -7.78
N GLU F 161 -31.69 37.50 -7.27
CA GLU F 161 -31.61 37.31 -5.83
C GLU F 161 -31.56 38.64 -5.11
N PHE F 162 -30.74 39.57 -5.62
CA PHE F 162 -30.64 40.87 -4.97
C PHE F 162 -31.97 41.59 -5.03
N THR F 163 -32.69 41.43 -6.15
CA THR F 163 -34.02 42.03 -6.25
C THR F 163 -34.95 41.49 -5.17
N LYS F 164 -34.92 40.17 -4.95
CA LYS F 164 -35.76 39.62 -3.89
C LYS F 164 -35.23 39.90 -2.49
N GLU F 165 -34.04 40.48 -2.35
CA GLU F 165 -33.45 40.55 -1.02
C GLU F 165 -33.67 41.92 -0.38
N VAL F 166 -34.01 42.93 -1.16
CA VAL F 166 -34.18 44.26 -0.60
C VAL F 166 -35.49 44.25 0.16
N GLN F 167 -35.53 44.97 1.27
CA GLN F 167 -36.69 44.84 2.16
C GLN F 167 -37.23 46.23 2.52
N PRO F 168 -37.41 46.68 3.81
CA PRO F 168 -37.88 48.05 3.98
C PRO F 168 -36.89 48.98 4.67
N GLY F 169 -35.69 48.48 4.97
CA GLY F 169 -34.72 49.28 5.68
C GLY F 169 -33.33 49.26 5.08
N ARG F 170 -33.22 48.87 3.81
CA ARG F 170 -31.92 48.75 3.19
C ARG F 170 -32.00 49.07 1.70
N GLU F 171 -30.86 49.52 1.17
CA GLU F 171 -30.69 49.67 -0.27
C GLU F 171 -30.27 48.34 -0.89
N LYS F 172 -30.87 48.03 -2.04
CA LYS F 172 -30.58 46.79 -2.77
C LYS F 172 -29.09 46.67 -3.06
N LEU F 173 -28.59 45.43 -2.95
CA LEU F 173 -27.20 45.14 -3.27
C LEU F 173 -26.89 45.47 -4.73
N LEU F 174 -25.72 46.05 -4.95
CA LEU F 174 -25.22 46.33 -6.29
C LEU F 174 -24.54 45.11 -6.89
N LEU F 175 -24.62 44.98 -8.21
CA LEU F 175 -23.95 43.91 -8.93
C LEU F 175 -23.15 44.52 -10.07
N SER F 176 -21.84 44.32 -10.05
CA SER F 176 -20.95 44.76 -11.12
C SER F 176 -20.11 43.59 -11.61
N ALA F 177 -19.41 43.81 -12.72
CA ALA F 177 -18.54 42.80 -13.28
C ALA F 177 -17.32 43.45 -13.91
N ALA F 178 -16.15 42.87 -13.65
CA ALA F 178 -14.93 43.26 -14.37
C ALA F 178 -14.88 42.50 -15.68
N LEU F 179 -14.89 43.23 -16.79
CA LEU F 179 -14.90 42.62 -18.12
C LEU F 179 -13.64 43.00 -18.87
N SER F 180 -13.13 42.07 -19.66
CA SER F 180 -11.96 42.32 -20.49
C SER F 180 -12.27 43.35 -21.57
N ALA F 181 -11.26 44.15 -21.89
CA ALA F 181 -11.33 45.09 -23.00
C ALA F 181 -10.74 44.53 -24.27
N GLY F 182 -10.34 43.25 -24.27
CA GLY F 182 -9.79 42.61 -25.44
C GLY F 182 -10.88 42.07 -26.33
N LYS F 183 -10.81 42.40 -27.61
CA LYS F 183 -11.84 42.03 -28.57
C LYS F 183 -12.10 40.53 -28.56
N VAL F 184 -11.04 39.73 -28.65
CA VAL F 184 -11.20 38.27 -28.72
C VAL F 184 -11.81 37.73 -27.44
N ALA F 185 -11.32 38.20 -26.29
CA ALA F 185 -11.90 37.78 -25.01
C ALA F 185 -13.37 38.12 -24.93
N ILE F 186 -13.76 39.28 -25.47
CA ILE F 186 -15.16 39.70 -25.43
C ILE F 186 -16.01 38.80 -26.32
N ASP F 187 -15.57 38.59 -27.56
CA ASP F 187 -16.30 37.71 -28.47
C ASP F 187 -16.42 36.30 -27.90
N THR F 188 -15.38 35.83 -27.20
CA THR F 188 -15.36 34.46 -26.71
C THR F 188 -16.24 34.29 -25.48
N GLY F 189 -16.16 35.22 -24.52
CA GLY F 189 -16.74 34.98 -23.21
C GLY F 189 -18.06 35.64 -22.88
N TYR F 190 -18.40 36.75 -23.53
CA TYR F 190 -19.45 37.63 -23.04
C TYR F 190 -20.62 37.71 -24.01
N ASP F 191 -21.84 37.52 -23.48
CA ASP F 191 -23.08 37.88 -24.16
C ASP F 191 -23.45 39.27 -23.64
N ILE F 192 -22.84 40.28 -24.25
CA ILE F 192 -22.85 41.64 -23.69
C ILE F 192 -24.28 42.16 -23.55
N ALA F 193 -25.05 42.09 -24.63
CA ALA F 193 -26.41 42.63 -24.60
C ALA F 193 -27.25 41.99 -23.51
N GLN F 194 -27.03 40.71 -23.24
CA GLN F 194 -27.81 40.02 -22.22
C GLN F 194 -27.39 40.44 -20.80
N ILE F 195 -26.09 40.41 -20.51
CA ILE F 195 -25.64 40.64 -19.15
C ILE F 195 -25.72 42.12 -18.77
N ALA F 196 -25.59 43.02 -19.74
CA ALA F 196 -25.64 44.45 -19.43
C ALA F 196 -26.95 44.84 -18.77
N GLN F 197 -28.03 44.11 -19.06
CA GLN F 197 -29.33 44.40 -18.47
C GLN F 197 -29.37 44.08 -16.97
N HIS F 198 -28.53 43.17 -16.50
CA HIS F 198 -28.60 42.68 -15.12
C HIS F 198 -27.46 43.20 -14.25
N LEU F 199 -26.64 44.10 -14.77
CA LEU F 199 -25.49 44.64 -14.05
C LEU F 199 -25.72 46.13 -13.77
N ASP F 200 -25.43 46.55 -12.53
CA ASP F 200 -25.52 47.98 -12.24
C ASP F 200 -24.43 48.77 -12.94
N PHE F 201 -23.24 48.20 -13.10
CA PHE F 201 -22.22 48.83 -13.93
C PHE F 201 -21.18 47.78 -14.34
N ILE F 202 -20.45 48.10 -15.40
CA ILE F 202 -19.41 47.23 -15.96
C ILE F 202 -18.07 47.90 -15.72
N ASN F 203 -17.14 47.18 -15.08
CA ASN F 203 -15.80 47.68 -14.85
C ASN F 203 -14.93 47.26 -16.03
N LEU F 204 -14.81 48.14 -17.03
CA LEU F 204 -14.12 47.78 -18.26
C LEU F 204 -12.62 47.90 -18.06
N MET F 205 -11.91 46.78 -18.28
CA MET F 205 -10.49 46.69 -17.97
C MET F 205 -9.63 47.22 -19.13
N THR F 206 -9.79 48.52 -19.39
CA THR F 206 -9.15 49.16 -20.54
C THR F 206 -7.69 49.49 -20.24
N TYR F 207 -6.92 48.43 -19.98
CA TYR F 207 -5.49 48.55 -19.70
C TYR F 207 -4.86 47.18 -19.88
N ASP F 208 -3.53 47.14 -19.81
CA ASP F 208 -2.77 45.91 -19.97
C ASP F 208 -3.00 45.31 -21.35
N PHE F 209 -2.90 46.15 -22.38
CA PHE F 209 -3.20 45.79 -23.75
C PHE F 209 -2.02 45.17 -24.51
N HIS F 210 -0.81 45.28 -23.98
CA HIS F 210 0.41 44.98 -24.75
C HIS F 210 1.31 44.03 -23.98
N GLY F 211 1.12 42.73 -24.21
CA GLY F 211 1.95 41.73 -23.55
C GLY F 211 3.36 41.68 -24.10
N VAL F 212 4.27 41.12 -23.29
CA VAL F 212 5.67 41.01 -23.66
C VAL F 212 5.88 40.06 -24.85
N TRP F 213 4.92 39.19 -25.13
CA TRP F 213 5.00 38.30 -26.29
C TRP F 213 5.09 39.05 -27.62
N ARG F 214 4.68 40.32 -27.66
CA ARG F 214 4.79 41.09 -28.91
C ARG F 214 6.24 41.36 -29.29
N GLN F 215 7.17 41.29 -28.34
CA GLN F 215 8.61 41.43 -28.55
C GLN F 215 9.03 42.85 -28.93
N ILE F 216 8.12 43.83 -28.82
CA ILE F 216 8.43 45.23 -29.05
C ILE F 216 7.76 46.05 -27.97
N THR F 217 8.25 47.27 -27.77
CA THR F 217 7.63 48.17 -26.81
C THR F 217 6.26 48.61 -27.29
N GLY F 218 5.36 48.83 -26.32
CA GLY F 218 4.05 49.34 -26.60
C GLY F 218 3.44 49.88 -25.33
N HIS F 219 2.57 50.86 -25.47
CA HIS F 219 1.84 51.37 -24.31
C HIS F 219 0.68 50.46 -24.01
N HIS F 220 0.49 50.15 -22.73
CA HIS F 220 -0.52 49.17 -22.34
C HIS F 220 -1.92 49.75 -22.22
N SER F 221 -2.07 51.08 -22.28
CA SER F 221 -3.38 51.72 -22.22
C SER F 221 -3.44 52.94 -23.13
N PRO F 222 -3.24 52.75 -24.44
CA PRO F 222 -3.38 53.89 -25.36
C PRO F 222 -4.85 54.23 -25.55
N LEU F 223 -5.15 55.53 -25.61
CA LEU F 223 -6.52 55.97 -25.81
C LEU F 223 -7.00 55.62 -27.22
N PHE F 224 -6.24 56.03 -28.23
CA PHE F 224 -6.56 55.74 -29.62
C PHE F 224 -5.43 54.91 -30.23
N GLN F 225 -5.70 54.32 -31.39
CA GLN F 225 -4.65 53.66 -32.14
C GLN F 225 -3.60 54.67 -32.62
N GLY F 226 -2.36 54.20 -32.69
CA GLY F 226 -1.21 54.97 -33.13
C GLY F 226 -0.95 54.93 -34.62
N GLN F 227 0.30 55.20 -35.00
CA GLN F 227 0.73 55.19 -36.39
C GLN F 227 0.76 53.75 -36.91
N LYS F 228 -0.26 53.35 -37.66
CA LYS F 228 -0.32 51.95 -38.10
C LYS F 228 0.50 51.75 -39.37
N PHE F 232 -2.89 42.77 -32.67
CA PHE F 232 -4.12 43.52 -32.76
C PHE F 232 -3.88 44.99 -32.41
N ASP F 233 -3.23 45.70 -33.33
CA ASP F 233 -2.93 47.12 -33.11
C ASP F 233 -4.20 47.96 -33.11
N ARG F 234 -5.08 47.75 -34.08
CA ARG F 234 -6.27 48.59 -34.18
C ARG F 234 -7.26 48.32 -33.06
N TYR F 235 -7.27 47.11 -32.50
CA TYR F 235 -8.24 46.76 -31.46
C TYR F 235 -7.76 47.09 -30.05
N SER F 236 -6.44 47.18 -29.84
CA SER F 236 -5.87 47.18 -28.49
C SER F 236 -5.68 48.62 -27.99
N ASN F 237 -6.79 49.33 -27.87
CA ASN F 237 -6.79 50.69 -27.34
C ASN F 237 -8.13 50.95 -26.68
N VAL F 238 -8.15 51.99 -25.84
CA VAL F 238 -9.32 52.26 -25.00
C VAL F 238 -10.56 52.56 -25.85
N ASN F 239 -10.38 53.43 -26.86
CA ASN F 239 -11.51 53.85 -27.69
C ASN F 239 -12.20 52.66 -28.34
N TYR F 240 -11.44 51.77 -28.96
CA TYR F 240 -12.06 50.63 -29.64
C TYR F 240 -12.82 49.76 -28.66
N ALA F 241 -12.24 49.50 -27.48
CA ALA F 241 -12.92 48.65 -26.51
C ALA F 241 -14.23 49.28 -26.05
N VAL F 242 -14.22 50.58 -25.76
CA VAL F 242 -15.44 51.26 -25.31
C VAL F 242 -16.50 51.21 -26.40
N GLN F 243 -16.16 51.67 -27.61
CA GLN F 243 -17.12 51.70 -28.70
C GLN F 243 -17.59 50.31 -29.07
N TYR F 244 -16.74 49.30 -28.91
CA TYR F 244 -17.13 47.92 -29.21
C TYR F 244 -18.13 47.41 -28.19
N MET F 245 -17.87 47.68 -26.90
CA MET F 245 -18.82 47.30 -25.86
C MET F 245 -20.17 47.95 -26.10
N ILE F 246 -20.17 49.22 -26.49
CA ILE F 246 -21.44 49.89 -26.80
C ILE F 246 -22.07 49.26 -28.03
N ARG F 247 -21.28 48.99 -29.06
CA ARG F 247 -21.77 48.36 -30.28
C ARG F 247 -22.42 47.01 -30.00
N LEU F 248 -21.96 46.29 -28.98
CA LEU F 248 -22.51 44.99 -28.63
C LEU F 248 -23.68 45.05 -27.67
N GLY F 249 -24.11 46.24 -27.25
CA GLY F 249 -25.32 46.40 -26.48
C GLY F 249 -25.13 46.71 -25.01
N ALA F 250 -23.93 47.06 -24.57
CA ALA F 250 -23.75 47.67 -23.26
C ALA F 250 -24.09 49.14 -23.36
N GLN F 251 -24.84 49.61 -22.40
CA GLN F 251 -25.19 51.00 -22.43
C GLN F 251 -24.12 51.86 -21.80
N ALA F 252 -23.85 52.99 -22.46
CA ALA F 252 -22.87 53.96 -21.96
C ALA F 252 -23.09 54.27 -20.49
N SER F 253 -24.35 54.37 -20.06
CA SER F 253 -24.64 54.60 -18.65
C SER F 253 -24.27 53.41 -17.76
N LYS F 254 -23.95 52.26 -18.35
CA LYS F 254 -23.46 51.10 -17.60
C LYS F 254 -21.94 50.98 -17.62
N LEU F 255 -21.28 51.60 -18.59
CA LEU F 255 -19.86 51.40 -18.80
C LEU F 255 -19.03 52.32 -17.91
N LEU F 256 -18.15 51.72 -17.13
CA LEU F 256 -17.08 52.44 -16.45
C LEU F 256 -15.77 52.18 -17.19
N MET F 257 -15.09 53.25 -17.57
CA MET F 257 -13.86 53.15 -18.33
C MET F 257 -12.71 52.96 -17.36
N GLY F 258 -12.02 51.83 -17.47
CA GLY F 258 -10.91 51.55 -16.58
C GLY F 258 -9.73 52.43 -16.89
N ILE F 259 -9.13 52.98 -15.83
CA ILE F 259 -7.94 53.81 -15.95
C ILE F 259 -6.89 53.23 -15.01
N PRO F 260 -5.69 52.90 -15.49
CA PRO F 260 -4.69 52.30 -14.62
C PRO F 260 -3.85 53.36 -13.91
N THR F 261 -3.43 53.00 -12.70
CA THR F 261 -2.44 53.78 -11.97
C THR F 261 -1.04 53.20 -12.10
N PHE F 262 -0.91 52.08 -12.81
CA PHE F 262 0.35 51.38 -12.96
C PHE F 262 0.87 51.50 -14.39
N GLY F 263 2.18 51.33 -14.53
CA GLY F 263 2.82 51.28 -15.84
C GLY F 263 3.24 49.86 -16.17
N LYS F 264 3.34 49.57 -17.46
CA LYS F 264 3.90 48.31 -17.94
C LYS F 264 5.24 48.59 -18.60
N SER F 265 6.25 47.79 -18.23
CA SER F 265 7.64 48.09 -18.53
C SER F 265 8.29 46.97 -19.34
N PHE F 266 9.36 47.36 -20.03
CA PHE F 266 10.15 46.49 -20.88
C PHE F 266 11.62 46.82 -20.70
N THR F 267 12.45 45.79 -20.80
CA THR F 267 13.89 45.96 -20.94
C THR F 267 14.23 46.03 -22.42
N LEU F 268 14.94 47.07 -22.81
CA LEU F 268 15.23 47.31 -24.23
C LEU F 268 16.37 46.43 -24.70
N ALA F 269 16.25 45.91 -25.91
CA ALA F 269 17.29 45.08 -26.49
C ALA F 269 18.47 45.89 -27.02
N SER F 270 18.26 47.16 -27.32
CA SER F 270 19.30 47.99 -27.91
C SER F 270 19.07 49.43 -27.47
N SER F 271 19.81 50.35 -28.09
CA SER F 271 19.68 51.77 -27.74
C SER F 271 18.39 52.41 -28.21
N GLU F 272 17.76 51.88 -29.27
CA GLU F 272 16.51 52.48 -29.73
C GLU F 272 15.43 52.28 -28.66
N ASN F 273 14.74 53.38 -28.30
CA ASN F 273 13.81 53.42 -27.19
C ASN F 273 12.47 54.05 -27.58
N GLN F 274 12.14 54.06 -28.87
CA GLN F 274 10.87 54.55 -29.37
CA GLN F 274 10.86 54.58 -29.32
C GLN F 274 9.81 53.46 -29.28
N LEU F 275 8.55 53.87 -29.41
CA LEU F 275 7.45 52.91 -29.50
C LEU F 275 7.73 51.91 -30.61
N GLY F 276 7.58 50.63 -30.29
CA GLY F 276 7.90 49.57 -31.22
C GLY F 276 9.34 49.13 -31.24
N ALA F 277 10.18 49.65 -30.34
CA ALA F 277 11.58 49.22 -30.30
C ALA F 277 11.67 47.78 -29.79
N PRO F 278 12.71 47.04 -30.21
CA PRO F 278 12.84 45.66 -29.76
C PRO F 278 13.22 45.58 -28.29
N ILE F 279 12.75 44.51 -27.65
CA ILE F 279 12.94 44.29 -26.22
C ILE F 279 13.64 42.96 -26.00
N SER F 280 14.29 42.85 -24.84
CA SER F 280 14.89 41.59 -24.39
C SER F 280 14.10 40.92 -23.28
N GLY F 281 13.07 41.58 -22.75
CA GLY F 281 12.19 40.94 -21.78
C GLY F 281 11.37 41.98 -21.04
N GLU F 282 10.75 41.51 -19.97
CA GLU F 282 10.01 42.40 -19.06
C GLU F 282 10.94 43.49 -18.52
N GLY F 283 10.34 44.59 -18.11
CA GLY F 283 11.09 45.59 -17.39
C GLY F 283 11.58 45.06 -16.05
N LEU F 284 12.67 45.65 -15.58
CA LEU F 284 13.19 45.26 -14.27
C LEU F 284 12.14 45.54 -13.20
N PRO F 285 11.99 44.65 -12.21
CA PRO F 285 10.92 44.82 -11.23
C PRO F 285 11.15 46.04 -10.36
N GLY F 286 10.04 46.60 -9.86
CA GLY F 286 10.12 47.67 -8.90
C GLY F 286 10.43 47.18 -7.49
N ARG F 287 10.90 48.11 -6.66
CA ARG F 287 11.35 47.75 -5.32
C ARG F 287 10.20 47.21 -4.46
N PHE F 288 9.00 47.76 -4.61
CA PHE F 288 7.90 47.44 -3.71
C PHE F 288 6.88 46.48 -4.33
N THR F 289 6.58 46.61 -5.62
CA THR F 289 5.60 45.72 -6.23
C THR F 289 6.22 44.37 -6.59
N LYS F 290 7.52 44.34 -6.88
CA LYS F 290 8.27 43.09 -7.06
C LYS F 290 7.62 42.20 -8.12
N GLU F 291 7.29 42.81 -9.25
CA GLU F 291 6.66 42.09 -10.36
C GLU F 291 7.25 42.63 -11.66
N ALA F 292 8.13 41.85 -12.28
CA ALA F 292 8.74 42.23 -13.55
C ALA F 292 7.68 42.62 -14.56
N GLY F 293 7.89 43.77 -15.21
CA GLY F 293 6.96 44.29 -16.17
C GLY F 293 5.92 45.25 -15.61
N THR F 294 5.85 45.41 -14.29
CA THR F 294 4.86 46.26 -13.67
C THR F 294 5.53 47.25 -12.73
N LEU F 295 5.03 48.48 -12.71
CA LEU F 295 5.51 49.54 -11.84
C LEU F 295 4.30 50.28 -11.28
N ALA F 296 4.28 50.48 -9.96
CA ALA F 296 3.30 51.37 -9.37
C ALA F 296 3.68 52.82 -9.66
N TYR F 297 2.69 53.71 -9.53
CA TYR F 297 2.96 55.12 -9.81
C TYR F 297 4.03 55.67 -8.87
N TYR F 298 4.02 55.24 -7.60
CA TYR F 298 5.04 55.73 -6.68
C TYR F 298 6.43 55.21 -7.04
N GLU F 299 6.52 54.05 -7.69
CA GLU F 299 7.79 53.60 -8.21
C GLU F 299 8.18 54.33 -9.49
N ILE F 300 7.18 54.73 -10.27
CA ILE F 300 7.44 55.47 -11.52
C ILE F 300 7.97 56.87 -11.20
N CYS F 301 7.43 57.52 -10.16
CA CYS F 301 7.96 58.81 -9.74
C CYS F 301 9.47 58.74 -9.54
N ASP F 302 9.92 57.74 -8.78
CA ASP F 302 11.35 57.52 -8.60
C ASP F 302 12.04 57.26 -9.94
N PHE F 303 11.48 56.37 -10.76
CA PHE F 303 12.07 56.03 -12.05
C PHE F 303 12.29 57.27 -12.92
N LEU F 304 11.36 58.22 -12.87
CA LEU F 304 11.42 59.40 -13.72
C LEU F 304 12.64 60.27 -13.42
N LYS F 305 13.16 60.20 -12.20
CA LYS F 305 14.37 60.94 -11.87
C LYS F 305 15.53 60.43 -12.71
N GLY F 306 15.97 61.25 -13.66
CA GLY F 306 17.00 60.88 -14.62
C GLY F 306 16.49 60.28 -15.90
N ALA F 307 15.18 60.29 -16.13
CA ALA F 307 14.57 59.69 -17.31
C ALA F 307 14.03 60.77 -18.25
N GLU F 308 13.80 60.36 -19.50
CA GLU F 308 13.09 61.17 -20.48
C GLU F 308 11.63 60.72 -20.54
N VAL F 309 10.72 61.69 -20.55
CA VAL F 309 9.29 61.42 -20.71
C VAL F 309 8.88 61.83 -22.11
N HIS F 310 8.22 60.91 -22.81
CA HIS F 310 7.74 61.10 -24.17
C HIS F 310 6.22 60.95 -24.18
N ARG F 311 5.54 61.85 -24.89
CA ARG F 311 4.08 61.86 -24.97
C ARG F 311 3.65 61.48 -26.38
N LEU F 312 2.87 60.40 -26.50
CA LEU F 312 2.39 59.95 -27.78
C LEU F 312 1.27 60.85 -28.28
N SER F 313 1.41 61.38 -29.50
CA SER F 313 0.42 62.29 -30.04
C SER F 313 -0.92 61.60 -30.27
N ASN F 314 -0.90 60.47 -30.98
CA ASN F 314 -2.14 59.77 -31.29
C ASN F 314 -2.71 59.09 -30.05
N GLU F 315 -1.85 58.39 -29.29
CA GLU F 315 -2.32 57.55 -28.19
C GLU F 315 -2.66 58.34 -26.94
N LYS F 316 -2.19 59.58 -26.80
CA LYS F 316 -2.57 60.49 -25.72
C LYS F 316 -2.07 60.03 -24.36
N VAL F 317 -0.95 59.30 -24.32
CA VAL F 317 -0.43 58.75 -23.07
C VAL F 317 1.09 58.84 -23.08
N PRO F 318 1.70 58.89 -21.90
CA PRO F 318 3.15 58.96 -21.81
C PRO F 318 3.83 57.61 -21.61
N PHE F 319 5.02 57.51 -22.19
CA PHE F 319 6.00 56.50 -21.80
C PHE F 319 7.29 57.21 -21.39
N ALA F 320 8.05 56.56 -20.53
CA ALA F 320 9.28 57.10 -19.99
C ALA F 320 10.41 56.11 -20.23
N THR F 321 11.61 56.66 -20.42
CA THR F 321 12.75 55.88 -20.86
C THR F 321 13.97 56.30 -20.04
N LYS F 322 14.80 55.32 -19.68
CA LYS F 322 16.03 55.59 -18.97
C LYS F 322 16.92 54.37 -19.08
N GLY F 323 18.12 54.55 -19.64
CA GLY F 323 18.92 53.40 -19.96
C GLY F 323 18.15 52.46 -20.85
N ASN F 324 18.25 51.16 -20.53
CA ASN F 324 17.52 50.13 -21.25
C ASN F 324 16.14 49.87 -20.68
N GLN F 325 15.61 50.77 -19.84
CA GLN F 325 14.28 50.58 -19.27
C GLN F 325 13.27 51.50 -19.94
N TRP F 326 12.06 50.96 -20.15
CA TRP F 326 11.01 51.60 -20.92
C TRP F 326 9.69 51.30 -20.24
N VAL F 327 8.91 52.33 -19.90
CA VAL F 327 7.66 52.08 -19.19
C VAL F 327 6.54 52.96 -19.75
N GLY F 328 5.44 52.35 -20.13
CA GLY F 328 4.24 53.09 -20.52
C GLY F 328 3.32 53.21 -19.32
N TYR F 329 2.84 54.42 -19.07
CA TYR F 329 2.15 54.68 -17.81
C TYR F 329 1.16 55.83 -17.97
N GLU F 330 0.54 56.19 -16.84
CA GLU F 330 -0.46 57.25 -16.77
C GLU F 330 0.06 58.33 -15.83
N ASP F 331 -0.09 59.58 -16.24
CA ASP F 331 0.16 60.73 -15.36
C ASP F 331 -1.09 61.60 -15.31
N LYS F 332 -1.00 62.69 -14.55
CA LYS F 332 -2.14 63.58 -14.37
C LYS F 332 -2.76 64.01 -15.69
N GLU F 333 -1.93 64.45 -16.65
CA GLU F 333 -2.45 64.95 -17.92
C GLU F 333 -3.23 63.88 -18.66
N SER F 334 -2.63 62.71 -18.88
CA SER F 334 -3.31 61.68 -19.66
C SER F 334 -4.57 61.19 -18.96
N VAL F 335 -4.57 61.19 -17.63
CA VAL F 335 -5.75 60.79 -16.87
C VAL F 335 -6.88 61.81 -17.05
N LYS F 336 -6.53 63.10 -17.01
CA LYS F 336 -7.52 64.14 -17.24
C LYS F 336 -8.12 64.01 -18.63
N ASN F 337 -7.26 63.80 -19.63
CA ASN F 337 -7.71 63.66 -21.01
C ASN F 337 -8.61 62.44 -21.18
N LYS F 338 -8.32 61.36 -20.46
CA LYS F 338 -9.18 60.19 -20.55
C LYS F 338 -10.54 60.44 -19.92
N VAL F 339 -10.58 61.24 -18.83
CA VAL F 339 -11.88 61.62 -18.28
C VAL F 339 -12.66 62.47 -19.29
N ARG F 340 -11.98 63.39 -19.95
CA ARG F 340 -12.60 64.16 -21.03
C ARG F 340 -13.23 63.25 -22.08
N PHE F 341 -12.48 62.22 -22.49
CA PHE F 341 -12.98 61.28 -23.47
C PHE F 341 -14.24 60.57 -22.97
N LEU F 342 -14.18 60.04 -21.75
CA LEU F 342 -15.32 59.29 -21.24
C LEU F 342 -16.55 60.17 -21.06
N LYS F 343 -16.34 61.47 -20.85
CA LYS F 343 -17.48 62.38 -20.77
C LYS F 343 -18.11 62.59 -22.15
N GLU F 344 -17.29 62.83 -23.19
CA GLU F 344 -17.85 62.95 -24.53
C GLU F 344 -18.71 61.74 -24.91
N LYS F 345 -18.29 60.55 -24.50
CA LYS F 345 -18.98 59.32 -24.86
C LYS F 345 -20.13 59.00 -23.91
N LYS F 346 -20.36 59.86 -22.90
CA LYS F 346 -21.47 59.74 -21.96
C LYS F 346 -21.41 58.44 -21.16
N LEU F 347 -20.20 58.08 -20.73
CA LEU F 347 -20.01 56.88 -19.93
C LEU F 347 -20.41 57.13 -18.47
N ALA F 348 -20.66 56.04 -17.75
CA ALA F 348 -21.08 56.18 -16.35
C ALA F 348 -20.01 56.81 -15.48
N GLY F 349 -18.75 56.73 -15.89
CA GLY F 349 -17.68 57.32 -15.11
C GLY F 349 -16.40 56.53 -15.30
N ALA F 350 -15.51 56.65 -14.32
CA ALA F 350 -14.21 56.02 -14.36
C ALA F 350 -14.12 54.86 -13.37
N MET F 351 -13.36 53.83 -13.76
CA MET F 351 -12.91 52.79 -12.85
C MET F 351 -11.39 52.87 -12.74
N VAL F 352 -10.87 52.61 -11.54
CA VAL F 352 -9.46 52.78 -11.25
C VAL F 352 -8.88 51.47 -10.72
N TRP F 353 -7.85 50.96 -11.39
CA TRP F 353 -7.01 49.88 -10.87
C TRP F 353 -5.58 50.38 -10.82
N ALA F 354 -5.05 50.60 -9.62
CA ALA F 354 -5.78 50.38 -8.36
C ALA F 354 -5.27 51.41 -7.36
N LEU F 355 -5.96 51.54 -6.21
CA LEU F 355 -5.57 52.56 -5.25
C LEU F 355 -4.20 52.26 -4.65
N ASP F 356 -3.94 50.99 -4.33
CA ASP F 356 -2.65 50.60 -3.78
C ASP F 356 -1.49 50.79 -4.77
N LEU F 357 -1.79 51.02 -6.05
CA LEU F 357 -0.76 51.27 -7.05
C LEU F 357 -0.61 52.77 -7.36
N ASP F 358 -1.53 53.59 -6.90
CA ASP F 358 -1.35 55.02 -6.90
C ASP F 358 -0.39 55.42 -5.77
N ASP F 359 0.12 56.65 -5.84
CA ASP F 359 1.01 57.14 -4.78
C ASP F 359 0.14 57.52 -3.57
N PHE F 360 -0.30 56.49 -2.85
CA PHE F 360 -1.23 56.68 -1.75
C PHE F 360 -0.57 57.29 -0.51
N GLN F 361 0.75 57.21 -0.40
CA GLN F 361 1.46 57.68 0.77
C GLN F 361 2.11 59.04 0.59
N GLY F 362 1.91 59.69 -0.56
CA GLY F 362 2.49 61.00 -0.78
C GLY F 362 3.98 60.99 -0.99
N THR F 363 4.54 59.88 -1.47
CA THR F 363 5.98 59.79 -1.73
C THR F 363 6.40 60.74 -2.84
N CYS F 364 5.54 60.93 -3.86
CA CYS F 364 5.95 61.69 -5.04
C CYS F 364 6.06 63.17 -4.76
N GLN F 365 5.06 63.73 -4.07
CA GLN F 365 5.00 65.13 -3.77
C GLN F 365 4.57 65.15 -2.30
N PRO F 366 5.19 65.98 -1.47
CA PRO F 366 4.83 65.97 -0.04
C PRO F 366 3.35 66.21 0.20
N LYS F 367 2.72 65.24 0.86
CA LYS F 367 1.34 65.29 1.34
C LYS F 367 0.29 65.34 0.21
N GLU F 368 0.67 65.03 -1.03
CA GLU F 368 -0.32 64.89 -2.10
C GLU F 368 -0.66 63.42 -2.24
N PHE F 369 -1.66 63.00 -1.47
CA PHE F 369 -2.10 61.62 -1.45
C PHE F 369 -2.96 61.32 -2.68
N PHE F 370 -2.76 60.14 -3.26
CA PHE F 370 -3.51 59.68 -4.42
C PHE F 370 -3.54 60.68 -5.58
N PRO F 371 -2.37 61.09 -6.10
CA PRO F 371 -2.37 62.12 -7.16
C PRO F 371 -3.18 61.75 -8.39
N LEU F 372 -3.07 60.50 -8.86
CA LEU F 372 -3.76 60.11 -10.08
C LEU F 372 -5.28 60.02 -9.86
N THR F 373 -5.69 59.34 -8.79
CA THR F 373 -7.12 59.20 -8.53
C THR F 373 -7.76 60.54 -8.25
N ASN F 374 -7.08 61.41 -7.49
CA ASN F 374 -7.59 62.77 -7.28
C ASN F 374 -7.64 63.55 -8.58
N ALA F 375 -6.68 63.33 -9.48
CA ALA F 375 -6.77 63.97 -10.80
C ALA F 375 -8.01 63.52 -11.55
N ILE F 376 -8.34 62.22 -11.45
CA ILE F 376 -9.54 61.70 -12.09
C ILE F 376 -10.78 62.33 -11.47
N LYS F 377 -10.83 62.37 -10.14
CA LYS F 377 -11.98 62.97 -9.44
C LYS F 377 -12.17 64.42 -9.85
N ASP F 378 -11.10 65.21 -9.81
CA ASP F 378 -11.19 66.62 -10.20
C ASP F 378 -11.67 66.77 -11.63
N ALA F 379 -11.16 65.95 -12.55
CA ALA F 379 -11.57 66.05 -13.93
C ALA F 379 -13.02 65.62 -14.13
N LEU F 380 -13.53 64.73 -13.29
CA LEU F 380 -14.93 64.34 -13.38
C LEU F 380 -15.86 65.43 -12.89
N ALA F 381 -15.42 66.26 -11.95
CA ALA F 381 -16.21 67.41 -11.53
C ALA F 381 -16.16 68.53 -12.57
#